data_5KJH
#
_entry.id   5KJH
#
_cell.length_a   81.554
_cell.length_b   74.612
_cell.length_c   128.508
_cell.angle_alpha   90.00
_cell.angle_beta   107.70
_cell.angle_gamma   90.00
#
_symmetry.space_group_name_H-M   'P 1 21 1'
#
loop_
_entity.id
_entity.type
_entity.pdbx_description
1 polymer 'putative polycomb protein Eed'
2 polymer 'Putative uncharacterized protein,Zinc finger domain-containing protein'
3 polymer 'Peptide H3K27me3'
4 non-polymer 'ZINC ION'
5 non-polymer S-ADENOSYL-L-HOMOCYSTEINE
6 water water
#
loop_
_entity_poly.entity_id
_entity_poly.type
_entity_poly.pdbx_seq_one_letter_code
_entity_poly.pdbx_strand_id
1 'polypeptide(L)'
;MASAWSHPQFEKGGGSGGGSGGSAWSHPQFEKLEVLFQGPMPASDSAEWELPRLRTSFIFQDDYKYLGDDGSVSQDLAEF
FDVKFYPYSPPGAPPVFAATSKKHAVICRLTQTTDKDANPCEIIQLIRDDGNEANCASCWSKDPITDQPLLCIAGNEGNV
KVYNVTEGKLYRTLVGHGGGINDLATSPANPYIIASASDDTTIRIWSLAPEHEKQPCVCILGGEGHSYDLLSVAFHDNGR
YVLSAGHDQVINLWALPEFPNEHMEIPIVIYYPHFSSSEIHNNLVDCVAFYGDLILSRACHEDTIVLWRIEGFSSDDPIP
GPLDAPTPTDMTKQTRSYFTPTVSPQSRPAMFTRLAQFHTPDCGVQFFMRFRMYHVPGKHPILAFANAKSKTFFWDLARF
GEYARFMADLKEAQQSYNGRVVVVDQGQGISLAQAQQVHGPGVGVVMKPAWLVPKRVKKAPGAAGSGSGTAANGGHNNNN
NNNNNNNNNNHETGSQRSFSATNNLSNSGRDKESASMVSASPDPDSPFGFSRETLQAWADMYDLSNPVGLIKAHRSLAID
GAFVGRQVGWSPEGEWCVVVGNGNRALIYQRWGKERGLGSGTPGA
;
A
2 'polypeptide(L)'
;SNHHHHHHATPKNTEWTVDKIASALSVLAEEVPQNHSRLVNFLLEETEKRAPQPRHLSKTDPFAHMKSKAIDANRPRPEG
VPTMDVKFKQHSGEYGKSRNSGRRFQYPVVCIKPDREPVPPYRFHHAEIRKNILALNSQLNFVPHLRDVDPNSAEEQKYS
AWLMDLENLDSKSGFKIQPRSQKIAKRAQAEYAATLAPYLEPWLRKLNIEGCTKSNLIRFMASQPESDDSMTPQQKSNLL
DTYSDDMGSPQAVRNASMFTEAWDRVFNDQSKLRRVALRDILMLDKNVEPIFDNKRAKDAPGSQKPPDEALMQKVIDALG
SYTTLGCLICFSHDCEHGEIERDNQKRCFSLEEIGGLMPSLRRKWAAQIEQRQKTEGGSANAPPAHPPCRNECYRIHGTG
DPNQQVPPWSENEVGTLEWMFATIGYSQTLRPECFVGAILGRPCWDVHRKLQELDLRLPPVEPRTIPKQKSLPWYDRRKK
QLMSDWADATITHEHAVRELFAPCHHDGPCTAANGCPCASAGTHPVLCERFCLCTAEECPLKFTGCACHSSGKTCLQRQR
EGRPCICVQLNRECDPTLCKGCGARERADPENAYDEVLHSTGCQNVALQRGAAKAVVLGKSQLEACGYGLFAAEDIEEGE
FVIEYTGELISHDEGVRREHRRGDVFDEENKVSYLFTLLEQEGIWVDAAIYGNLSRYINHATDGNIMPKIMYVNHEWRIK
FTAIKDIKAGEELFFNYGDNFPNLTKKLVERNEQSGAETTPQQPKRANGLVPRGSEVMLPGRGVPKKPLRRPKRRPLLVP
KTTQPLFDPLSKVQLLPGQPLPQHPIDDSWLLLKHRDNLQDFIDLRPEEKEFLQEWDAFILRRHISSEQYLPRYFLRFVR
EKADWLVSKRSRGEEFSKLVATLLARRVLPERVVIEATQVLNDARGRLREQGGVIEG
;
B
3 'polypeptide(L)' TKAAR(M3L)SAPAT D
#
# COMPACT_ATOMS: atom_id res chain seq x y z
N SER A 46 -1.44 -24.33 -41.86
CA SER A 46 -1.33 -25.39 -40.85
C SER A 46 -0.19 -25.07 -39.86
N ALA A 47 0.21 -26.09 -39.04
CA ALA A 47 1.29 -26.06 -38.06
C ALA A 47 1.03 -25.09 -36.88
N GLU A 48 -0.25 -24.91 -36.47
CA GLU A 48 -0.60 -24.07 -35.32
C GLU A 48 -0.02 -24.61 -33.98
N TRP A 49 0.31 -25.93 -33.94
CA TRP A 49 0.88 -26.62 -32.78
C TRP A 49 2.40 -26.60 -32.74
N GLU A 50 3.05 -26.06 -33.79
CA GLU A 50 4.49 -26.02 -33.87
C GLU A 50 5.12 -25.12 -32.81
N LEU A 51 6.12 -25.66 -32.11
CA LEU A 51 6.86 -24.97 -31.05
C LEU A 51 8.26 -24.59 -31.53
N PRO A 52 8.91 -23.52 -30.98
CA PRO A 52 10.21 -23.09 -31.51
C PRO A 52 11.38 -24.05 -31.35
N ARG A 53 12.38 -23.87 -32.21
CA ARG A 53 13.66 -24.58 -32.25
C ARG A 53 14.76 -23.54 -32.37
N LEU A 54 15.94 -23.79 -31.75
CA LEU A 54 17.08 -22.88 -31.81
C LEU A 54 17.53 -22.74 -33.26
N ARG A 55 17.67 -21.48 -33.73
CA ARG A 55 18.07 -21.15 -35.11
C ARG A 55 19.39 -20.38 -35.15
N THR A 56 19.56 -19.41 -34.24
CA THR A 56 20.75 -18.56 -34.20
C THR A 56 21.07 -18.21 -32.76
N SER A 57 22.35 -17.92 -32.50
CA SER A 57 22.84 -17.40 -31.23
C SER A 57 24.04 -16.48 -31.50
N PHE A 58 24.22 -15.47 -30.65
CA PHE A 58 25.34 -14.56 -30.79
C PHE A 58 25.84 -14.10 -29.44
N ILE A 59 27.12 -13.78 -29.37
CA ILE A 59 27.75 -13.25 -28.16
C ILE A 59 28.18 -11.87 -28.57
N PHE A 60 27.73 -10.86 -27.83
CA PHE A 60 28.14 -9.49 -28.11
C PHE A 60 29.28 -9.21 -27.15
N GLN A 61 30.36 -8.59 -27.65
CA GLN A 61 31.59 -8.25 -26.91
C GLN A 61 31.34 -7.74 -25.50
N ASP A 62 32.17 -8.19 -24.54
CA ASP A 62 32.12 -7.76 -23.16
C ASP A 62 32.22 -6.22 -23.09
N ASP A 63 31.32 -5.57 -22.37
CA ASP A 63 31.29 -4.12 -22.33
C ASP A 63 31.26 -3.59 -20.90
N TYR A 64 31.55 -4.46 -19.92
CA TYR A 64 31.50 -4.06 -18.51
C TYR A 64 32.63 -4.60 -17.64
N LYS A 65 33.42 -5.58 -18.11
CA LYS A 65 34.52 -6.19 -17.34
C LYS A 65 35.44 -5.18 -16.58
N TYR A 66 35.71 -3.98 -17.14
CA TYR A 66 36.57 -2.99 -16.44
C TYR A 66 35.79 -2.00 -15.56
N LEU A 67 34.44 -2.10 -15.54
CA LEU A 67 33.58 -1.23 -14.76
C LEU A 67 32.80 -2.05 -13.75
N GLN A 75 31.05 -13.71 -9.90
CA GLN A 75 30.19 -12.97 -10.83
C GLN A 75 30.96 -12.52 -12.07
N ASP A 76 30.37 -12.73 -13.27
CA ASP A 76 30.92 -12.19 -14.51
C ASP A 76 29.93 -11.13 -14.99
N LEU A 77 30.42 -9.89 -14.94
CA LEU A 77 29.77 -8.60 -15.09
C LEU A 77 28.91 -8.34 -16.36
N ALA A 78 29.26 -8.84 -17.54
CA ALA A 78 28.46 -8.51 -18.74
C ALA A 78 27.16 -9.28 -18.87
N GLU A 79 26.06 -8.53 -19.07
CA GLU A 79 24.74 -9.14 -19.24
C GLU A 79 23.89 -8.35 -20.20
N PHE A 80 23.04 -9.07 -20.97
CA PHE A 80 21.91 -8.55 -21.70
C PHE A 80 20.78 -8.75 -20.67
N PHE A 81 20.31 -7.66 -20.04
CA PHE A 81 19.24 -7.70 -19.06
C PHE A 81 17.88 -7.63 -19.68
N ASP A 82 17.77 -7.04 -20.90
CA ASP A 82 16.49 -6.84 -21.54
C ASP A 82 16.52 -7.05 -23.04
N VAL A 83 15.34 -7.42 -23.60
CA VAL A 83 15.08 -7.60 -25.02
C VAL A 83 13.61 -7.22 -25.26
N LYS A 84 13.36 -6.36 -26.26
CA LYS A 84 12.03 -5.90 -26.59
C LYS A 84 11.86 -5.75 -28.09
N PHE A 85 10.84 -6.42 -28.64
CA PHE A 85 10.48 -6.29 -30.05
C PHE A 85 9.71 -4.98 -30.26
N TYR A 86 10.00 -4.29 -31.37
CA TYR A 86 9.29 -3.08 -31.73
C TYR A 86 7.82 -3.42 -32.03
N PRO A 87 6.85 -2.83 -31.32
CA PRO A 87 5.44 -3.22 -31.53
C PRO A 87 4.62 -2.39 -32.52
N TYR A 88 5.14 -1.30 -33.06
CA TYR A 88 4.33 -0.40 -33.91
C TYR A 88 4.62 -0.47 -35.42
N SER A 89 5.21 -1.56 -35.89
CA SER A 89 5.47 -1.68 -37.32
C SER A 89 4.24 -2.16 -38.06
N PRO A 90 4.09 -1.92 -39.38
CA PRO A 90 2.91 -2.45 -40.11
C PRO A 90 2.84 -3.98 -40.09
N PRO A 91 1.65 -4.58 -40.26
CA PRO A 91 1.59 -6.05 -40.29
C PRO A 91 2.47 -6.60 -41.42
N GLY A 92 3.32 -7.56 -41.09
CA GLY A 92 4.22 -8.21 -42.05
C GLY A 92 5.61 -7.59 -42.22
N ALA A 93 5.88 -6.45 -41.54
CA ALA A 93 7.16 -5.77 -41.61
C ALA A 93 8.22 -6.66 -40.93
N PRO A 94 9.51 -6.65 -41.37
CA PRO A 94 10.50 -7.49 -40.69
C PRO A 94 10.60 -7.15 -39.20
N PRO A 95 10.53 -8.15 -38.31
CA PRO A 95 10.61 -7.83 -36.88
C PRO A 95 11.97 -7.28 -36.45
N VAL A 96 11.92 -6.29 -35.53
CA VAL A 96 13.08 -5.59 -35.01
C VAL A 96 13.06 -5.65 -33.50
N PHE A 97 14.20 -6.02 -32.87
CA PHE A 97 14.26 -5.98 -31.41
C PHE A 97 15.44 -5.18 -30.98
N ALA A 98 15.39 -4.67 -29.76
CA ALA A 98 16.51 -4.00 -29.13
C ALA A 98 16.88 -4.90 -27.94
N ALA A 99 18.16 -5.29 -27.86
CA ALA A 99 18.71 -6.05 -26.73
C ALA A 99 19.57 -5.04 -25.95
N THR A 100 19.31 -4.90 -24.64
CA THR A 100 20.00 -3.95 -23.80
C THR A 100 21.04 -4.62 -22.88
N SER A 101 22.31 -4.28 -23.10
CA SER A 101 23.39 -4.73 -22.23
C SER A 101 23.56 -3.64 -21.17
N LYS A 102 24.54 -3.77 -20.27
CA LYS A 102 24.77 -2.75 -19.23
C LYS A 102 25.16 -1.39 -19.79
N LYS A 103 25.85 -1.38 -20.97
CA LYS A 103 26.35 -0.17 -21.61
C LYS A 103 25.83 0.11 -23.04
N HIS A 104 25.22 -0.89 -23.68
CA HIS A 104 24.77 -0.75 -25.07
C HIS A 104 23.35 -1.15 -25.31
N ALA A 105 22.83 -0.65 -26.45
CA ALA A 105 21.52 -1.02 -27.00
C ALA A 105 21.82 -1.59 -28.41
N VAL A 106 21.60 -2.90 -28.59
CA VAL A 106 21.87 -3.62 -29.85
C VAL A 106 20.53 -3.79 -30.57
N ILE A 107 20.36 -3.09 -31.71
CA ILE A 107 19.11 -3.12 -32.49
C ILE A 107 19.26 -4.05 -33.69
N CYS A 108 18.47 -5.13 -33.72
CA CYS A 108 18.55 -6.17 -34.74
C CYS A 108 17.31 -6.35 -35.55
N ARG A 109 17.46 -6.78 -36.80
CA ARG A 109 16.33 -7.13 -37.65
C ARG A 109 16.41 -8.62 -37.98
N LEU A 110 15.28 -9.29 -37.90
CA LEU A 110 15.18 -10.71 -38.24
C LEU A 110 14.42 -10.90 -39.54
N THR A 111 15.02 -11.70 -40.44
CA THR A 111 14.44 -12.05 -41.73
C THR A 111 14.52 -13.55 -41.89
N GLN A 112 13.40 -14.18 -42.26
CA GLN A 112 13.35 -15.62 -42.47
C GLN A 112 14.13 -16.00 -43.72
N THR A 113 14.96 -17.05 -43.60
CA THR A 113 15.86 -17.49 -44.69
C THR A 113 15.49 -18.87 -45.20
N THR A 114 15.85 -19.15 -46.47
CA THR A 114 15.63 -20.46 -47.09
C THR A 114 16.88 -21.32 -46.94
N ASP A 115 17.98 -20.67 -46.49
CA ASP A 115 19.29 -21.25 -46.26
C ASP A 115 19.55 -21.41 -44.76
N LYS A 116 19.71 -22.68 -44.32
CA LYS A 116 19.99 -23.09 -42.94
C LYS A 116 21.30 -22.47 -42.41
N ASP A 117 22.26 -22.21 -43.31
CA ASP A 117 23.58 -21.64 -43.01
C ASP A 117 23.58 -20.12 -43.04
N ALA A 118 22.55 -19.51 -43.64
CA ALA A 118 22.48 -18.06 -43.72
C ALA A 118 22.14 -17.45 -42.35
N ASN A 119 22.57 -16.22 -42.12
CA ASN A 119 22.30 -15.52 -40.86
C ASN A 119 21.02 -14.68 -40.98
N PRO A 120 19.96 -15.06 -40.23
CA PRO A 120 18.71 -14.28 -40.26
C PRO A 120 18.78 -12.97 -39.46
N CYS A 121 19.77 -12.85 -38.56
CA CYS A 121 19.93 -11.70 -37.66
C CYS A 121 20.93 -10.68 -38.20
N GLU A 122 20.49 -9.42 -38.30
CA GLU A 122 21.37 -8.33 -38.73
C GLU A 122 21.28 -7.17 -37.76
N ILE A 123 22.43 -6.60 -37.43
CA ILE A 123 22.47 -5.52 -36.48
C ILE A 123 22.49 -4.26 -37.28
N ILE A 124 21.39 -3.49 -37.19
CA ILE A 124 21.15 -2.24 -37.95
C ILE A 124 21.50 -0.99 -37.11
N GLN A 125 21.62 -1.14 -35.79
CA GLN A 125 22.01 -0.03 -34.92
C GLN A 125 22.69 -0.54 -33.67
N LEU A 126 23.73 0.18 -33.22
CA LEU A 126 24.47 -0.12 -32.00
C LEU A 126 24.81 1.19 -31.30
N ILE A 127 24.14 1.44 -30.18
CA ILE A 127 24.31 2.66 -29.38
C ILE A 127 25.00 2.40 -28.09
N ARG A 128 26.01 3.23 -27.76
CA ARG A 128 26.67 3.20 -26.47
C ARG A 128 26.17 4.34 -25.62
N ASP A 129 25.69 4.01 -24.39
CA ASP A 129 25.32 4.99 -23.38
C ASP A 129 26.67 5.47 -22.79
N ASP A 130 27.13 6.65 -23.21
CA ASP A 130 28.41 7.18 -22.76
C ASP A 130 28.40 7.84 -21.37
N GLY A 131 27.59 7.30 -20.46
CA GLY A 131 27.49 7.73 -19.09
C GLY A 131 28.29 6.81 -18.18
N ASN A 132 28.18 6.99 -16.87
CA ASN A 132 28.91 6.15 -15.93
C ASN A 132 27.98 5.31 -15.07
N GLU A 133 26.94 4.75 -15.72
CA GLU A 133 25.89 3.95 -15.11
C GLU A 133 25.63 2.65 -15.90
N ALA A 134 25.16 1.59 -15.23
CA ALA A 134 24.80 0.29 -15.83
C ALA A 134 23.28 0.28 -16.07
N ASN A 135 22.85 -0.02 -17.31
CA ASN A 135 21.42 -0.12 -17.70
C ASN A 135 20.90 -1.51 -17.56
N CYS A 136 19.57 -1.65 -17.50
CA CYS A 136 18.95 -2.95 -17.28
C CYS A 136 17.50 -2.97 -17.75
N ALA A 137 16.99 -1.80 -18.19
CA ALA A 137 15.57 -1.68 -18.50
C ALA A 137 15.34 -0.97 -19.80
N SER A 138 14.33 -1.40 -20.54
CA SER A 138 13.94 -0.79 -21.81
C SER A 138 12.47 -0.98 -22.14
N CYS A 139 11.96 -0.12 -23.01
CA CYS A 139 10.62 -0.18 -23.59
C CYS A 139 10.62 0.73 -24.82
N TRP A 140 9.68 0.50 -25.72
CA TRP A 140 9.56 1.28 -26.94
C TRP A 140 8.43 2.27 -26.82
N SER A 141 8.61 3.41 -27.46
CA SER A 141 7.63 4.46 -27.60
C SER A 141 7.80 5.02 -29.03
N LYS A 142 7.13 6.13 -29.33
CA LYS A 142 7.16 6.75 -30.63
C LYS A 142 7.14 8.23 -30.42
N ASP A 143 7.81 8.97 -31.33
CA ASP A 143 7.85 10.43 -31.34
C ASP A 143 6.42 10.94 -31.60
N PRO A 144 5.83 11.76 -30.71
CA PRO A 144 4.43 12.21 -30.94
C PRO A 144 4.22 13.07 -32.19
N ILE A 145 5.31 13.56 -32.79
CA ILE A 145 5.28 14.40 -33.97
C ILE A 145 5.66 13.61 -35.24
N THR A 146 6.77 12.87 -35.22
CA THR A 146 7.24 12.18 -36.44
C THR A 146 6.82 10.74 -36.56
N ASP A 147 6.38 10.12 -35.45
CA ASP A 147 5.99 8.72 -35.35
C ASP A 147 7.20 7.76 -35.47
N GLN A 148 8.43 8.29 -35.38
CA GLN A 148 9.70 7.56 -35.45
C GLN A 148 9.86 6.71 -34.18
N PRO A 149 10.50 5.52 -34.26
CA PRO A 149 10.67 4.71 -33.04
C PRO A 149 11.53 5.38 -31.97
N LEU A 150 11.09 5.27 -30.68
CA LEU A 150 11.84 5.80 -29.54
C LEU A 150 12.16 4.67 -28.64
N LEU A 151 13.44 4.49 -28.33
CA LEU A 151 13.87 3.44 -27.39
C LEU A 151 14.22 4.09 -26.05
N CYS A 152 13.50 3.70 -24.96
CA CYS A 152 13.73 4.19 -23.60
C CYS A 152 14.65 3.19 -22.91
N ILE A 153 15.71 3.69 -22.33
CA ILE A 153 16.69 2.89 -21.61
C ILE A 153 16.85 3.48 -20.20
N ALA A 154 16.86 2.61 -19.20
CA ALA A 154 17.07 3.05 -17.84
C ALA A 154 17.96 2.06 -17.04
N GLY A 155 18.64 2.60 -16.03
CA GLY A 155 19.56 1.89 -15.16
C GLY A 155 19.77 2.50 -13.79
N ASN A 156 20.99 2.29 -13.24
CA ASN A 156 21.25 2.62 -11.86
C ASN A 156 21.38 4.15 -11.56
N GLU A 157 21.41 5.01 -12.55
CA GLU A 157 21.48 6.46 -12.29
C GLU A 157 20.09 7.00 -11.91
N GLY A 158 19.03 6.35 -12.39
CA GLY A 158 17.67 6.77 -12.07
C GLY A 158 17.03 7.74 -13.05
N ASN A 159 17.53 7.76 -14.30
CA ASN A 159 16.96 8.60 -15.37
C ASN A 159 16.53 7.69 -16.54
N VAL A 160 15.45 8.07 -17.24
CA VAL A 160 15.00 7.35 -18.42
C VAL A 160 15.58 8.08 -19.62
N LYS A 161 16.47 7.41 -20.37
CA LYS A 161 17.04 8.02 -21.56
C LYS A 161 16.19 7.57 -22.73
N VAL A 162 15.75 8.55 -23.56
CA VAL A 162 14.88 8.27 -24.69
C VAL A 162 15.65 8.54 -25.96
N TYR A 163 15.97 7.49 -26.69
CA TYR A 163 16.73 7.55 -27.93
C TYR A 163 15.94 7.50 -29.19
N ASN A 164 16.29 8.39 -30.10
CA ASN A 164 15.88 8.42 -31.49
C ASN A 164 16.86 7.43 -32.13
N VAL A 165 16.44 6.18 -32.34
CA VAL A 165 17.29 5.08 -32.80
C VAL A 165 17.63 5.13 -34.28
N THR A 166 16.68 5.56 -35.14
CA THR A 166 16.96 5.58 -36.57
C THR A 166 18.04 6.61 -36.87
N GLU A 167 18.04 7.77 -36.16
CA GLU A 167 19.05 8.83 -36.32
C GLU A 167 20.28 8.71 -35.37
N GLY A 168 20.22 7.85 -34.35
CA GLY A 168 21.28 7.67 -33.38
C GLY A 168 21.45 8.92 -32.52
N LYS A 169 20.34 9.41 -31.95
CA LYS A 169 20.33 10.64 -31.17
C LYS A 169 19.56 10.48 -29.87
N LEU A 170 19.84 11.34 -28.89
CA LEU A 170 19.12 11.41 -27.63
C LEU A 170 17.93 12.33 -27.90
N TYR A 171 16.73 11.83 -27.75
CA TYR A 171 15.53 12.61 -28.00
C TYR A 171 15.20 13.45 -26.74
N ARG A 172 15.19 12.81 -25.57
CA ARG A 172 14.99 13.44 -24.26
C ARG A 172 15.39 12.51 -23.10
N THR A 173 15.48 13.08 -21.90
CA THR A 173 15.75 12.35 -20.67
C THR A 173 14.61 12.65 -19.69
N LEU A 174 14.09 11.62 -18.99
CA LEU A 174 13.07 11.70 -17.94
C LEU A 174 13.78 11.58 -16.61
N VAL A 175 13.81 12.70 -15.90
CA VAL A 175 14.50 12.92 -14.62
C VAL A 175 13.41 13.08 -13.50
N GLY A 176 13.64 12.51 -12.32
CA GLY A 176 12.69 12.60 -11.21
C GLY A 176 12.81 11.49 -10.20
N HIS A 177 13.15 10.26 -10.63
CA HIS A 177 13.34 9.17 -9.67
C HIS A 177 14.50 9.43 -8.72
N GLY A 178 14.39 8.87 -7.49
CA GLY A 178 15.40 9.01 -6.44
C GLY A 178 16.39 7.87 -6.31
N GLY A 179 16.27 6.85 -7.17
CA GLY A 179 17.17 5.70 -7.18
C GLY A 179 17.19 5.04 -8.53
N GLY A 180 17.98 3.98 -8.67
CA GLY A 180 18.09 3.23 -9.92
C GLY A 180 16.75 2.71 -10.39
N ILE A 181 16.59 2.61 -11.71
CA ILE A 181 15.38 2.08 -12.34
C ILE A 181 15.61 0.62 -12.70
N ASN A 182 14.69 -0.26 -12.32
CA ASN A 182 14.83 -1.69 -12.61
C ASN A 182 13.97 -2.20 -13.73
N ASP A 183 12.89 -1.48 -14.04
CA ASP A 183 11.98 -1.95 -15.07
C ASP A 183 11.18 -0.80 -15.69
N LEU A 184 10.80 -0.98 -16.96
CA LEU A 184 10.03 -0.02 -17.76
C LEU A 184 8.97 -0.77 -18.50
N ALA A 185 7.81 -0.15 -18.70
CA ALA A 185 6.72 -0.71 -19.51
C ALA A 185 5.92 0.39 -20.14
N THR A 186 5.63 0.23 -21.41
CA THR A 186 4.83 1.15 -22.20
C THR A 186 3.37 0.73 -22.08
N SER A 187 2.47 1.70 -22.00
CA SER A 187 1.06 1.37 -21.95
C SER A 187 0.53 0.82 -23.29
N PRO A 188 -0.20 -0.32 -23.28
CA PRO A 188 -0.82 -0.81 -24.53
C PRO A 188 -1.92 0.10 -25.06
N ALA A 189 -2.52 0.95 -24.22
CA ALA A 189 -3.58 1.86 -24.69
C ALA A 189 -3.06 3.18 -25.17
N ASN A 190 -1.85 3.56 -24.78
CA ASN A 190 -1.25 4.82 -25.22
C ASN A 190 0.27 4.67 -25.33
N PRO A 191 0.83 4.74 -26.56
CA PRO A 191 2.27 4.51 -26.74
C PRO A 191 3.17 5.55 -26.12
N TYR A 192 2.59 6.72 -25.77
CA TYR A 192 3.29 7.83 -25.15
C TYR A 192 3.39 7.74 -23.65
N ILE A 193 2.68 6.75 -23.02
CA ILE A 193 2.64 6.52 -21.57
C ILE A 193 3.61 5.40 -21.21
N ILE A 194 4.54 5.70 -20.31
CA ILE A 194 5.59 4.80 -19.86
C ILE A 194 5.57 4.76 -18.30
N ALA A 195 5.72 3.55 -17.73
CA ALA A 195 5.83 3.38 -16.28
C ALA A 195 7.24 2.92 -15.99
N SER A 196 7.85 3.46 -14.91
CA SER A 196 9.18 3.05 -14.47
C SER A 196 9.13 2.60 -13.01
N ALA A 197 9.78 1.46 -12.69
CA ALA A 197 9.85 0.88 -11.32
C ALA A 197 11.24 1.15 -10.79
N SER A 198 11.34 1.68 -9.56
CA SER A 198 12.64 2.09 -9.06
C SER A 198 13.02 1.61 -7.66
N ASP A 199 14.33 1.74 -7.33
CA ASP A 199 14.87 1.49 -5.99
C ASP A 199 14.31 2.50 -5.01
N ASP A 200 13.78 3.68 -5.51
CA ASP A 200 13.16 4.68 -4.61
C ASP A 200 11.82 4.16 -4.07
N THR A 201 11.40 2.92 -4.48
CA THR A 201 10.20 2.15 -4.06
C THR A 201 8.91 2.67 -4.71
N THR A 202 9.00 3.65 -5.61
CA THR A 202 7.82 4.20 -6.29
C THR A 202 7.78 3.79 -7.77
N ILE A 203 6.60 3.98 -8.41
CA ILE A 203 6.39 3.86 -9.84
C ILE A 203 6.08 5.28 -10.26
N ARG A 204 6.75 5.77 -11.31
CA ARG A 204 6.40 7.05 -11.93
C ARG A 204 5.77 6.71 -13.27
N ILE A 205 4.67 7.42 -13.58
CA ILE A 205 4.02 7.30 -14.87
C ILE A 205 4.37 8.58 -15.61
N TRP A 206 4.94 8.41 -16.82
CA TRP A 206 5.35 9.51 -17.69
C TRP A 206 4.55 9.57 -18.99
N SER A 207 4.40 10.79 -19.53
CA SER A 207 3.79 11.01 -20.84
C SER A 207 4.77 11.74 -21.75
N LEU A 208 4.97 11.18 -22.97
CA LEU A 208 5.83 11.80 -23.99
C LEU A 208 5.02 12.70 -24.90
N ALA A 209 3.71 12.84 -24.63
CA ALA A 209 2.81 13.68 -25.44
C ALA A 209 3.25 15.15 -25.35
N PRO A 210 3.10 15.94 -26.44
CA PRO A 210 3.58 17.34 -26.39
C PRO A 210 3.00 18.18 -25.29
N GLU A 211 1.70 18.00 -24.95
CA GLU A 211 1.05 18.78 -23.89
C GLU A 211 1.70 18.63 -22.48
N HIS A 212 2.47 17.56 -22.24
CA HIS A 212 3.13 17.28 -20.96
C HIS A 212 4.67 17.47 -21.03
N GLU A 213 5.18 18.10 -22.09
CA GLU A 213 6.63 18.29 -22.29
C GLU A 213 7.38 18.95 -21.12
N LYS A 214 6.82 20.04 -20.55
CA LYS A 214 7.44 20.78 -19.43
C LYS A 214 7.47 19.98 -18.14
N GLN A 215 6.48 19.10 -17.95
CA GLN A 215 6.33 18.32 -16.72
C GLN A 215 5.76 16.93 -17.12
N PRO A 216 6.67 16.02 -17.57
CA PRO A 216 6.21 14.73 -18.10
C PRO A 216 5.74 13.68 -17.08
N CYS A 217 5.88 13.92 -15.77
CA CYS A 217 5.42 12.95 -14.78
C CYS A 217 3.94 13.19 -14.47
N VAL A 218 3.08 12.27 -14.96
CA VAL A 218 1.64 12.39 -14.83
C VAL A 218 1.11 11.76 -13.56
N CYS A 219 1.81 10.75 -13.04
CA CYS A 219 1.34 10.01 -11.88
C CYS A 219 2.49 9.38 -11.09
N ILE A 220 2.33 9.35 -9.76
CA ILE A 220 3.29 8.70 -8.87
C ILE A 220 2.51 7.65 -8.03
N LEU A 221 2.99 6.41 -8.02
CA LEU A 221 2.37 5.36 -7.25
C LEU A 221 3.25 5.26 -6.01
N GLY A 222 2.80 5.94 -4.96
CA GLY A 222 3.54 6.10 -3.70
C GLY A 222 2.84 5.58 -2.46
N GLY A 223 2.72 6.43 -1.44
CA GLY A 223 2.14 6.04 -0.15
C GLY A 223 2.98 4.97 0.50
N GLU A 224 2.35 3.93 1.03
CA GLU A 224 3.04 2.85 1.72
C GLU A 224 2.78 1.44 1.12
N GLY A 225 2.24 1.39 -0.11
CA GLY A 225 2.00 0.16 -0.86
C GLY A 225 3.22 -0.75 -0.95
N HIS A 226 4.39 -0.13 -1.20
CA HIS A 226 5.68 -0.78 -1.26
C HIS A 226 6.64 -0.23 -0.23
N SER A 227 7.52 -1.10 0.33
CA SER A 227 8.50 -0.66 1.34
C SER A 227 9.95 -0.94 0.93
N TYR A 228 10.17 -1.56 -0.22
CA TYR A 228 11.52 -1.85 -0.69
C TYR A 228 11.57 -1.76 -2.21
N ASP A 229 12.81 -1.88 -2.77
CA ASP A 229 13.14 -1.80 -4.20
C ASP A 229 12.21 -2.57 -5.09
N LEU A 230 11.67 -1.88 -6.10
CA LEU A 230 10.76 -2.44 -7.11
C LEU A 230 11.55 -3.06 -8.28
N LEU A 231 11.19 -4.29 -8.66
CA LEU A 231 11.80 -5.06 -9.73
C LEU A 231 10.96 -5.19 -10.98
N SER A 232 9.64 -5.09 -10.86
CA SER A 232 8.77 -5.35 -12.01
C SER A 232 7.56 -4.42 -12.03
N VAL A 233 7.19 -3.96 -13.21
CA VAL A 233 6.02 -3.12 -13.44
C VAL A 233 5.37 -3.62 -14.75
N ALA A 234 4.03 -3.72 -14.80
CA ALA A 234 3.33 -4.19 -15.99
C ALA A 234 1.96 -3.50 -16.13
N PHE A 235 1.57 -3.19 -17.37
CA PHE A 235 0.26 -2.59 -17.62
C PHE A 235 -0.73 -3.63 -18.09
N HIS A 236 -2.00 -3.40 -17.73
CA HIS A 236 -3.13 -4.16 -18.28
C HIS A 236 -3.28 -3.69 -19.75
N ASP A 237 -3.93 -4.51 -20.60
CA ASP A 237 -4.23 -4.14 -21.99
C ASP A 237 -5.03 -2.84 -22.11
N ASN A 238 -5.87 -2.52 -21.11
CA ASN A 238 -6.72 -1.32 -21.11
C ASN A 238 -5.96 -0.04 -20.74
N GLY A 239 -4.71 -0.15 -20.27
CA GLY A 239 -3.85 0.97 -19.89
C GLY A 239 -4.22 1.71 -18.60
N ARG A 240 -5.22 1.18 -17.84
CA ARG A 240 -5.77 1.76 -16.60
C ARG A 240 -5.36 1.02 -15.33
N TYR A 241 -4.78 -0.17 -15.47
CA TYR A 241 -4.32 -0.94 -14.33
C TYR A 241 -2.88 -1.21 -14.50
N VAL A 242 -2.16 -1.12 -13.38
CA VAL A 242 -0.74 -1.32 -13.32
C VAL A 242 -0.45 -2.33 -12.21
N LEU A 243 0.42 -3.30 -12.48
CA LEU A 243 0.93 -4.27 -11.52
C LEU A 243 2.34 -3.90 -11.17
N SER A 244 2.72 -3.93 -9.88
CA SER A 244 4.08 -3.66 -9.43
C SER A 244 4.49 -4.69 -8.40
N ALA A 245 5.80 -5.02 -8.34
CA ALA A 245 6.35 -6.00 -7.41
C ALA A 245 7.88 -5.82 -7.26
N GLY A 246 8.42 -6.33 -6.16
CA GLY A 246 9.85 -6.28 -5.90
C GLY A 246 10.28 -7.05 -4.66
N HIS A 247 11.32 -6.53 -4.01
CA HIS A 247 11.95 -7.11 -2.83
C HIS A 247 11.08 -7.22 -1.61
N ASP A 248 10.03 -6.39 -1.50
CA ASP A 248 9.16 -6.44 -0.32
C ASP A 248 8.18 -7.59 -0.36
N GLN A 249 8.19 -8.38 -1.48
CA GLN A 249 7.34 -9.58 -1.71
C GLN A 249 5.86 -9.24 -1.91
N VAL A 250 5.56 -7.94 -2.02
CA VAL A 250 4.18 -7.49 -2.25
C VAL A 250 3.93 -7.35 -3.76
N ILE A 251 2.76 -7.81 -4.21
CA ILE A 251 2.27 -7.60 -5.57
C ILE A 251 1.09 -6.63 -5.39
N ASN A 252 1.17 -5.47 -6.03
CA ASN A 252 0.14 -4.44 -5.96
C ASN A 252 -0.52 -4.19 -7.30
N LEU A 253 -1.86 -4.01 -7.31
CA LEU A 253 -2.59 -3.65 -8.50
C LEU A 253 -3.10 -2.22 -8.27
N TRP A 254 -2.76 -1.29 -9.19
CA TRP A 254 -3.18 0.11 -9.04
C TRP A 254 -4.13 0.53 -10.15
N ALA A 255 -5.07 1.42 -9.85
CA ALA A 255 -5.97 1.91 -10.86
C ALA A 255 -5.55 3.30 -11.18
N LEU A 256 -5.24 3.57 -12.45
CA LEU A 256 -4.82 4.89 -12.89
C LEU A 256 -6.02 5.72 -13.31
N PRO A 257 -6.03 7.03 -12.95
CA PRO A 257 -7.13 7.91 -13.40
C PRO A 257 -6.90 8.33 -14.84
N GLU A 258 -7.83 9.06 -15.46
CA GLU A 258 -7.60 9.59 -16.80
C GLU A 258 -6.72 10.82 -16.64
N PHE A 259 -5.66 10.92 -17.44
CA PHE A 259 -4.71 12.04 -17.39
C PHE A 259 -5.18 13.15 -18.32
N PRO A 260 -5.31 14.40 -17.84
CA PRO A 260 -5.79 15.47 -18.74
C PRO A 260 -4.83 15.74 -19.90
N ASN A 261 -5.39 16.11 -21.05
CA ASN A 261 -4.64 16.43 -22.27
C ASN A 261 -4.13 17.88 -22.22
N GLU A 262 -3.57 18.26 -21.08
CA GLU A 262 -3.02 19.58 -20.83
C GLU A 262 -1.88 19.46 -19.83
N HIS A 263 -1.11 20.55 -19.68
CA HIS A 263 -0.01 20.67 -18.74
C HIS A 263 -0.50 20.37 -17.32
N MET A 264 0.21 19.48 -16.63
CA MET A 264 -0.06 19.11 -15.22
C MET A 264 1.12 19.67 -14.38
N GLU A 265 0.85 20.64 -13.53
CA GLU A 265 1.93 21.24 -12.71
C GLU A 265 2.56 20.18 -11.80
N ILE A 266 1.71 19.30 -11.26
CA ILE A 266 2.15 18.20 -10.41
C ILE A 266 1.62 16.87 -10.94
N PRO A 267 2.31 15.75 -10.73
CA PRO A 267 1.71 14.44 -11.09
C PRO A 267 0.52 14.16 -10.16
N ILE A 268 -0.38 13.25 -10.54
CA ILE A 268 -1.45 12.80 -9.64
C ILE A 268 -0.77 11.74 -8.74
N VAL A 269 -0.87 11.88 -7.42
CA VAL A 269 -0.24 10.92 -6.52
C VAL A 269 -1.28 9.91 -6.08
N ILE A 270 -0.93 8.63 -6.16
CA ILE A 270 -1.81 7.55 -5.70
C ILE A 270 -1.15 6.93 -4.44
N TYR A 271 -1.90 6.94 -3.35
CA TYR A 271 -1.43 6.45 -2.05
C TYR A 271 -1.74 5.01 -1.79
N TYR A 272 -2.81 4.47 -2.42
CA TYR A 272 -3.21 3.10 -2.16
C TYR A 272 -3.49 2.28 -3.38
N PRO A 273 -2.92 1.06 -3.44
CA PRO A 273 -3.28 0.11 -4.51
C PRO A 273 -4.68 -0.42 -4.27
N HIS A 274 -5.40 -0.83 -5.32
CA HIS A 274 -6.79 -1.35 -5.16
C HIS A 274 -6.77 -2.83 -4.74
N PHE A 275 -5.66 -3.50 -4.96
CA PHE A 275 -5.47 -4.85 -4.51
C PHE A 275 -4.02 -4.91 -4.06
N SER A 276 -3.79 -5.56 -2.92
CA SER A 276 -2.43 -5.72 -2.42
C SER A 276 -2.25 -7.08 -1.79
N SER A 277 -1.13 -7.77 -2.09
CA SER A 277 -0.85 -9.06 -1.44
C SER A 277 0.62 -9.43 -1.40
N SER A 278 1.06 -10.01 -0.29
CA SER A 278 2.42 -10.54 -0.16
C SER A 278 2.28 -12.06 0.13
N GLU A 279 1.10 -12.61 -0.18
CA GLU A 279 0.72 -13.98 0.10
C GLU A 279 0.80 -14.99 -1.05
N ILE A 280 0.95 -14.56 -2.29
CA ILE A 280 1.07 -15.47 -3.44
C ILE A 280 2.41 -16.19 -3.44
N HIS A 281 3.47 -15.49 -3.09
CA HIS A 281 4.84 -16.02 -3.01
C HIS A 281 5.37 -15.80 -1.60
N ASN A 282 6.43 -16.53 -1.25
CA ASN A 282 7.08 -16.47 0.06
C ASN A 282 8.48 -15.87 -0.07
N ASN A 283 8.76 -15.21 -1.21
CA ASN A 283 10.05 -14.65 -1.53
C ASN A 283 9.87 -13.41 -2.38
N LEU A 284 10.99 -12.67 -2.60
CA LEU A 284 11.02 -11.46 -3.45
C LEU A 284 10.40 -11.81 -4.82
N VAL A 285 9.68 -10.87 -5.43
CA VAL A 285 8.99 -11.09 -6.68
C VAL A 285 9.73 -10.24 -7.71
N ASP A 286 10.20 -10.86 -8.80
CA ASP A 286 10.99 -10.15 -9.78
C ASP A 286 10.38 -10.04 -11.15
N CYS A 287 9.19 -10.64 -11.35
CA CYS A 287 8.49 -10.57 -12.64
C CYS A 287 6.98 -10.69 -12.48
N VAL A 288 6.27 -9.68 -12.97
CA VAL A 288 4.81 -9.63 -12.87
C VAL A 288 4.25 -9.26 -14.22
N ALA A 289 3.12 -9.87 -14.62
CA ALA A 289 2.42 -9.56 -15.87
C ALA A 289 0.97 -9.93 -15.75
N PHE A 290 0.14 -9.23 -16.51
CA PHE A 290 -1.25 -9.57 -16.70
C PHE A 290 -1.29 -10.56 -17.86
N TYR A 291 -2.25 -11.46 -17.83
CA TYR A 291 -2.54 -12.34 -18.94
C TYR A 291 -4.05 -12.18 -19.05
N GLY A 292 -4.48 -11.21 -19.87
CA GLY A 292 -5.87 -10.77 -19.93
C GLY A 292 -6.18 -10.13 -18.58
N ASP A 293 -7.11 -10.71 -17.83
CA ASP A 293 -7.41 -10.27 -16.45
C ASP A 293 -6.67 -11.13 -15.42
N LEU A 294 -6.11 -12.28 -15.85
CA LEU A 294 -5.36 -13.15 -14.93
C LEU A 294 -3.97 -12.54 -14.68
N ILE A 295 -3.27 -13.05 -13.65
CA ILE A 295 -1.95 -12.59 -13.32
C ILE A 295 -0.95 -13.75 -13.37
N LEU A 296 0.26 -13.46 -13.88
CA LEU A 296 1.43 -14.32 -13.93
C LEU A 296 2.52 -13.63 -13.14
N SER A 297 3.17 -14.37 -12.24
CA SER A 297 4.25 -13.84 -11.44
C SER A 297 5.24 -14.94 -11.01
N ARG A 298 6.50 -14.57 -10.81
CA ARG A 298 7.52 -15.48 -10.29
C ARG A 298 8.27 -14.86 -9.13
N ALA A 299 8.69 -15.68 -8.20
CA ALA A 299 9.49 -15.23 -7.07
C ALA A 299 10.78 -16.00 -7.09
N CYS A 300 11.78 -15.51 -6.35
CA CYS A 300 13.08 -16.17 -6.17
C CYS A 300 12.89 -17.43 -5.31
N HIS A 301 13.75 -18.45 -5.49
CA HIS A 301 13.77 -19.69 -4.68
C HIS A 301 12.55 -20.59 -4.84
N GLU A 302 11.73 -20.44 -5.89
CA GLU A 302 10.48 -21.24 -5.95
C GLU A 302 10.38 -22.21 -7.11
N ASP A 303 11.12 -21.97 -8.21
CA ASP A 303 11.15 -22.81 -9.40
C ASP A 303 9.78 -22.93 -10.08
N THR A 304 8.99 -21.84 -10.05
CA THR A 304 7.65 -21.80 -10.66
C THR A 304 7.29 -20.43 -11.25
N ILE A 305 6.34 -20.42 -12.21
CA ILE A 305 5.66 -19.20 -12.69
C ILE A 305 4.22 -19.46 -12.24
N VAL A 306 3.70 -18.61 -11.35
CA VAL A 306 2.36 -18.77 -10.79
C VAL A 306 1.30 -18.04 -11.62
N LEU A 307 0.26 -18.76 -12.05
CA LEU A 307 -0.90 -18.18 -12.72
C LEU A 307 -1.95 -18.11 -11.59
N TRP A 308 -2.48 -16.90 -11.36
CA TRP A 308 -3.49 -16.69 -10.34
C TRP A 308 -4.47 -15.61 -10.76
N ARG A 309 -5.54 -15.42 -10.00
CA ARG A 309 -6.50 -14.36 -10.28
C ARG A 309 -6.90 -13.61 -9.03
N ILE A 310 -7.23 -12.33 -9.20
CA ILE A 310 -7.78 -11.51 -8.12
C ILE A 310 -9.31 -11.80 -8.17
N GLU A 311 -9.91 -12.27 -7.06
CA GLU A 311 -11.35 -12.55 -6.99
C GLU A 311 -12.16 -11.26 -7.17
N GLY A 312 -13.14 -11.27 -8.08
CA GLY A 312 -14.00 -10.13 -8.33
C GLY A 312 -13.42 -9.10 -9.28
N PHE A 313 -12.19 -9.33 -9.79
CA PHE A 313 -11.55 -8.42 -10.73
C PHE A 313 -11.98 -8.75 -12.16
N SER A 314 -12.55 -7.76 -12.81
CA SER A 314 -12.93 -7.83 -14.20
C SER A 314 -12.61 -6.48 -14.83
N SER A 315 -11.92 -6.49 -15.95
CA SER A 315 -11.62 -5.23 -16.66
C SER A 315 -12.84 -4.71 -17.44
N ASP A 316 -13.96 -5.47 -17.44
CA ASP A 316 -15.24 -5.04 -18.05
C ASP A 316 -15.99 -4.12 -17.09
N ASP A 317 -15.64 -4.15 -15.79
CA ASP A 317 -16.28 -3.33 -14.76
C ASP A 317 -15.76 -1.89 -14.79
N PRO A 318 -16.50 -0.86 -14.30
CA PRO A 318 -15.95 0.50 -14.31
C PRO A 318 -14.65 0.59 -13.48
N ILE A 319 -13.73 1.47 -13.87
CA ILE A 319 -12.45 1.64 -13.17
C ILE A 319 -12.74 2.30 -11.80
N PRO A 320 -12.33 1.67 -10.67
CA PRO A 320 -12.55 2.31 -9.36
C PRO A 320 -11.72 3.58 -9.18
N GLY A 321 -12.24 4.52 -8.39
CA GLY A 321 -11.57 5.77 -8.07
C GLY A 321 -10.59 5.61 -6.92
N PRO A 322 -9.70 6.61 -6.71
CA PRO A 322 -8.67 6.46 -5.66
C PRO A 322 -9.17 6.19 -4.26
N LEU A 323 -10.35 6.73 -3.90
CA LEU A 323 -10.92 6.59 -2.55
C LEU A 323 -11.79 5.33 -2.41
N ASP A 324 -11.76 4.43 -3.41
CA ASP A 324 -12.46 3.15 -3.34
C ASP A 324 -11.46 2.10 -2.90
N ALA A 325 -10.19 2.49 -2.91
CA ALA A 325 -9.08 1.61 -2.59
C ALA A 325 -9.12 1.17 -1.13
N PRO A 326 -8.78 -0.09 -0.81
CA PRO A 326 -8.73 -0.48 0.61
C PRO A 326 -7.49 0.17 1.29
N THR A 327 -7.49 0.27 2.59
CA THR A 327 -6.33 0.78 3.31
C THR A 327 -5.83 -0.29 4.26
N PRO A 328 -4.51 -0.31 4.60
CA PRO A 328 -4.01 -1.32 5.54
C PRO A 328 -4.40 -0.96 6.99
N THR A 329 -5.61 -1.32 7.38
CA THR A 329 -6.13 -1.03 8.72
C THR A 329 -5.56 -2.00 9.74
N ASP A 330 -5.57 -3.29 9.40
CA ASP A 330 -5.03 -4.33 10.26
C ASP A 330 -3.70 -4.81 9.65
N MET A 331 -2.61 -4.57 10.38
CA MET A 331 -1.25 -4.95 10.00
C MET A 331 -1.05 -6.48 9.88
N THR A 332 -1.98 -7.29 10.41
CA THR A 332 -1.91 -8.75 10.35
C THR A 332 -2.52 -9.31 9.05
N LYS A 333 -3.21 -8.46 8.29
CA LYS A 333 -3.82 -8.87 7.03
C LYS A 333 -2.80 -8.59 5.95
N GLN A 334 -2.28 -9.65 5.30
CA GLN A 334 -1.25 -9.51 4.27
C GLN A 334 -1.82 -9.47 2.83
N THR A 335 -3.15 -9.45 2.71
CA THR A 335 -3.89 -9.31 1.45
C THR A 335 -5.04 -8.40 1.75
N ARG A 336 -5.29 -7.45 0.84
CA ARG A 336 -6.44 -6.54 0.90
C ARG A 336 -6.86 -6.22 -0.51
N SER A 337 -8.16 -6.03 -0.70
CA SER A 337 -8.69 -5.85 -2.07
C SER A 337 -9.98 -5.08 -2.07
N TYR A 338 -10.14 -4.20 -3.04
CA TYR A 338 -11.39 -3.48 -3.24
C TYR A 338 -12.38 -4.42 -3.99
N PHE A 339 -11.83 -5.40 -4.74
CA PHE A 339 -12.60 -6.25 -5.64
C PHE A 339 -13.35 -7.38 -4.99
N THR A 340 -12.96 -7.80 -3.79
CA THR A 340 -13.53 -8.95 -3.06
C THR A 340 -15.04 -9.22 -3.27
N PRO A 341 -15.42 -10.45 -3.69
CA PRO A 341 -16.87 -10.76 -3.84
C PRO A 341 -17.60 -10.85 -2.49
N THR A 342 -18.83 -10.40 -2.44
CA THR A 342 -19.61 -10.40 -1.18
C THR A 342 -20.17 -11.77 -0.77
N VAL A 343 -20.30 -12.75 -1.69
CA VAL A 343 -20.88 -14.06 -1.37
C VAL A 343 -19.79 -15.15 -1.21
N SER A 344 -19.70 -15.71 0.02
CA SER A 344 -18.75 -16.74 0.46
C SER A 344 -19.10 -17.31 1.86
N PRO A 345 -18.81 -18.61 2.16
CA PRO A 345 -19.06 -19.12 3.53
C PRO A 345 -18.01 -18.61 4.53
N GLN A 346 -16.85 -18.13 4.04
CA GLN A 346 -15.79 -17.52 4.84
C GLN A 346 -16.19 -16.10 5.25
N SER A 347 -15.91 -15.74 6.51
CA SER A 347 -16.19 -14.40 7.06
C SER A 347 -15.44 -13.33 6.26
N ARG A 348 -14.13 -13.59 5.97
CA ARG A 348 -13.29 -12.74 5.14
C ARG A 348 -13.12 -13.57 3.85
N PRO A 349 -13.92 -13.32 2.78
CA PRO A 349 -13.81 -14.15 1.57
C PRO A 349 -12.40 -14.15 1.02
N ALA A 350 -12.02 -15.22 0.28
CA ALA A 350 -10.72 -15.31 -0.39
C ALA A 350 -10.64 -14.14 -1.42
N MET A 351 -9.52 -13.42 -1.43
CA MET A 351 -9.29 -12.27 -2.32
C MET A 351 -8.51 -12.63 -3.59
N PHE A 352 -7.97 -13.83 -3.64
CA PHE A 352 -7.25 -14.32 -4.83
C PHE A 352 -7.37 -15.83 -4.87
N THR A 353 -7.15 -16.44 -6.04
CA THR A 353 -7.15 -17.90 -6.17
C THR A 353 -5.93 -18.27 -6.99
N ARG A 354 -5.06 -19.15 -6.45
CA ARG A 354 -3.91 -19.68 -7.17
C ARG A 354 -4.56 -20.60 -8.21
N LEU A 355 -4.23 -20.44 -9.48
CA LEU A 355 -4.83 -21.26 -10.52
C LEU A 355 -3.93 -22.40 -10.99
N ALA A 356 -2.69 -22.10 -11.33
CA ALA A 356 -1.75 -23.11 -11.79
C ALA A 356 -0.33 -22.66 -11.58
N GLN A 357 0.62 -23.63 -11.64
CA GLN A 357 2.04 -23.35 -11.46
C GLN A 357 2.87 -24.05 -12.55
N PHE A 358 3.51 -23.23 -13.39
CA PHE A 358 4.42 -23.67 -14.45
C PHE A 358 5.75 -24.03 -13.83
N HIS A 359 6.16 -25.30 -13.95
CA HIS A 359 7.42 -25.75 -13.40
C HIS A 359 8.63 -25.24 -14.20
N THR A 360 9.49 -24.50 -13.50
CA THR A 360 10.65 -23.77 -14.02
C THR A 360 11.89 -24.29 -13.21
N PRO A 361 12.29 -25.57 -13.35
CA PRO A 361 13.37 -26.09 -12.49
C PRO A 361 14.72 -25.40 -12.65
N ASP A 362 15.54 -25.45 -11.60
CA ASP A 362 16.92 -24.97 -11.54
C ASP A 362 17.09 -23.48 -11.75
N CYS A 363 16.31 -22.70 -11.04
CA CYS A 363 16.50 -21.25 -11.01
C CYS A 363 17.35 -20.92 -9.77
N GLY A 364 17.41 -21.86 -8.81
CA GLY A 364 18.18 -21.76 -7.57
C GLY A 364 17.88 -20.51 -6.78
N VAL A 365 18.92 -19.77 -6.45
CA VAL A 365 18.85 -18.52 -5.68
C VAL A 365 18.86 -17.27 -6.61
N GLN A 366 18.94 -17.47 -7.94
CA GLN A 366 18.93 -16.42 -8.96
C GLN A 366 17.63 -15.63 -9.01
N PHE A 367 17.75 -14.32 -9.13
CA PHE A 367 16.59 -13.46 -9.36
C PHE A 367 16.97 -12.50 -10.48
N PHE A 368 15.99 -11.72 -10.94
CA PHE A 368 15.97 -10.83 -12.10
C PHE A 368 16.01 -11.64 -13.37
N MET A 369 15.02 -12.51 -13.48
CA MET A 369 14.79 -13.44 -14.59
C MET A 369 13.35 -13.24 -14.97
N ARG A 370 13.09 -12.92 -16.24
CA ARG A 370 11.74 -12.59 -16.68
C ARG A 370 11.26 -13.52 -17.74
N PHE A 371 9.96 -13.85 -17.66
CA PHE A 371 9.22 -14.70 -18.60
C PHE A 371 8.42 -13.81 -19.57
N ARG A 372 7.92 -14.38 -20.64
CA ARG A 372 7.14 -13.62 -21.59
C ARG A 372 6.17 -14.50 -22.31
N MET A 373 4.96 -13.98 -22.49
CA MET A 373 3.83 -14.60 -23.17
C MET A 373 3.63 -14.00 -24.56
N TYR A 374 3.39 -14.88 -25.55
CA TYR A 374 3.02 -14.50 -26.89
C TYR A 374 1.48 -14.58 -26.88
N HIS A 375 0.82 -13.43 -27.00
CA HIS A 375 -0.63 -13.31 -26.87
C HIS A 375 -1.19 -12.37 -27.93
N VAL A 376 -1.61 -12.96 -29.03
CA VAL A 376 -2.08 -12.23 -30.21
C VAL A 376 -3.35 -12.93 -30.69
N PRO A 377 -4.39 -12.22 -31.17
CA PRO A 377 -5.59 -12.93 -31.66
C PRO A 377 -5.28 -13.80 -32.87
N GLY A 378 -5.86 -14.99 -32.92
CA GLY A 378 -5.69 -15.89 -34.06
C GLY A 378 -4.52 -16.84 -33.97
N LYS A 379 -3.70 -16.74 -32.91
CA LYS A 379 -2.56 -17.64 -32.68
C LYS A 379 -2.59 -18.14 -31.23
N HIS A 380 -2.03 -19.32 -31.01
CA HIS A 380 -1.96 -19.93 -29.68
C HIS A 380 -1.13 -19.09 -28.70
N PRO A 381 -1.57 -19.01 -27.43
CA PRO A 381 -0.79 -18.27 -26.43
C PRO A 381 0.35 -19.15 -25.96
N ILE A 382 1.58 -18.62 -26.03
CA ILE A 382 2.81 -19.36 -25.69
C ILE A 382 3.57 -18.66 -24.61
N LEU A 383 3.88 -19.38 -23.53
CA LEU A 383 4.69 -18.85 -22.42
C LEU A 383 6.13 -19.36 -22.62
N ALA A 384 7.09 -18.45 -22.46
CA ALA A 384 8.51 -18.77 -22.58
C ALA A 384 9.28 -18.19 -21.42
N PHE A 385 10.27 -18.96 -20.97
CA PHE A 385 11.16 -18.61 -19.87
C PHE A 385 12.43 -19.47 -19.93
N ALA A 386 13.58 -18.87 -19.62
CA ALA A 386 14.86 -19.58 -19.54
C ALA A 386 15.31 -19.58 -18.07
N ASN A 387 15.79 -20.75 -17.56
CA ASN A 387 16.19 -20.85 -16.15
C ASN A 387 17.64 -20.36 -15.92
N ALA A 388 18.21 -20.65 -14.73
CA ALA A 388 19.57 -20.25 -14.35
C ALA A 388 20.57 -21.39 -14.62
N LYS A 389 20.14 -22.46 -15.30
CA LYS A 389 20.99 -23.62 -15.61
C LYS A 389 20.84 -24.10 -17.06
N SER A 390 20.98 -23.16 -18.00
CA SER A 390 21.03 -23.39 -19.46
C SER A 390 19.85 -24.16 -20.11
N LYS A 391 18.61 -23.80 -19.79
CA LYS A 391 17.44 -24.39 -20.44
C LYS A 391 16.42 -23.35 -20.83
N THR A 392 15.73 -23.52 -21.96
CA THR A 392 14.61 -22.65 -22.38
C THR A 392 13.35 -23.53 -22.36
N PHE A 393 12.30 -23.03 -21.72
CA PHE A 393 11.02 -23.70 -21.58
C PHE A 393 9.92 -23.00 -22.34
N PHE A 394 9.02 -23.81 -22.92
CA PHE A 394 7.84 -23.36 -23.65
C PHE A 394 6.62 -24.12 -23.23
N TRP A 395 5.49 -23.39 -23.12
CA TRP A 395 4.17 -23.95 -22.85
C TRP A 395 3.22 -23.36 -23.87
N ASP A 396 2.48 -24.22 -24.55
CA ASP A 396 1.43 -23.78 -25.47
C ASP A 396 0.16 -23.94 -24.64
N LEU A 397 -0.40 -22.79 -24.24
CA LEU A 397 -1.59 -22.72 -23.40
C LEU A 397 -2.85 -23.31 -24.05
N ALA A 398 -2.93 -23.33 -25.40
CA ALA A 398 -4.11 -23.91 -26.10
C ALA A 398 -4.10 -25.47 -25.96
N ARG A 399 -2.95 -26.09 -25.62
CA ARG A 399 -2.85 -27.54 -25.42
C ARG A 399 -3.65 -28.00 -24.22
N PHE A 400 -3.65 -27.18 -23.16
CA PHE A 400 -4.40 -27.41 -21.91
C PHE A 400 -5.89 -27.70 -22.17
N GLY A 401 -6.52 -26.88 -23.01
CA GLY A 401 -7.94 -26.96 -23.32
C GLY A 401 -8.34 -28.19 -24.11
N GLU A 402 -7.54 -28.55 -25.14
CA GLU A 402 -7.74 -29.74 -25.97
C GLU A 402 -7.54 -30.99 -25.13
N TYR A 403 -6.50 -30.99 -24.27
CA TYR A 403 -6.21 -32.11 -23.38
C TYR A 403 -7.39 -32.32 -22.41
N ALA A 404 -7.85 -31.22 -21.80
CA ALA A 404 -8.99 -31.23 -20.88
C ALA A 404 -10.20 -31.79 -21.57
N ARG A 405 -10.47 -31.36 -22.81
CA ARG A 405 -11.62 -31.84 -23.61
C ARG A 405 -11.48 -33.35 -23.93
N PHE A 406 -10.27 -33.77 -24.31
CA PHE A 406 -9.98 -35.17 -24.61
C PHE A 406 -10.16 -36.06 -23.36
N MET A 407 -9.63 -35.66 -22.21
CA MET A 407 -9.76 -36.43 -20.97
C MET A 407 -11.19 -36.46 -20.45
N ALA A 408 -11.98 -35.36 -20.61
CA ALA A 408 -13.40 -35.31 -20.20
C ALA A 408 -14.21 -36.35 -21.02
N ASP A 409 -13.98 -36.39 -22.35
CA ASP A 409 -14.59 -37.32 -23.29
C ASP A 409 -14.17 -38.76 -22.99
N LEU A 410 -12.87 -38.95 -22.68
CA LEU A 410 -12.29 -40.25 -22.34
C LEU A 410 -12.87 -40.76 -21.00
N LYS A 411 -13.00 -39.87 -19.99
CA LYS A 411 -13.61 -40.21 -18.71
C LYS A 411 -15.08 -40.58 -18.89
N GLU A 412 -15.86 -39.75 -19.64
CA GLU A 412 -17.29 -40.01 -19.96
C GLU A 412 -17.47 -41.36 -20.67
N ALA A 413 -16.67 -41.63 -21.73
CA ALA A 413 -16.73 -42.88 -22.48
C ALA A 413 -16.39 -44.12 -21.64
N GLN A 414 -15.44 -44.00 -20.71
CA GLN A 414 -15.04 -45.12 -19.85
C GLN A 414 -16.16 -45.55 -18.93
N GLN A 415 -16.88 -44.56 -18.34
CA GLN A 415 -18.05 -44.79 -17.46
C GLN A 415 -19.24 -45.34 -18.22
N SER A 416 -19.58 -44.75 -19.38
CA SER A 416 -20.71 -45.18 -20.22
C SER A 416 -20.51 -46.54 -20.90
N TYR A 417 -19.27 -46.91 -21.27
CA TYR A 417 -18.99 -48.17 -22.01
C TYR A 417 -18.19 -49.23 -21.23
N ASN A 418 -18.11 -49.07 -19.90
CA ASN A 418 -17.44 -50.00 -19.00
C ASN A 418 -15.97 -50.25 -19.43
N GLY A 419 -15.27 -49.15 -19.75
CA GLY A 419 -13.89 -49.15 -20.23
C GLY A 419 -13.67 -49.58 -21.68
N ARG A 420 -14.72 -49.96 -22.44
CA ARG A 420 -14.55 -50.35 -23.86
C ARG A 420 -14.42 -49.06 -24.74
N VAL A 421 -13.23 -48.42 -24.69
CA VAL A 421 -12.98 -47.17 -25.38
C VAL A 421 -11.78 -47.25 -26.34
N VAL A 422 -12.03 -46.94 -27.60
CA VAL A 422 -11.02 -46.88 -28.65
C VAL A 422 -10.76 -45.40 -28.92
N VAL A 423 -9.49 -45.01 -28.90
CA VAL A 423 -9.05 -43.64 -29.17
C VAL A 423 -8.45 -43.57 -30.57
N VAL A 424 -8.92 -42.61 -31.38
CA VAL A 424 -8.40 -42.41 -32.72
C VAL A 424 -7.94 -40.95 -32.89
N ASP A 425 -6.75 -40.77 -33.52
CA ASP A 425 -6.15 -39.44 -33.73
C ASP A 425 -6.92 -38.55 -34.68
N GLN A 426 -6.93 -37.25 -34.39
CA GLN A 426 -7.55 -36.22 -35.23
C GLN A 426 -6.59 -35.94 -36.39
N GLY A 427 -7.12 -35.83 -37.61
CA GLY A 427 -6.35 -35.61 -38.84
C GLY A 427 -6.35 -36.80 -39.77
N ILE A 430 -9.96 -39.82 -40.91
CA ILE A 430 -11.01 -40.57 -40.22
C ILE A 430 -11.84 -39.65 -39.32
N SER A 431 -13.16 -39.65 -39.55
CA SER A 431 -14.14 -38.87 -38.79
C SER A 431 -14.63 -39.68 -37.56
N LEU A 432 -15.21 -38.99 -36.55
CA LEU A 432 -15.76 -39.66 -35.36
C LEU A 432 -16.85 -40.65 -35.80
N ALA A 433 -17.77 -40.17 -36.67
CA ALA A 433 -18.88 -40.92 -37.25
C ALA A 433 -18.44 -42.20 -37.95
N GLN A 434 -17.39 -42.15 -38.78
CA GLN A 434 -16.94 -43.36 -39.48
C GLN A 434 -16.17 -44.31 -38.55
N ALA A 435 -15.51 -43.78 -37.51
CA ALA A 435 -14.79 -44.62 -36.53
C ALA A 435 -15.79 -45.47 -35.70
N GLN A 436 -16.96 -44.88 -35.35
CA GLN A 436 -18.05 -45.51 -34.59
C GLN A 436 -18.66 -46.71 -35.33
N GLN A 437 -18.68 -46.65 -36.68
CA GLN A 437 -19.17 -47.72 -37.54
C GLN A 437 -18.22 -48.93 -37.52
N VAL A 438 -16.91 -48.66 -37.53
CA VAL A 438 -15.82 -49.65 -37.54
C VAL A 438 -15.84 -50.56 -36.30
N HIS A 439 -16.02 -49.97 -35.10
CA HIS A 439 -15.97 -50.70 -33.83
C HIS A 439 -17.31 -51.14 -33.27
N GLY A 440 -18.40 -50.59 -33.80
CA GLY A 440 -19.73 -51.00 -33.37
C GLY A 440 -20.34 -50.19 -32.25
N PRO A 441 -21.61 -50.51 -31.87
CA PRO A 441 -22.29 -49.72 -30.82
C PRO A 441 -21.84 -49.98 -29.38
N GLY A 442 -21.22 -51.14 -29.15
CA GLY A 442 -20.72 -51.52 -27.83
C GLY A 442 -19.44 -50.82 -27.42
N VAL A 443 -18.76 -50.17 -28.38
CA VAL A 443 -17.47 -49.50 -28.17
C VAL A 443 -17.58 -47.96 -28.23
N GLY A 444 -16.98 -47.30 -27.28
CA GLY A 444 -16.91 -45.84 -27.25
C GLY A 444 -15.72 -45.40 -28.09
N VAL A 445 -15.88 -44.30 -28.84
CA VAL A 445 -14.83 -43.72 -29.69
C VAL A 445 -14.52 -42.31 -29.23
N VAL A 446 -13.23 -42.03 -28.96
CA VAL A 446 -12.78 -40.71 -28.56
C VAL A 446 -11.75 -40.18 -29.57
N MET A 447 -11.92 -38.94 -30.05
CA MET A 447 -10.95 -38.32 -30.95
C MET A 447 -9.84 -37.69 -30.09
N LYS A 448 -8.58 -38.04 -30.41
CA LYS A 448 -7.42 -37.54 -29.65
C LYS A 448 -6.62 -36.56 -30.51
N PRO A 449 -6.21 -35.41 -29.94
CA PRO A 449 -5.35 -34.48 -30.70
C PRO A 449 -4.07 -35.19 -31.22
N ALA A 450 -3.66 -34.87 -32.44
CA ALA A 450 -2.48 -35.55 -33.03
C ALA A 450 -1.16 -35.30 -32.27
N TRP A 451 -1.02 -34.11 -31.62
CA TRP A 451 0.17 -33.73 -30.87
C TRP A 451 0.33 -34.49 -29.54
N LEU A 452 -0.78 -35.04 -29.01
CA LEU A 452 -0.77 -35.79 -27.75
C LEU A 452 -0.26 -37.20 -28.06
N VAL A 453 1.06 -37.43 -27.88
CA VAL A 453 1.71 -38.69 -28.27
C VAL A 453 1.90 -39.65 -27.08
N PRO A 454 1.52 -40.95 -27.21
CA PRO A 454 1.72 -41.90 -26.11
C PRO A 454 3.17 -42.28 -25.86
N LYS A 455 3.45 -43.00 -24.75
CA LYS A 455 4.79 -43.49 -24.38
C LYS A 455 5.12 -44.81 -25.09
N VAL A 518 -9.73 -40.95 -14.87
CA VAL A 518 -9.50 -41.83 -16.01
C VAL A 518 -8.67 -43.04 -15.58
N SER A 519 -9.14 -44.25 -15.91
CA SER A 519 -8.43 -45.47 -15.60
C SER A 519 -7.45 -45.85 -16.73
N ALA A 520 -6.36 -46.52 -16.38
CA ALA A 520 -5.36 -46.99 -17.36
C ALA A 520 -5.77 -48.35 -17.93
N SER A 521 -5.20 -48.72 -19.10
CA SER A 521 -5.44 -49.99 -19.79
C SER A 521 -5.32 -51.19 -18.83
N PRO A 522 -6.27 -52.17 -18.87
CA PRO A 522 -6.18 -53.32 -17.95
C PRO A 522 -4.82 -54.02 -17.99
N ASP A 523 -4.37 -54.40 -19.22
CA ASP A 523 -3.08 -55.05 -19.47
C ASP A 523 -2.30 -54.30 -20.59
N PRO A 524 -0.96 -54.52 -20.76
CA PRO A 524 -0.21 -53.79 -21.80
C PRO A 524 -0.66 -53.98 -23.25
N ASP A 525 -1.18 -55.17 -23.60
CA ASP A 525 -1.61 -55.44 -24.97
C ASP A 525 -3.12 -55.25 -25.21
N SER A 526 -3.83 -54.62 -24.29
CA SER A 526 -5.27 -54.34 -24.40
C SER A 526 -5.58 -53.32 -25.52
N PRO A 527 -6.69 -53.47 -26.29
CA PRO A 527 -6.99 -52.46 -27.33
C PRO A 527 -7.58 -51.17 -26.76
N PHE A 528 -7.90 -51.15 -25.45
CA PHE A 528 -8.55 -50.01 -24.83
C PHE A 528 -7.68 -49.27 -23.84
N GLY A 529 -7.77 -47.95 -23.90
CA GLY A 529 -7.06 -47.06 -23.00
C GLY A 529 -5.56 -46.99 -23.17
N PHE A 530 -4.93 -46.28 -22.26
CA PHE A 530 -3.49 -46.03 -22.30
C PHE A 530 -2.83 -46.52 -21.03
N SER A 531 -1.51 -46.74 -21.07
CA SER A 531 -0.75 -47.18 -19.90
C SER A 531 -0.68 -46.07 -18.87
N ARG A 532 -0.48 -46.45 -17.60
CA ARG A 532 -0.38 -45.52 -16.48
C ARG A 532 0.75 -44.49 -16.75
N GLU A 533 1.86 -44.96 -17.34
CA GLU A 533 3.04 -44.15 -17.68
C GLU A 533 2.71 -43.10 -18.73
N THR A 534 1.91 -43.47 -19.76
CA THR A 534 1.42 -42.54 -20.80
C THR A 534 0.56 -41.45 -20.16
N LEU A 535 -0.41 -41.85 -19.34
CA LEU A 535 -1.35 -40.96 -18.68
C LEU A 535 -0.64 -40.01 -17.72
N GLN A 536 0.37 -40.55 -16.96
CA GLN A 536 1.14 -39.75 -16.01
C GLN A 536 1.95 -38.67 -16.73
N ALA A 537 2.68 -39.06 -17.80
CA ALA A 537 3.49 -38.17 -18.62
C ALA A 537 2.64 -37.01 -19.16
N TRP A 538 1.44 -37.32 -19.71
CA TRP A 538 0.48 -36.33 -20.24
C TRP A 538 -0.01 -35.39 -19.14
N ALA A 539 -0.41 -35.96 -17.98
CA ALA A 539 -0.89 -35.20 -16.82
C ALA A 539 0.19 -34.22 -16.32
N ASP A 540 1.47 -34.65 -16.25
CA ASP A 540 2.60 -33.79 -15.87
C ASP A 540 2.64 -32.50 -16.68
N MET A 541 2.41 -32.59 -17.99
CA MET A 541 2.42 -31.45 -18.90
C MET A 541 1.09 -30.69 -19.04
N TYR A 542 -0.04 -31.39 -18.96
CA TYR A 542 -1.29 -30.78 -19.33
C TYR A 542 -2.38 -30.72 -18.28
N ASP A 543 -2.29 -31.51 -17.19
CA ASP A 543 -3.33 -31.51 -16.15
C ASP A 543 -3.32 -30.20 -15.35
N LEU A 544 -4.48 -29.53 -15.21
CA LEU A 544 -4.61 -28.24 -14.52
C LEU A 544 -5.54 -28.34 -13.32
N SER A 545 -5.65 -29.55 -12.75
CA SER A 545 -6.60 -29.82 -11.66
C SER A 545 -6.07 -29.46 -10.29
N ASN A 546 -4.74 -29.31 -10.18
CA ASN A 546 -4.09 -29.01 -8.92
C ASN A 546 -3.38 -27.61 -8.90
N PRO A 547 -3.91 -26.65 -8.11
CA PRO A 547 -3.27 -25.33 -8.01
C PRO A 547 -1.82 -25.33 -7.50
N VAL A 548 -1.43 -26.34 -6.68
CA VAL A 548 -0.06 -26.46 -6.14
C VAL A 548 0.72 -27.58 -6.85
N GLY A 549 0.20 -28.05 -7.99
CA GLY A 549 0.88 -29.00 -8.84
C GLY A 549 1.95 -28.27 -9.64
N LEU A 550 2.81 -29.03 -10.35
CA LEU A 550 3.92 -28.48 -11.16
C LEU A 550 3.73 -28.87 -12.60
N ILE A 551 3.56 -27.87 -13.47
CA ILE A 551 3.32 -28.14 -14.89
C ILE A 551 4.65 -28.23 -15.60
N LYS A 552 5.01 -29.43 -16.04
CA LYS A 552 6.19 -29.73 -16.81
C LYS A 552 6.13 -28.95 -18.15
N ALA A 553 7.26 -28.38 -18.60
CA ALA A 553 7.31 -27.67 -19.88
C ALA A 553 6.92 -28.56 -21.05
N HIS A 554 6.23 -27.99 -22.03
CA HIS A 554 5.81 -28.72 -23.22
C HIS A 554 7.02 -28.91 -24.12
N ARG A 555 8.01 -28.03 -23.99
CA ARG A 555 9.28 -28.07 -24.70
C ARG A 555 10.34 -27.47 -23.81
N SER A 556 11.47 -28.20 -23.73
CA SER A 556 12.62 -27.85 -22.91
C SER A 556 13.86 -28.03 -23.79
N LEU A 557 14.53 -26.92 -24.06
CA LEU A 557 15.70 -26.90 -24.92
C LEU A 557 16.93 -26.59 -24.18
N ALA A 558 17.96 -27.43 -24.36
CA ALA A 558 19.25 -27.25 -23.72
C ALA A 558 20.05 -26.14 -24.41
N ILE A 559 20.81 -25.39 -23.63
CA ILE A 559 21.63 -24.30 -24.15
C ILE A 559 23.10 -24.69 -23.91
N ASP A 560 23.98 -24.48 -24.90
CA ASP A 560 25.40 -24.76 -24.71
C ASP A 560 26.01 -23.71 -23.81
N GLY A 561 26.86 -24.16 -22.89
CA GLY A 561 27.55 -23.29 -21.93
C GLY A 561 26.68 -23.07 -20.72
N ALA A 562 27.09 -22.10 -19.89
CA ALA A 562 26.42 -21.72 -18.67
C ALA A 562 25.67 -20.41 -19.00
N PHE A 563 24.33 -20.47 -18.95
CA PHE A 563 23.47 -19.36 -19.31
C PHE A 563 22.38 -19.15 -18.26
N VAL A 564 22.12 -17.89 -17.94
CA VAL A 564 21.07 -17.47 -17.03
C VAL A 564 20.22 -16.56 -17.88
N GLY A 565 18.96 -16.94 -18.05
CA GLY A 565 17.99 -16.16 -18.79
C GLY A 565 17.55 -14.90 -18.05
N ARG A 566 17.57 -13.75 -18.75
CA ARG A 566 17.15 -12.49 -18.14
C ARG A 566 15.84 -12.01 -18.67
N GLN A 567 15.62 -12.21 -19.97
CA GLN A 567 14.42 -11.70 -20.61
C GLN A 567 14.08 -12.48 -21.90
N VAL A 568 12.81 -12.52 -22.23
CA VAL A 568 12.31 -13.19 -23.42
C VAL A 568 11.52 -12.17 -24.27
N GLY A 569 11.66 -12.29 -25.59
CA GLY A 569 10.94 -11.46 -26.54
C GLY A 569 10.33 -12.25 -27.67
N TRP A 570 9.11 -11.91 -28.05
CA TRP A 570 8.42 -12.56 -29.18
C TRP A 570 8.21 -11.56 -30.28
N SER A 571 8.36 -12.01 -31.53
CA SER A 571 8.13 -11.15 -32.71
C SER A 571 6.61 -10.96 -32.91
N PRO A 572 6.11 -9.85 -33.53
CA PRO A 572 4.66 -9.70 -33.73
C PRO A 572 3.92 -10.92 -34.28
N GLU A 573 4.53 -11.65 -35.24
CA GLU A 573 3.89 -12.83 -35.82
C GLU A 573 4.26 -14.16 -35.11
N GLY A 574 5.00 -14.09 -34.01
CA GLY A 574 5.36 -15.24 -33.19
C GLY A 574 6.25 -16.31 -33.80
N GLU A 575 6.93 -16.01 -34.93
CA GLU A 575 7.82 -16.96 -35.62
C GLU A 575 9.23 -16.96 -34.97
N TRP A 576 9.53 -15.91 -34.19
CA TRP A 576 10.79 -15.72 -33.49
C TRP A 576 10.57 -15.54 -32.00
N CYS A 577 11.44 -16.19 -31.20
CA CYS A 577 11.50 -16.01 -29.75
C CYS A 577 12.98 -15.78 -29.37
N VAL A 578 13.28 -14.59 -28.86
CA VAL A 578 14.64 -14.19 -28.48
C VAL A 578 14.75 -14.27 -26.99
N VAL A 579 15.77 -14.98 -26.49
CA VAL A 579 16.11 -15.12 -25.08
C VAL A 579 17.49 -14.50 -24.89
N VAL A 580 17.60 -13.55 -23.94
CA VAL A 580 18.87 -12.87 -23.68
C VAL A 580 19.29 -13.10 -22.25
N GLY A 581 20.61 -13.05 -22.02
CA GLY A 581 21.14 -13.23 -20.66
C GLY A 581 22.61 -12.89 -20.50
N ASN A 582 23.27 -13.61 -19.57
CA ASN A 582 24.65 -13.41 -19.16
C ASN A 582 25.65 -13.68 -20.25
N GLY A 583 26.77 -12.96 -20.17
CA GLY A 583 27.87 -13.00 -21.12
C GLY A 583 27.53 -12.29 -22.41
N ASN A 584 26.52 -11.40 -22.35
CA ASN A 584 25.92 -10.67 -23.48
C ASN A 584 25.52 -11.67 -24.56
N ARG A 585 24.81 -12.75 -24.19
CA ARG A 585 24.42 -13.74 -25.19
C ARG A 585 22.95 -13.63 -25.60
N ALA A 586 22.65 -13.83 -26.88
CA ALA A 586 21.26 -13.83 -27.33
C ALA A 586 21.02 -15.15 -28.04
N LEU A 587 19.88 -15.77 -27.74
CA LEU A 587 19.47 -17.04 -28.31
C LEU A 587 18.22 -16.77 -29.09
N ILE A 588 18.22 -17.11 -30.36
CA ILE A 588 17.07 -16.86 -31.26
C ILE A 588 16.45 -18.18 -31.73
N TYR A 589 15.23 -18.42 -31.25
CA TYR A 589 14.44 -19.59 -31.56
C TYR A 589 13.47 -19.22 -32.67
N GLN A 590 13.17 -20.18 -33.54
CA GLN A 590 12.30 -19.95 -34.66
C GLN A 590 11.29 -21.07 -34.78
N ARG A 591 10.18 -20.79 -35.46
CA ARG A 591 9.17 -21.75 -35.89
C ARG A 591 8.61 -21.25 -37.18
N TRP A 592 7.94 -22.14 -37.97
CA TRP A 592 7.33 -21.77 -39.26
C TRP A 592 8.39 -21.11 -40.19
N GLY A 593 9.58 -21.69 -40.19
CA GLY A 593 10.73 -21.26 -40.97
C GLY A 593 10.61 -21.57 -42.45
N LYS A 594 11.42 -20.91 -43.28
CA LYS A 594 11.41 -21.08 -44.73
C LYS A 594 12.61 -21.92 -45.25
N GLU A 595 13.46 -22.45 -44.33
CA GLU A 595 14.65 -23.27 -44.63
C GLU A 595 14.29 -24.46 -45.49
N ARG A 596 15.09 -24.68 -46.56
CA ARG A 596 14.89 -25.77 -47.52
C ARG A 596 15.96 -26.85 -47.32
N GLY A 597 15.51 -28.11 -47.24
CA GLY A 597 16.38 -29.26 -47.05
C GLY A 597 17.10 -29.68 -48.32
N TRP B 16 -24.74 -45.26 9.41
CA TRP B 16 -23.48 -44.53 9.27
C TRP B 16 -22.45 -44.88 10.38
N THR B 17 -21.16 -44.81 9.98
CA THR B 17 -19.94 -45.05 10.78
C THR B 17 -18.89 -44.06 10.26
N VAL B 18 -17.73 -43.94 10.93
CA VAL B 18 -16.63 -43.08 10.50
C VAL B 18 -16.14 -43.57 9.14
N ASP B 19 -15.83 -44.89 9.06
CA ASP B 19 -15.34 -45.61 7.87
C ASP B 19 -16.17 -45.30 6.62
N LYS B 20 -17.52 -45.36 6.75
CA LYS B 20 -18.50 -45.11 5.68
C LYS B 20 -18.56 -43.65 5.23
N ILE B 21 -18.51 -42.68 6.18
CA ILE B 21 -18.55 -41.25 5.87
C ILE B 21 -17.29 -40.86 5.11
N ALA B 22 -16.11 -41.29 5.60
CA ALA B 22 -14.79 -41.04 5.03
C ALA B 22 -14.69 -41.55 3.60
N SER B 23 -15.22 -42.76 3.35
CA SER B 23 -15.26 -43.40 2.04
C SER B 23 -16.11 -42.55 1.08
N ALA B 24 -17.24 -42.03 1.59
CA ALA B 24 -18.19 -41.16 0.88
C ALA B 24 -17.62 -39.77 0.63
N LEU B 25 -16.83 -39.22 1.58
CA LEU B 25 -16.18 -37.90 1.44
C LEU B 25 -15.05 -37.98 0.44
N SER B 26 -14.37 -39.15 0.36
CA SER B 26 -13.29 -39.41 -0.58
C SER B 26 -13.82 -39.33 -2.01
N VAL B 27 -15.07 -39.83 -2.25
CA VAL B 27 -15.73 -39.78 -3.56
C VAL B 27 -16.18 -38.36 -3.89
N LEU B 28 -16.75 -37.65 -2.90
CA LEU B 28 -17.20 -36.26 -3.05
C LEU B 28 -16.00 -35.32 -3.32
N ALA B 29 -14.85 -35.57 -2.64
CA ALA B 29 -13.61 -34.79 -2.77
C ALA B 29 -13.05 -34.79 -4.19
N GLU B 30 -13.42 -35.79 -5.01
CA GLU B 30 -13.02 -35.87 -6.42
C GLU B 30 -13.56 -34.67 -7.22
N GLU B 31 -14.64 -33.98 -6.73
CA GLU B 31 -15.24 -32.79 -7.36
C GLU B 31 -14.26 -31.64 -7.36
N VAL B 32 -13.41 -31.53 -6.32
CA VAL B 32 -12.45 -30.44 -6.11
C VAL B 32 -11.44 -30.34 -7.28
N PRO B 33 -10.59 -31.36 -7.61
CA PRO B 33 -9.69 -31.19 -8.78
C PRO B 33 -10.44 -31.11 -10.11
N GLN B 34 -11.63 -31.71 -10.19
CA GLN B 34 -12.44 -31.69 -11.41
C GLN B 34 -12.97 -30.28 -11.70
N ASN B 35 -13.54 -29.60 -10.67
CA ASN B 35 -14.02 -28.22 -10.79
C ASN B 35 -12.87 -27.27 -10.99
N HIS B 36 -11.71 -27.52 -10.34
CA HIS B 36 -10.54 -26.63 -10.47
C HIS B 36 -10.04 -26.60 -11.91
N SER B 37 -9.91 -27.79 -12.52
CA SER B 37 -9.46 -27.92 -13.92
C SER B 37 -10.47 -27.21 -14.86
N ARG B 38 -11.79 -27.31 -14.54
CA ARG B 38 -12.84 -26.66 -15.33
C ARG B 38 -12.72 -25.17 -15.22
N LEU B 39 -12.49 -24.65 -14.02
CA LEU B 39 -12.30 -23.22 -13.83
C LEU B 39 -11.07 -22.69 -14.62
N VAL B 40 -9.86 -23.20 -14.35
CA VAL B 40 -8.63 -22.76 -15.02
C VAL B 40 -8.75 -22.81 -16.55
N ASN B 41 -9.24 -23.94 -17.09
CA ASN B 41 -9.43 -24.12 -18.53
C ASN B 41 -10.41 -23.13 -19.13
N PHE B 42 -11.54 -22.88 -18.46
CA PHE B 42 -12.52 -21.88 -18.89
C PHE B 42 -11.86 -20.48 -18.93
N LEU B 43 -11.09 -20.12 -17.88
CA LEU B 43 -10.41 -18.84 -17.79
C LEU B 43 -9.35 -18.66 -18.88
N LEU B 44 -8.60 -19.75 -19.22
CA LEU B 44 -7.60 -19.68 -20.29
C LEU B 44 -8.25 -19.40 -21.64
N GLU B 45 -9.37 -20.11 -21.91
CA GLU B 45 -10.13 -20.00 -23.14
C GLU B 45 -10.77 -18.62 -23.32
N GLU B 46 -11.33 -18.05 -22.26
CA GLU B 46 -11.90 -16.70 -22.28
C GLU B 46 -10.81 -15.66 -22.51
N THR B 47 -9.62 -15.84 -21.90
CA THR B 47 -8.49 -14.93 -22.08
C THR B 47 -8.00 -15.02 -23.53
N GLU B 48 -7.80 -16.25 -24.05
CA GLU B 48 -7.34 -16.46 -25.43
C GLU B 48 -8.26 -15.79 -26.43
N LYS B 49 -9.56 -15.90 -26.24
CA LYS B 49 -10.58 -15.34 -27.13
C LYS B 49 -10.52 -13.82 -27.12
N ARG B 50 -10.23 -13.22 -25.98
CA ARG B 50 -10.27 -11.79 -25.83
C ARG B 50 -8.91 -11.11 -26.02
N ALA B 51 -7.97 -11.79 -26.72
CA ALA B 51 -6.64 -11.27 -27.04
C ALA B 51 -6.78 -9.94 -27.83
N PRO B 52 -5.99 -8.91 -27.49
CA PRO B 52 -6.18 -7.61 -28.16
C PRO B 52 -5.46 -7.47 -29.49
N GLN B 53 -6.05 -6.69 -30.41
CA GLN B 53 -5.43 -6.42 -31.70
C GLN B 53 -4.29 -5.42 -31.46
N PRO B 54 -3.11 -5.56 -32.13
CA PRO B 54 -2.05 -4.56 -31.96
C PRO B 54 -2.57 -3.18 -32.33
N ARG B 55 -2.22 -2.17 -31.52
CA ARG B 55 -2.68 -0.80 -31.72
C ARG B 55 -1.52 0.13 -32.03
N HIS B 56 -1.85 1.33 -32.56
CA HIS B 56 -0.90 2.42 -32.81
C HIS B 56 0.19 2.01 -33.80
N LEU B 57 -0.18 1.19 -34.81
CA LEU B 57 0.74 0.74 -35.84
C LEU B 57 1.00 1.88 -36.80
N SER B 58 2.27 2.02 -37.16
CA SER B 58 2.73 2.99 -38.13
C SER B 58 2.34 2.55 -39.57
N LYS B 59 2.18 3.53 -40.49
CA LYS B 59 1.80 3.25 -41.88
C LYS B 59 2.93 2.57 -42.64
N THR B 60 4.17 2.83 -42.23
CA THR B 60 5.30 2.22 -42.95
C THR B 60 6.31 1.63 -41.99
N ASP B 61 7.21 0.79 -42.51
CA ASP B 61 8.28 0.20 -41.74
C ASP B 61 9.33 1.30 -41.46
N PRO B 62 9.44 1.75 -40.19
CA PRO B 62 10.39 2.84 -39.87
C PRO B 62 11.85 2.43 -39.95
N PHE B 63 12.10 1.11 -39.96
CA PHE B 63 13.44 0.51 -40.01
C PHE B 63 13.90 0.11 -41.44
N ALA B 64 12.98 0.11 -42.43
CA ALA B 64 13.22 -0.34 -43.82
C ALA B 64 14.50 0.17 -44.48
N HIS B 65 14.82 1.48 -44.34
CA HIS B 65 15.98 2.13 -44.96
C HIS B 65 17.33 1.79 -44.29
N MET B 66 17.30 1.16 -43.11
CA MET B 66 18.51 0.85 -42.32
C MET B 66 19.15 -0.45 -42.71
N LYS B 67 20.42 -0.36 -43.03
CA LYS B 67 21.25 -1.47 -43.48
C LYS B 67 22.10 -1.99 -42.34
N SER B 68 22.53 -3.27 -42.44
CA SER B 68 23.45 -3.91 -41.50
C SER B 68 24.72 -3.05 -41.40
N LYS B 69 25.20 -2.85 -40.18
CA LYS B 69 26.40 -2.05 -39.94
C LYS B 69 27.66 -2.95 -39.89
N ALA B 70 27.48 -4.28 -40.08
CA ALA B 70 28.57 -5.27 -39.99
C ALA B 70 29.73 -5.02 -40.91
N ILE B 71 30.93 -5.06 -40.34
CA ILE B 71 32.21 -5.02 -41.04
C ILE B 71 32.80 -6.41 -40.82
N ASP B 72 33.34 -7.04 -41.87
CA ASP B 72 33.96 -8.37 -41.77
C ASP B 72 35.15 -8.38 -40.77
N ALA B 73 35.40 -9.53 -40.11
CA ALA B 73 36.49 -9.68 -39.11
C ALA B 73 37.87 -9.47 -39.73
N ASN B 74 38.01 -9.87 -40.99
CA ASN B 74 39.23 -9.79 -41.80
C ASN B 74 39.68 -8.36 -42.17
N ARG B 75 38.76 -7.37 -42.12
CA ARG B 75 39.01 -5.96 -42.49
C ARG B 75 39.72 -5.24 -41.37
N PRO B 76 40.54 -4.17 -41.65
CA PRO B 76 41.14 -3.40 -40.54
C PRO B 76 40.04 -2.64 -39.79
N ARG B 77 40.30 -2.32 -38.51
CA ARG B 77 39.32 -1.60 -37.68
C ARG B 77 39.24 -0.14 -38.10
N PRO B 78 38.01 0.44 -38.22
CA PRO B 78 37.89 1.87 -38.62
C PRO B 78 38.64 2.85 -37.70
N GLU B 79 39.18 3.91 -38.31
CA GLU B 79 39.95 4.99 -37.69
C GLU B 79 39.05 5.95 -36.97
N GLY B 80 39.34 6.17 -35.69
CA GLY B 80 38.59 7.11 -34.86
C GLY B 80 37.35 6.59 -34.17
N VAL B 81 36.42 5.95 -34.92
CA VAL B 81 35.15 5.46 -34.34
C VAL B 81 35.33 4.14 -33.53
N PRO B 82 34.69 3.99 -32.34
CA PRO B 82 34.82 2.74 -31.59
C PRO B 82 34.08 1.59 -32.26
N THR B 83 34.60 0.39 -32.05
CA THR B 83 34.11 -0.83 -32.67
C THR B 83 33.83 -1.91 -31.60
N MET B 84 32.74 -2.66 -31.78
CA MET B 84 32.36 -3.78 -30.91
C MET B 84 32.14 -5.04 -31.78
N ASP B 85 32.62 -6.19 -31.29
CA ASP B 85 32.50 -7.47 -31.97
C ASP B 85 31.27 -8.27 -31.55
N VAL B 86 30.70 -8.99 -32.51
CA VAL B 86 29.60 -9.91 -32.30
C VAL B 86 29.99 -11.20 -33.03
N LYS B 87 29.81 -12.34 -32.36
CA LYS B 87 30.10 -13.62 -32.98
C LYS B 87 28.80 -14.37 -33.17
N PHE B 88 28.44 -14.74 -34.41
CA PHE B 88 27.18 -15.46 -34.69
C PHE B 88 27.37 -16.95 -34.95
N LYS B 89 26.45 -17.79 -34.42
CA LYS B 89 26.42 -19.24 -34.68
C LYS B 89 25.07 -19.60 -35.24
N GLN B 90 25.04 -20.50 -36.22
CA GLN B 90 23.78 -20.95 -36.82
C GLN B 90 23.48 -22.36 -36.28
N HIS B 91 22.21 -22.65 -36.00
CA HIS B 91 21.78 -23.93 -35.41
C HIS B 91 20.69 -24.59 -36.22
N SER B 92 20.64 -25.92 -36.15
CA SER B 92 19.68 -26.78 -36.86
C SER B 92 19.46 -28.10 -36.11
N GLY B 93 18.37 -28.77 -36.43
CA GLY B 93 18.02 -30.05 -35.83
C GLY B 93 17.17 -29.93 -34.57
N GLU B 94 16.90 -31.08 -33.93
CA GLU B 94 16.08 -31.14 -32.71
C GLU B 94 16.83 -30.72 -31.44
N TYR B 95 18.16 -30.97 -31.40
CA TYR B 95 19.03 -30.68 -30.26
C TYR B 95 19.84 -29.35 -30.34
N GLY B 96 19.49 -28.46 -31.28
CA GLY B 96 20.14 -27.17 -31.45
C GLY B 96 21.64 -27.17 -31.74
N LYS B 97 22.14 -28.23 -32.38
CA LYS B 97 23.55 -28.34 -32.74
C LYS B 97 23.99 -27.23 -33.68
N SER B 98 25.17 -26.69 -33.38
CA SER B 98 25.83 -25.61 -34.12
C SER B 98 26.25 -26.16 -35.48
N ARG B 99 25.94 -25.42 -36.56
CA ARG B 99 26.25 -25.81 -37.95
C ARG B 99 27.76 -25.71 -38.27
N ASN B 100 28.49 -24.81 -37.57
CA ASN B 100 29.93 -24.55 -37.63
C ASN B 100 30.36 -23.71 -36.40
N SER B 101 31.67 -23.42 -36.28
CA SER B 101 32.25 -22.66 -35.16
C SER B 101 31.76 -21.21 -35.02
N GLY B 102 31.08 -20.69 -36.04
CA GLY B 102 30.57 -19.32 -36.07
C GLY B 102 31.35 -18.34 -36.94
N ARG B 103 30.86 -17.10 -37.02
CA ARG B 103 31.46 -16.00 -37.79
C ARG B 103 31.42 -14.71 -36.95
N ARG B 104 32.56 -14.02 -36.81
CA ARG B 104 32.70 -12.79 -36.04
C ARG B 104 32.63 -11.55 -36.96
N PHE B 105 31.94 -10.50 -36.53
CA PHE B 105 31.80 -9.26 -37.28
C PHE B 105 32.07 -8.08 -36.38
N GLN B 106 32.54 -6.99 -36.97
CA GLN B 106 32.88 -5.74 -36.30
C GLN B 106 31.75 -4.74 -36.54
N TYR B 107 31.37 -3.97 -35.52
CA TYR B 107 30.29 -2.99 -35.66
C TYR B 107 30.69 -1.63 -35.17
N PRO B 108 30.44 -0.56 -35.95
CA PRO B 108 30.75 0.78 -35.45
C PRO B 108 29.75 1.13 -34.36
N VAL B 109 30.19 1.91 -33.36
CA VAL B 109 29.36 2.30 -32.21
C VAL B 109 28.93 3.77 -32.28
N VAL B 110 27.65 4.05 -31.98
CA VAL B 110 27.16 5.42 -31.92
C VAL B 110 27.22 5.81 -30.45
N CYS B 111 28.14 6.71 -30.08
CA CYS B 111 28.32 7.11 -28.68
C CYS B 111 27.42 8.27 -28.34
N ILE B 112 26.50 8.05 -27.37
CA ILE B 112 25.55 9.06 -26.91
C ILE B 112 25.80 9.40 -25.44
N LYS B 113 26.26 10.64 -25.21
CA LYS B 113 26.53 11.16 -23.87
C LYS B 113 25.22 11.62 -23.24
N PRO B 114 24.91 11.21 -21.99
CA PRO B 114 23.69 11.73 -21.34
C PRO B 114 23.86 13.25 -21.11
N ASP B 115 22.77 14.03 -21.18
CA ASP B 115 22.92 15.48 -20.99
C ASP B 115 22.25 16.02 -19.70
N ARG B 116 21.59 15.15 -18.93
CA ARG B 116 20.96 15.61 -17.70
C ARG B 116 21.40 14.77 -16.53
N GLU B 117 21.67 15.42 -15.40
CA GLU B 117 22.03 14.69 -14.19
C GLU B 117 20.74 14.23 -13.52
N PRO B 118 20.72 13.13 -12.73
CA PRO B 118 19.49 12.78 -12.00
C PRO B 118 19.26 13.80 -10.89
N VAL B 119 18.06 13.80 -10.27
CA VAL B 119 17.77 14.70 -9.14
C VAL B 119 18.51 14.15 -7.92
N PRO B 120 18.76 14.92 -6.82
CA PRO B 120 19.39 14.32 -5.63
C PRO B 120 18.59 13.09 -5.17
N PRO B 121 19.30 12.03 -4.72
CA PRO B 121 18.61 10.78 -4.37
C PRO B 121 17.61 10.86 -3.21
N TYR B 122 16.72 9.87 -3.14
CA TYR B 122 15.71 9.76 -2.07
C TYR B 122 15.09 8.37 -2.10
N ARG B 123 14.46 8.02 -1.00
CA ARG B 123 13.71 6.79 -0.81
C ARG B 123 12.25 7.18 -0.42
N PHE B 124 11.25 6.48 -1.03
CA PHE B 124 9.78 6.67 -0.86
C PHE B 124 9.29 7.97 -1.46
N HIS B 125 7.97 8.08 -1.61
CA HIS B 125 7.31 9.28 -2.06
C HIS B 125 7.11 10.19 -0.85
N HIS B 126 7.72 11.37 -0.89
CA HIS B 126 7.61 12.33 0.21
C HIS B 126 6.29 13.14 0.10
N ALA B 127 5.28 12.77 0.91
CA ALA B 127 3.98 13.46 0.97
C ALA B 127 3.93 14.43 2.19
N GLU B 128 3.23 15.52 1.99
CA GLU B 128 3.09 16.57 2.98
C GLU B 128 1.90 16.29 3.89
N ILE B 129 2.09 16.49 5.20
CA ILE B 129 1.01 16.39 6.19
C ILE B 129 0.90 17.74 6.90
N ARG B 130 -0.32 18.21 7.15
CA ARG B 130 -0.56 19.46 7.88
C ARG B 130 -0.13 19.32 9.36
N LYS B 131 -0.35 18.14 9.95
CA LYS B 131 -0.05 17.89 11.35
C LYS B 131 0.55 16.50 11.51
N ASN B 132 1.23 16.26 12.62
CA ASN B 132 1.80 14.94 12.94
C ASN B 132 0.71 13.87 12.90
N ILE B 133 1.05 12.71 12.32
CA ILE B 133 0.10 11.60 12.23
C ILE B 133 0.59 10.46 13.10
N LEU B 134 -0.34 9.76 13.71
CA LEU B 134 0.00 8.63 14.57
C LEU B 134 0.24 7.36 13.74
N ALA B 135 1.35 6.70 13.98
CA ALA B 135 1.68 5.46 13.28
C ALA B 135 1.48 4.21 14.15
N LEU B 136 1.33 3.06 13.47
CA LEU B 136 1.25 1.79 14.19
C LEU B 136 2.63 1.20 14.27
N ASN B 137 2.86 0.25 15.19
CA ASN B 137 4.15 -0.45 15.27
C ASN B 137 4.19 -1.42 14.10
N SER B 138 5.36 -1.66 13.54
CA SER B 138 5.46 -2.51 12.36
C SER B 138 6.49 -3.62 12.53
N GLN B 139 6.32 -4.67 11.71
CA GLN B 139 7.17 -5.86 11.66
C GLN B 139 7.81 -5.93 10.25
N LEU B 140 9.01 -6.54 10.15
CA LEU B 140 9.67 -6.80 8.87
C LEU B 140 9.07 -8.11 8.33
N ASN B 141 8.37 -8.02 7.18
CA ASN B 141 7.67 -9.12 6.49
C ASN B 141 8.40 -9.60 5.20
N PHE B 142 9.66 -9.16 4.99
CA PHE B 142 10.43 -9.58 3.81
C PHE B 142 11.91 -9.69 4.12
N VAL B 143 12.71 -9.99 3.08
CA VAL B 143 14.14 -10.14 3.21
C VAL B 143 14.78 -8.92 2.53
N PRO B 144 15.33 -7.94 3.29
CA PRO B 144 15.98 -6.82 2.61
C PRO B 144 17.28 -7.31 1.93
N HIS B 145 17.28 -7.32 0.58
CA HIS B 145 18.43 -7.69 -0.25
C HIS B 145 19.23 -6.40 -0.48
N LEU B 146 20.53 -6.43 -0.16
CA LEU B 146 21.38 -5.24 -0.29
C LEU B 146 22.34 -5.32 -1.48
N ARG B 147 22.90 -6.51 -1.70
CA ARG B 147 23.89 -6.82 -2.74
C ARG B 147 24.07 -8.32 -2.79
N ASP B 148 24.80 -8.80 -3.79
CA ASP B 148 25.09 -10.21 -3.88
C ASP B 148 26.26 -10.49 -2.95
N VAL B 149 26.22 -11.63 -2.29
CA VAL B 149 27.23 -12.10 -1.34
C VAL B 149 27.69 -13.49 -1.78
N ASP B 150 29.00 -13.69 -1.87
CA ASP B 150 29.55 -14.98 -2.27
C ASP B 150 29.29 -16.02 -1.19
N PRO B 151 28.91 -17.27 -1.55
CA PRO B 151 28.62 -18.27 -0.49
C PRO B 151 29.88 -18.65 0.26
N ASN B 152 29.77 -18.72 1.60
CA ASN B 152 30.83 -19.03 2.56
C ASN B 152 31.93 -17.94 2.52
N SER B 153 31.50 -16.68 2.69
CA SER B 153 32.38 -15.52 2.70
C SER B 153 32.11 -14.61 3.91
N ALA B 154 33.00 -13.64 4.16
CA ALA B 154 32.89 -12.65 5.23
C ALA B 154 31.65 -11.78 5.01
N GLU B 155 31.35 -11.41 3.72
CA GLU B 155 30.17 -10.60 3.34
C GLU B 155 28.86 -11.34 3.57
N GLU B 156 28.81 -12.66 3.25
CA GLU B 156 27.63 -13.50 3.49
C GLU B 156 27.31 -13.52 4.98
N GLN B 157 28.37 -13.71 5.82
CA GLN B 157 28.29 -13.74 7.28
C GLN B 157 27.81 -12.40 7.87
N LYS B 158 28.32 -11.28 7.34
CA LYS B 158 27.99 -9.92 7.75
C LYS B 158 26.52 -9.66 7.46
N TYR B 159 26.09 -10.03 6.23
CA TYR B 159 24.71 -9.90 5.78
C TYR B 159 23.73 -10.76 6.61
N SER B 160 24.06 -12.06 6.83
CA SER B 160 23.21 -12.97 7.58
C SER B 160 23.13 -12.60 9.10
N ALA B 161 24.18 -11.94 9.65
CA ALA B 161 24.23 -11.43 11.04
C ALA B 161 23.26 -10.22 11.19
N TRP B 162 23.23 -9.32 10.17
CA TRP B 162 22.34 -8.15 10.11
C TRP B 162 20.88 -8.59 10.04
N LEU B 163 20.58 -9.64 9.24
CA LEU B 163 19.22 -10.17 9.11
C LEU B 163 18.78 -10.76 10.45
N MET B 164 19.72 -11.42 11.15
CA MET B 164 19.46 -12.03 12.44
C MET B 164 19.15 -10.96 13.48
N ASP B 165 19.94 -9.87 13.48
CA ASP B 165 19.75 -8.70 14.35
C ASP B 165 18.34 -8.09 14.14
N LEU B 166 17.92 -7.92 12.85
CA LEU B 166 16.60 -7.43 12.46
C LEU B 166 15.48 -8.33 13.06
N GLU B 167 15.67 -9.67 12.98
CA GLU B 167 14.75 -10.68 13.48
C GLU B 167 14.72 -10.64 15.03
N ASN B 168 15.87 -10.32 15.66
CA ASN B 168 15.99 -10.18 17.12
C ASN B 168 15.23 -8.97 17.67
N LEU B 169 15.04 -7.92 16.83
CA LEU B 169 14.28 -6.72 17.19
C LEU B 169 12.78 -7.01 17.18
N ASP B 170 12.31 -7.84 16.22
CA ASP B 170 10.90 -8.20 16.10
C ASP B 170 10.46 -9.11 17.25
N SER B 171 11.34 -10.07 17.66
CA SER B 171 11.05 -10.99 18.77
C SER B 171 10.98 -10.18 20.07
N LYS B 172 11.86 -9.15 20.18
CA LYS B 172 11.96 -8.19 21.28
C LYS B 172 10.82 -7.16 21.25
N SER B 173 10.15 -7.01 20.09
CA SER B 173 9.06 -6.04 19.92
C SER B 173 7.78 -6.44 20.64
N GLY B 174 7.49 -7.74 20.65
CA GLY B 174 6.28 -8.28 21.25
C GLY B 174 5.15 -8.25 20.24
N PHE B 175 5.28 -9.10 19.18
CA PHE B 175 4.30 -9.24 18.09
C PHE B 175 4.36 -10.65 17.49
N PRO B 179 8.02 -17.84 12.75
CA PRO B 179 8.93 -18.84 12.17
C PRO B 179 8.55 -19.15 10.72
N ARG B 180 9.52 -18.98 9.79
CA ARG B 180 9.33 -19.17 8.34
C ARG B 180 8.58 -20.45 7.98
N SER B 181 9.07 -21.64 8.42
CA SER B 181 8.47 -22.96 8.15
C SER B 181 6.97 -23.01 8.46
N GLN B 182 6.56 -22.37 9.58
CA GLN B 182 5.17 -22.29 10.03
C GLN B 182 4.35 -21.33 9.16
N LYS B 183 4.94 -20.18 8.78
CA LYS B 183 4.28 -19.19 7.94
C LYS B 183 3.98 -19.79 6.56
N ILE B 184 4.95 -20.54 5.98
CA ILE B 184 4.76 -21.24 4.70
C ILE B 184 3.63 -22.28 4.83
N ALA B 185 3.66 -23.12 5.89
CA ALA B 185 2.65 -24.16 6.15
C ALA B 185 1.24 -23.58 6.33
N LYS B 186 1.13 -22.50 7.15
CA LYS B 186 -0.08 -21.74 7.45
C LYS B 186 -0.69 -21.13 6.18
N ARG B 187 0.14 -20.48 5.33
CA ARG B 187 -0.34 -19.89 4.06
C ARG B 187 -0.92 -20.95 3.18
N ALA B 188 -0.21 -22.07 3.06
CA ALA B 188 -0.65 -23.21 2.25
C ALA B 188 -1.97 -23.81 2.80
N GLN B 189 -2.11 -23.87 4.13
CA GLN B 189 -3.32 -24.39 4.80
C GLN B 189 -4.51 -23.42 4.62
N ALA B 190 -4.26 -22.10 4.74
CA ALA B 190 -5.27 -21.06 4.54
C ALA B 190 -5.84 -21.12 3.14
N GLU B 191 -5.03 -21.34 2.11
CA GLU B 191 -5.53 -21.46 0.72
C GLU B 191 -6.37 -22.73 0.54
N TYR B 192 -5.90 -23.84 1.09
CA TYR B 192 -6.65 -25.11 1.00
C TYR B 192 -8.00 -25.04 1.77
N ALA B 193 -8.05 -24.28 2.87
CA ALA B 193 -9.28 -24.06 3.66
C ALA B 193 -10.27 -23.22 2.85
N ALA B 194 -9.77 -22.20 2.11
CA ALA B 194 -10.64 -21.35 1.27
C ALA B 194 -11.21 -22.14 0.11
N THR B 195 -10.40 -23.05 -0.46
CA THR B 195 -10.82 -23.95 -1.55
C THR B 195 -11.95 -24.90 -1.08
N LEU B 196 -11.81 -25.53 0.11
CA LEU B 196 -12.79 -26.52 0.61
C LEU B 196 -14.04 -25.95 1.26
N ALA B 197 -13.97 -24.75 1.89
CA ALA B 197 -15.12 -24.09 2.55
C ALA B 197 -16.42 -24.06 1.67
N PRO B 198 -16.40 -23.69 0.35
CA PRO B 198 -17.67 -23.72 -0.42
C PRO B 198 -18.24 -25.11 -0.64
N TYR B 199 -17.48 -26.18 -0.41
CA TYR B 199 -17.92 -27.56 -0.61
C TYR B 199 -18.62 -28.18 0.57
N LEU B 200 -18.34 -27.71 1.79
CA LEU B 200 -18.90 -28.32 3.01
C LEU B 200 -20.43 -28.42 3.02
N GLU B 201 -21.14 -27.30 2.83
CA GLU B 201 -22.62 -27.35 2.85
C GLU B 201 -23.19 -28.18 1.69
N PRO B 202 -22.78 -28.03 0.41
CA PRO B 202 -23.30 -28.94 -0.62
C PRO B 202 -23.10 -30.42 -0.27
N TRP B 203 -21.89 -30.79 0.26
CA TRP B 203 -21.57 -32.15 0.66
C TRP B 203 -22.44 -32.66 1.80
N LEU B 204 -22.65 -31.83 2.84
CA LEU B 204 -23.52 -32.15 3.98
C LEU B 204 -24.95 -32.44 3.53
N ARG B 205 -25.45 -31.67 2.55
CA ARG B 205 -26.79 -31.90 1.97
C ARG B 205 -26.86 -33.23 1.23
N LYS B 206 -25.84 -33.52 0.37
CA LYS B 206 -25.73 -34.74 -0.44
C LYS B 206 -25.66 -36.02 0.42
N LEU B 207 -24.95 -35.96 1.55
CA LEU B 207 -24.79 -37.08 2.49
C LEU B 207 -26.07 -37.31 3.29
N ASN B 208 -26.81 -36.20 3.56
CA ASN B 208 -28.10 -36.14 4.24
C ASN B 208 -28.12 -36.89 5.59
N ILE B 209 -27.06 -36.69 6.39
CA ILE B 209 -26.94 -37.27 7.74
C ILE B 209 -27.73 -36.32 8.67
N GLU B 210 -28.63 -36.90 9.49
CA GLU B 210 -29.54 -36.18 10.40
C GLU B 210 -28.84 -35.24 11.39
N CYS B 212 -25.89 -34.14 10.55
CA CYS B 212 -24.72 -33.31 10.27
C CYS B 212 -25.09 -32.09 9.48
N THR B 213 -25.06 -30.95 10.16
CA THR B 213 -25.29 -29.61 9.63
C THR B 213 -24.07 -28.84 10.11
N LYS B 214 -23.75 -27.71 9.47
CA LYS B 214 -22.61 -26.88 9.85
C LYS B 214 -22.73 -26.41 11.32
N SER B 215 -23.94 -25.96 11.73
CA SER B 215 -24.24 -25.51 13.11
C SER B 215 -23.94 -26.59 14.14
N ASN B 216 -24.30 -27.84 13.81
CA ASN B 216 -24.05 -29.01 14.64
C ASN B 216 -22.56 -29.34 14.73
N LEU B 217 -21.82 -29.07 13.63
CA LEU B 217 -20.38 -29.30 13.58
C LEU B 217 -19.61 -28.21 14.31
N ILE B 218 -20.13 -26.96 14.32
CA ILE B 218 -19.56 -25.82 15.07
C ILE B 218 -19.80 -26.10 16.57
N ARG B 219 -21.01 -26.60 16.92
CA ARG B 219 -21.37 -26.94 18.30
C ARG B 219 -20.42 -28.01 18.85
N PHE B 220 -20.16 -29.08 18.07
CA PHE B 220 -19.25 -30.16 18.42
C PHE B 220 -17.80 -29.65 18.65
N MET B 221 -17.31 -28.78 17.75
CA MET B 221 -15.99 -28.17 17.82
C MET B 221 -15.87 -27.36 19.13
N ALA B 222 -16.87 -26.53 19.45
CA ALA B 222 -16.93 -25.71 20.66
C ALA B 222 -16.90 -26.58 21.92
N SER B 223 -17.47 -27.80 21.85
CA SER B 223 -17.53 -28.80 22.92
C SER B 223 -16.35 -29.80 22.76
N GLN B 224 -15.16 -29.30 22.38
CA GLN B 224 -13.96 -30.12 22.12
C GLN B 224 -12.65 -29.33 22.29
N PRO B 225 -11.65 -29.88 23.03
CA PRO B 225 -10.35 -29.17 23.13
C PRO B 225 -9.50 -29.28 21.85
N GLU B 226 -8.74 -28.23 21.44
CA GLU B 226 -8.55 -26.94 22.11
C GLU B 226 -8.90 -25.78 21.19
N THR B 232 -10.10 -20.71 22.75
CA THR B 232 -9.86 -20.84 24.19
C THR B 232 -10.92 -20.06 25.02
N PRO B 233 -11.60 -20.71 26.02
CA PRO B 233 -12.63 -20.00 26.82
C PRO B 233 -12.15 -18.71 27.50
N GLN B 234 -12.94 -17.60 27.53
CA GLN B 234 -14.34 -17.44 27.16
C GLN B 234 -14.70 -17.33 25.65
N GLN B 235 -13.76 -17.63 24.72
CA GLN B 235 -14.10 -17.62 23.28
C GLN B 235 -15.09 -18.75 22.98
N LYS B 236 -14.88 -19.93 23.60
CA LYS B 236 -15.76 -21.11 23.48
C LYS B 236 -17.09 -20.86 24.17
N SER B 237 -17.11 -19.96 25.17
CA SER B 237 -18.30 -19.57 25.93
C SER B 237 -19.18 -18.70 25.05
N ASN B 238 -18.56 -17.72 24.36
CA ASN B 238 -19.19 -16.79 23.42
C ASN B 238 -19.90 -17.52 22.28
N LEU B 239 -19.27 -18.59 21.77
CA LEU B 239 -19.80 -19.44 20.69
C LEU B 239 -21.00 -20.25 21.17
N LEU B 240 -20.87 -20.98 22.29
CA LEU B 240 -21.95 -21.76 22.88
C LEU B 240 -23.13 -20.88 23.33
N ASP B 241 -22.87 -19.60 23.66
CA ASP B 241 -23.90 -18.63 24.07
C ASP B 241 -24.90 -18.37 22.93
N THR B 242 -24.39 -18.29 21.67
CA THR B 242 -25.20 -18.07 20.48
C THR B 242 -25.69 -19.41 19.85
N TYR B 243 -24.86 -20.48 19.89
CA TYR B 243 -25.18 -21.79 19.30
C TYR B 243 -25.96 -22.80 20.17
N SER B 244 -25.78 -22.77 21.51
CA SER B 244 -26.34 -23.74 22.48
C SER B 244 -25.60 -25.11 22.33
N ASP B 245 -26.20 -26.22 22.77
CA ASP B 245 -25.60 -27.57 22.69
C ASP B 245 -26.42 -28.53 21.83
N ASP B 246 -27.69 -28.17 21.52
CA ASP B 246 -28.61 -28.97 20.71
C ASP B 246 -28.36 -28.77 19.22
N ALA B 252 -30.57 -34.54 19.30
CA ALA B 252 -30.66 -35.96 19.64
C ALA B 252 -29.29 -36.65 19.53
N VAL B 253 -29.16 -37.74 18.74
CA VAL B 253 -27.92 -38.47 18.50
C VAL B 253 -26.92 -37.57 17.67
N ARG B 254 -25.81 -37.19 18.33
CA ARG B 254 -24.79 -36.28 17.80
C ARG B 254 -23.63 -37.00 17.14
N ASN B 255 -23.83 -37.42 15.88
CA ASN B 255 -22.83 -38.09 15.05
C ASN B 255 -22.06 -37.06 14.19
N ALA B 256 -21.91 -35.86 14.78
CA ALA B 256 -21.14 -34.73 14.29
C ALA B 256 -19.68 -35.16 14.47
N SER B 257 -19.43 -35.94 15.53
CA SER B 257 -18.17 -36.57 15.93
C SER B 257 -17.64 -37.49 14.81
N MET B 258 -18.54 -38.34 14.27
CA MET B 258 -18.23 -39.29 13.20
C MET B 258 -17.85 -38.58 11.92
N PHE B 259 -18.61 -37.51 11.56
CA PHE B 259 -18.33 -36.73 10.37
C PHE B 259 -17.01 -35.99 10.56
N THR B 260 -16.76 -35.43 11.77
CA THR B 260 -15.54 -34.68 12.09
C THR B 260 -14.30 -35.57 11.93
N GLU B 261 -14.35 -36.80 12.45
CA GLU B 261 -13.27 -37.79 12.39
C GLU B 261 -12.99 -38.20 10.94
N ALA B 262 -14.06 -38.54 10.18
CA ALA B 262 -14.01 -38.89 8.76
C ALA B 262 -13.36 -37.76 7.95
N TRP B 263 -13.81 -36.48 8.16
CA TRP B 263 -13.25 -35.30 7.52
C TRP B 263 -11.75 -35.18 7.79
N ASP B 264 -11.34 -35.34 9.08
CA ASP B 264 -9.93 -35.24 9.47
C ASP B 264 -9.09 -36.37 8.85
N ARG B 265 -9.69 -37.58 8.71
CA ARG B 265 -9.02 -38.71 8.08
C ARG B 265 -8.75 -38.43 6.60
N VAL B 266 -9.68 -37.76 5.91
CA VAL B 266 -9.59 -37.50 4.48
C VAL B 266 -8.81 -36.21 4.14
N PHE B 267 -9.07 -35.10 4.86
CA PHE B 267 -8.48 -33.81 4.50
C PHE B 267 -7.35 -33.34 5.42
N ASN B 268 -7.16 -33.94 6.59
CA ASN B 268 -6.09 -33.55 7.50
C ASN B 268 -5.05 -34.68 7.71
N ASP B 269 -4.42 -35.12 6.59
CA ASP B 269 -3.40 -36.17 6.58
C ASP B 269 -2.06 -35.61 7.06
N GLN B 270 -1.36 -36.40 7.90
CA GLN B 270 -0.05 -36.02 8.44
C GLN B 270 1.11 -36.28 7.44
N ARG B 274 -0.76 -29.68 1.44
CA ARG B 274 -2.15 -29.21 1.48
C ARG B 274 -3.02 -30.14 2.32
N ARG B 275 -3.23 -29.75 3.61
CA ARG B 275 -4.04 -30.45 4.60
C ARG B 275 -4.87 -29.43 5.42
N VAL B 276 -6.03 -29.85 5.97
CA VAL B 276 -6.89 -28.96 6.75
C VAL B 276 -7.87 -29.73 7.61
N ALA B 277 -7.95 -29.37 8.90
CA ALA B 277 -8.92 -30.02 9.80
C ALA B 277 -10.26 -29.28 9.65
N LEU B 278 -11.40 -29.95 9.94
CA LEU B 278 -12.73 -29.32 9.84
C LEU B 278 -12.79 -28.04 10.70
N ARG B 279 -12.05 -28.06 11.82
CA ARG B 279 -11.89 -26.98 12.77
C ARG B 279 -11.41 -25.72 12.07
N ASP B 280 -10.40 -25.84 11.17
CA ASP B 280 -9.80 -24.70 10.49
C ASP B 280 -10.74 -24.00 9.54
N ILE B 281 -11.61 -24.77 8.90
CA ILE B 281 -12.65 -24.26 8.01
C ILE B 281 -13.72 -23.59 8.89
N LEU B 282 -14.25 -24.32 9.90
CA LEU B 282 -15.28 -23.80 10.82
C LEU B 282 -14.87 -22.50 11.53
N MET B 283 -13.59 -22.39 11.94
CA MET B 283 -13.08 -21.17 12.58
C MET B 283 -13.11 -19.94 11.63
N LEU B 284 -13.07 -20.17 10.31
CA LEU B 284 -13.10 -19.07 9.34
C LEU B 284 -14.51 -18.78 8.84
N ASP B 285 -15.51 -19.58 9.26
CA ASP B 285 -16.92 -19.42 8.87
C ASP B 285 -17.52 -18.06 9.26
N LYS B 286 -18.42 -17.54 8.42
CA LYS B 286 -19.07 -16.24 8.64
C LYS B 286 -19.90 -16.20 9.93
N ASN B 287 -20.48 -17.34 10.33
CA ASN B 287 -21.27 -17.45 11.57
C ASN B 287 -20.42 -17.88 12.77
N VAL B 288 -19.07 -17.74 12.70
CA VAL B 288 -18.15 -18.14 13.76
C VAL B 288 -17.11 -17.07 14.04
N GLU B 289 -16.27 -16.75 13.04
CA GLU B 289 -15.15 -15.83 13.20
C GLU B 289 -15.52 -14.46 13.84
N PRO B 290 -16.59 -13.71 13.43
CA PRO B 290 -16.85 -12.42 14.09
C PRO B 290 -17.26 -12.54 15.56
N ILE B 291 -17.68 -13.75 16.00
CA ILE B 291 -18.04 -14.00 17.41
C ILE B 291 -16.73 -14.27 18.24
N PHE B 292 -15.58 -13.71 17.77
CA PHE B 292 -14.25 -13.71 18.37
C PHE B 292 -13.62 -12.32 18.20
N GLU B 309 -30.23 4.84 40.31
CA GLU B 309 -29.08 4.95 39.41
C GLU B 309 -29.25 4.18 38.08
N ALA B 310 -30.41 3.49 37.88
CA ALA B 310 -30.75 2.71 36.68
C ALA B 310 -30.76 3.52 35.38
N LEU B 311 -31.36 4.75 35.42
CA LEU B 311 -31.40 5.70 34.29
C LEU B 311 -29.98 6.00 33.83
N MET B 312 -29.08 6.32 34.79
CA MET B 312 -27.68 6.63 34.54
C MET B 312 -26.91 5.46 33.94
N GLN B 313 -27.15 4.21 34.43
CA GLN B 313 -26.48 3.03 33.85
C GLN B 313 -26.91 2.84 32.40
N LYS B 314 -28.20 3.07 32.08
CA LYS B 314 -28.73 3.00 30.72
C LYS B 314 -28.00 4.05 29.86
N VAL B 315 -27.86 5.29 30.37
CA VAL B 315 -27.19 6.41 29.68
C VAL B 315 -25.71 6.08 29.42
N ILE B 316 -24.98 5.61 30.45
CA ILE B 316 -23.55 5.21 30.34
C ILE B 316 -23.38 4.16 29.22
N ASP B 317 -24.25 3.15 29.21
CA ASP B 317 -24.24 2.05 28.23
C ASP B 317 -24.50 2.56 26.83
N ALA B 318 -25.46 3.52 26.71
CA ALA B 318 -25.87 4.12 25.43
C ALA B 318 -24.79 4.96 24.78
N LEU B 319 -24.00 5.69 25.59
CA LEU B 319 -22.99 6.62 25.15
C LEU B 319 -21.58 6.03 25.04
N GLY B 320 -21.43 4.74 25.36
CA GLY B 320 -20.18 3.98 25.38
C GLY B 320 -19.19 4.24 24.25
N SER B 321 -19.64 4.13 22.99
CA SER B 321 -18.77 4.31 21.83
C SER B 321 -18.22 5.74 21.73
N TYR B 322 -19.03 6.72 22.13
CA TYR B 322 -18.70 8.14 22.05
C TYR B 322 -17.74 8.59 23.15
N THR B 323 -17.87 8.00 24.35
CA THR B 323 -17.05 8.33 25.50
C THR B 323 -15.74 7.58 25.41
N THR B 324 -15.75 6.37 24.82
CA THR B 324 -14.53 5.56 24.61
C THR B 324 -13.61 6.08 23.47
N LEU B 325 -14.19 6.61 22.37
CA LEU B 325 -13.42 7.02 21.19
C LEU B 325 -13.31 8.51 20.93
N GLY B 326 -14.29 9.29 21.35
CA GLY B 326 -14.33 10.73 21.11
C GLY B 326 -13.14 11.44 21.71
N CYS B 327 -12.26 12.00 20.85
CA CYS B 327 -11.06 12.68 21.26
C CYS B 327 -11.33 13.96 22.03
N LEU B 328 -10.67 14.13 23.19
CA LEU B 328 -10.83 15.35 23.99
C LEU B 328 -10.24 16.60 23.31
N ILE B 329 -9.22 16.39 22.46
CA ILE B 329 -8.48 17.43 21.75
C ILE B 329 -9.15 17.85 20.44
N CYS B 330 -9.35 16.89 19.49
CA CYS B 330 -9.80 17.23 18.14
C CYS B 330 -11.27 16.84 17.82
N PHE B 331 -11.95 16.11 18.73
CA PHE B 331 -13.37 15.77 18.64
C PHE B 331 -13.73 14.67 17.62
N SER B 332 -12.75 13.98 17.06
CA SER B 332 -12.93 12.88 16.11
C SER B 332 -12.82 11.53 16.82
N HIS B 333 -13.42 10.47 16.25
CA HIS B 333 -13.43 9.14 16.85
C HIS B 333 -12.32 8.25 16.34
N ASP B 334 -11.56 8.72 15.34
CA ASP B 334 -10.37 8.05 14.83
C ASP B 334 -9.43 9.16 14.40
N CYS B 335 -8.36 9.39 15.15
CA CYS B 335 -7.52 10.55 14.91
C CYS B 335 -6.05 10.29 15.19
N GLU B 336 -5.26 11.38 15.31
CA GLU B 336 -3.82 11.33 15.57
C GLU B 336 -3.44 11.34 17.05
N HIS B 337 -4.44 11.49 17.95
CA HIS B 337 -4.22 11.51 19.40
C HIS B 337 -4.43 10.16 20.02
N GLY B 338 -3.94 9.98 21.22
CA GLY B 338 -4.02 8.69 21.88
C GLY B 338 -2.71 7.95 21.83
N GLU B 339 -2.69 6.79 22.43
CA GLU B 339 -1.49 5.97 22.53
C GLU B 339 -1.72 4.62 21.86
N ILE B 340 -0.67 4.11 21.25
CA ILE B 340 -0.62 2.79 20.60
C ILE B 340 0.19 1.86 21.51
N GLU B 341 -0.42 0.76 21.94
CA GLU B 341 0.27 -0.24 22.74
C GLU B 341 1.17 -1.10 21.84
N ARG B 342 2.08 -1.88 22.44
CA ARG B 342 3.03 -2.75 21.71
C ARG B 342 2.37 -3.69 20.70
N ASP B 343 1.11 -4.14 20.97
CA ASP B 343 0.33 -5.04 20.10
C ASP B 343 -0.59 -4.29 19.09
N ASN B 344 -0.44 -2.95 19.02
CA ASN B 344 -1.18 -2.03 18.15
C ASN B 344 -2.63 -1.80 18.59
N GLN B 345 -2.91 -2.10 19.85
CA GLN B 345 -4.21 -1.75 20.44
C GLN B 345 -4.10 -0.24 20.79
N LYS B 346 -5.18 0.50 20.60
CA LYS B 346 -5.16 1.94 20.83
C LYS B 346 -5.95 2.38 22.04
N ARG B 347 -5.34 3.26 22.85
CA ARG B 347 -5.95 3.93 23.98
C ARG B 347 -6.23 5.35 23.49
N CYS B 348 -7.48 5.64 23.13
CA CYS B 348 -7.89 6.96 22.67
C CYS B 348 -7.76 8.01 23.78
N PHE B 349 -7.48 9.25 23.41
CA PHE B 349 -7.41 10.34 24.39
C PHE B 349 -8.85 10.84 24.50
N SER B 350 -9.66 10.05 25.19
CA SER B 350 -11.11 10.22 25.32
C SER B 350 -11.58 10.42 26.74
N LEU B 351 -12.92 10.52 26.91
CA LEU B 351 -13.59 10.62 28.21
C LEU B 351 -13.24 9.45 29.13
N GLU B 352 -13.02 8.24 28.56
CA GLU B 352 -12.62 7.04 29.29
C GLU B 352 -11.30 7.21 30.00
N GLU B 353 -10.35 7.91 29.35
CA GLU B 353 -9.02 8.19 29.91
C GLU B 353 -9.11 9.00 31.21
N ILE B 354 -10.21 9.77 31.40
CA ILE B 354 -10.47 10.62 32.56
C ILE B 354 -11.70 10.13 33.40
N GLY B 355 -11.85 8.80 33.52
CA GLY B 355 -12.88 8.17 34.35
C GLY B 355 -14.27 7.90 33.76
N GLY B 356 -14.45 8.14 32.47
CA GLY B 356 -15.71 7.93 31.77
C GLY B 356 -16.64 9.13 31.89
N LEU B 357 -17.92 8.91 31.62
CA LEU B 357 -18.99 9.91 31.64
C LEU B 357 -19.29 10.57 33.02
N MET B 358 -19.50 9.73 34.04
CA MET B 358 -19.96 10.13 35.37
C MET B 358 -19.08 11.17 36.09
N PRO B 359 -17.73 11.02 36.21
CA PRO B 359 -16.96 12.06 36.93
C PRO B 359 -17.11 13.45 36.31
N SER B 360 -17.17 13.51 34.97
CA SER B 360 -17.34 14.77 34.25
C SER B 360 -18.81 15.28 34.30
N LEU B 361 -19.79 14.36 34.14
CA LEU B 361 -21.22 14.69 34.18
C LEU B 361 -21.65 15.18 35.56
N ARG B 362 -21.18 14.52 36.66
CA ARG B 362 -21.46 14.96 38.05
C ARG B 362 -20.99 16.41 38.30
N ARG B 363 -19.77 16.76 37.84
CA ARG B 363 -19.18 18.10 37.98
C ARG B 363 -19.95 19.18 37.23
N LYS B 364 -20.50 18.83 36.05
CA LYS B 364 -21.33 19.70 35.23
C LYS B 364 -22.62 20.05 36.00
N TRP B 365 -23.28 19.03 36.60
CA TRP B 365 -24.54 19.20 37.35
C TRP B 365 -24.35 20.16 38.49
N ALA B 366 -23.24 20.01 39.26
CA ALA B 366 -22.84 20.86 40.39
C ALA B 366 -22.64 22.31 39.93
N ALA B 367 -21.87 22.48 38.83
CA ALA B 367 -21.59 23.79 38.22
C ALA B 367 -22.86 24.49 37.67
N GLN B 368 -23.96 23.72 37.49
CA GLN B 368 -25.24 24.24 37.02
C GLN B 368 -26.09 24.76 38.20
N ILE B 369 -26.23 23.95 39.27
CA ILE B 369 -27.04 24.28 40.45
C ILE B 369 -26.45 25.49 41.22
N GLU B 370 -25.13 25.76 41.05
CA GLU B 370 -24.41 26.87 41.67
C GLU B 370 -24.51 28.20 40.87
N GLN B 371 -25.28 28.21 39.76
CA GLN B 371 -25.51 29.37 38.91
C GLN B 371 -26.89 30.00 39.17
N PRO B 387 -36.82 31.07 24.71
CA PRO B 387 -37.64 31.14 23.49
C PRO B 387 -38.19 29.77 23.07
N PRO B 388 -39.53 29.65 22.81
CA PRO B 388 -40.09 28.34 22.40
C PRO B 388 -39.72 27.92 20.99
N CYS B 389 -39.72 26.60 20.73
CA CYS B 389 -39.40 26.00 19.43
C CYS B 389 -40.52 26.18 18.38
N ARG B 390 -40.19 25.94 17.10
CA ARG B 390 -41.11 26.03 15.95
C ARG B 390 -41.59 24.61 15.54
N ASN B 391 -41.86 23.74 16.54
CA ASN B 391 -42.29 22.35 16.37
C ASN B 391 -43.34 21.98 17.43
N GLU B 392 -44.46 22.74 17.47
CA GLU B 392 -45.57 22.57 18.43
C GLU B 392 -45.02 22.42 19.86
N CYS B 393 -44.30 23.46 20.31
CA CYS B 393 -43.63 23.51 21.61
C CYS B 393 -44.54 23.27 22.82
N TYR B 394 -43.98 22.70 23.90
CA TYR B 394 -44.70 22.39 25.14
C TYR B 394 -45.12 23.67 25.89
N ILE B 396 -47.14 27.60 22.60
CA ILE B 396 -46.77 26.50 23.48
C ILE B 396 -47.99 25.67 23.94
N HIS B 397 -48.31 24.63 23.16
CA HIS B 397 -49.41 23.72 23.46
C HIS B 397 -48.87 22.42 24.07
N GLY B 398 -48.70 22.42 25.39
CA GLY B 398 -48.14 21.31 26.17
C GLY B 398 -48.89 20.01 26.20
N THR B 399 -48.45 19.10 27.12
CA THR B 399 -48.95 17.73 27.42
C THR B 399 -50.07 17.27 26.48
N PRO B 407 -49.12 7.25 18.88
CA PRO B 407 -47.95 6.62 18.24
C PRO B 407 -46.96 6.10 19.29
N PRO B 408 -46.91 4.76 19.53
CA PRO B 408 -46.04 4.21 20.59
C PRO B 408 -44.54 4.47 20.44
N TRP B 409 -43.91 4.83 21.56
CA TRP B 409 -42.48 5.12 21.65
C TRP B 409 -41.67 3.85 21.78
N SER B 410 -40.77 3.62 20.81
CA SER B 410 -39.84 2.49 20.79
C SER B 410 -38.78 2.66 21.90
N GLU B 411 -38.06 1.56 22.23
CA GLU B 411 -36.98 1.55 23.23
C GLU B 411 -35.93 2.64 22.94
N ASN B 412 -35.43 2.70 21.68
CA ASN B 412 -34.43 3.66 21.20
C ASN B 412 -34.87 5.12 21.31
N GLU B 413 -36.18 5.38 21.20
CA GLU B 413 -36.77 6.71 21.32
C GLU B 413 -36.78 7.14 22.78
N VAL B 414 -37.10 6.18 23.68
CA VAL B 414 -37.14 6.38 25.13
C VAL B 414 -35.72 6.73 25.57
N GLY B 415 -34.74 5.92 25.15
CA GLY B 415 -33.32 6.12 25.39
C GLY B 415 -32.82 7.49 24.96
N THR B 416 -33.24 7.97 23.78
CA THR B 416 -32.86 9.29 23.25
C THR B 416 -33.23 10.39 24.23
N LEU B 417 -34.48 10.36 24.74
CA LEU B 417 -35.00 11.32 25.71
C LEU B 417 -34.20 11.21 27.02
N GLU B 418 -33.82 9.98 27.41
CA GLU B 418 -33.07 9.63 28.61
C GLU B 418 -31.67 10.26 28.60
N TRP B 419 -30.82 9.96 27.59
CA TRP B 419 -29.46 10.51 27.52
C TRP B 419 -29.50 12.01 27.33
N MET B 420 -30.50 12.55 26.60
CA MET B 420 -30.62 14.01 26.45
C MET B 420 -31.00 14.66 27.77
N PHE B 421 -32.04 14.14 28.47
CA PHE B 421 -32.48 14.64 29.77
C PHE B 421 -31.30 14.70 30.77
N ALA B 422 -30.56 13.59 30.91
CA ALA B 422 -29.39 13.44 31.79
C ALA B 422 -28.30 14.49 31.50
N THR B 423 -27.81 14.58 30.25
CA THR B 423 -26.73 15.47 29.82
C THR B 423 -27.16 16.96 29.74
N ILE B 424 -28.46 17.28 29.46
CA ILE B 424 -28.90 18.68 29.48
C ILE B 424 -28.80 19.13 30.97
N GLY B 425 -29.08 18.17 31.88
CA GLY B 425 -29.01 18.32 33.33
C GLY B 425 -29.90 19.38 33.93
N TYR B 426 -29.40 20.04 34.98
CA TYR B 426 -30.09 21.10 35.72
C TYR B 426 -29.89 22.45 34.98
N SER B 427 -30.15 22.46 33.65
CA SER B 427 -30.00 23.62 32.76
C SER B 427 -30.83 24.83 33.19
N LEU B 430 -32.33 26.02 28.16
CA LEU B 430 -32.36 24.91 27.20
C LEU B 430 -33.05 23.70 27.82
N ARG B 431 -34.01 23.12 27.07
CA ARG B 431 -34.82 21.99 27.54
C ARG B 431 -34.70 20.78 26.59
N PRO B 432 -34.63 19.52 27.13
CA PRO B 432 -34.51 18.34 26.25
C PRO B 432 -35.64 18.13 25.24
N GLU B 433 -36.87 18.57 25.59
CA GLU B 433 -38.09 18.45 24.77
C GLU B 433 -37.91 18.87 23.32
N CYS B 434 -37.54 20.14 23.08
CA CYS B 434 -37.35 20.75 21.75
C CYS B 434 -36.31 19.96 20.93
N PHE B 435 -35.14 19.66 21.53
CA PHE B 435 -34.08 18.91 20.85
C PHE B 435 -34.48 17.47 20.53
N VAL B 436 -35.09 16.74 21.51
CA VAL B 436 -35.53 15.35 21.29
C VAL B 436 -36.58 15.30 20.16
N GLY B 437 -37.48 16.29 20.15
CA GLY B 437 -38.49 16.43 19.11
C GLY B 437 -37.87 16.64 17.74
N ALA B 438 -36.81 17.48 17.69
CA ALA B 438 -36.04 17.78 16.46
C ALA B 438 -35.25 16.58 15.96
N ILE B 439 -34.84 15.65 16.87
CA ILE B 439 -34.07 14.46 16.53
C ILE B 439 -34.98 13.30 16.13
N LEU B 440 -36.10 13.16 16.87
CA LEU B 440 -37.11 12.14 16.67
C LEU B 440 -38.16 12.69 15.73
N ARG B 442 -41.13 13.96 15.87
CA ARG B 442 -42.13 14.04 16.93
C ARG B 442 -42.35 15.46 17.43
N PRO B 443 -43.63 15.89 17.67
CA PRO B 443 -43.88 17.24 18.20
C PRO B 443 -43.29 17.41 19.59
N CYS B 444 -42.97 18.65 19.97
CA CYS B 444 -42.35 18.95 21.26
C CYS B 444 -43.25 18.57 22.45
N TRP B 445 -44.62 18.68 22.32
CA TRP B 445 -45.56 18.29 23.40
C TRP B 445 -45.57 16.79 23.66
N ASP B 446 -45.45 15.97 22.59
CA ASP B 446 -45.42 14.49 22.62
C ASP B 446 -44.27 14.03 23.55
N VAL B 447 -43.05 14.59 23.37
CA VAL B 447 -41.89 14.26 24.19
C VAL B 447 -42.04 14.87 25.61
N HIS B 448 -42.77 15.98 25.77
CA HIS B 448 -43.06 16.55 27.08
C HIS B 448 -43.92 15.64 27.97
N ARG B 449 -45.02 15.07 27.39
CA ARG B 449 -45.90 14.17 28.15
C ARG B 449 -45.26 12.79 28.38
N LYS B 450 -44.43 12.29 27.44
CA LYS B 450 -43.72 11.02 27.64
C LYS B 450 -42.71 11.23 28.77
N LEU B 451 -42.05 12.41 28.78
CA LEU B 451 -41.10 12.81 29.82
C LEU B 451 -41.80 12.82 31.20
N GLN B 452 -43.07 13.26 31.25
CA GLN B 452 -43.84 13.28 32.49
C GLN B 452 -44.39 11.88 32.84
N GLU B 453 -44.66 11.03 31.82
CA GLU B 453 -45.12 9.63 31.97
C GLU B 453 -43.98 8.79 32.58
N LEU B 454 -42.74 9.00 32.08
CA LEU B 454 -41.54 8.27 32.50
C LEU B 454 -41.05 8.69 33.89
N ASP B 455 -41.44 9.90 34.36
CA ASP B 455 -41.10 10.50 35.67
C ASP B 455 -39.59 10.48 35.92
N LEU B 456 -38.82 10.96 34.94
CA LEU B 456 -37.37 10.97 35.02
C LEU B 456 -36.83 11.96 36.03
N ARG B 457 -35.81 11.53 36.78
CA ARG B 457 -35.16 12.36 37.79
C ARG B 457 -33.64 12.32 37.71
N LEU B 458 -33.01 13.49 37.90
CA LEU B 458 -31.56 13.63 37.90
C LEU B 458 -31.02 13.25 39.29
N PRO B 459 -29.90 12.50 39.44
CA PRO B 459 -29.41 12.21 40.80
C PRO B 459 -29.05 13.48 41.56
N ILE B 466 -15.65 23.47 49.01
CA ILE B 466 -14.25 23.54 48.58
C ILE B 466 -13.31 23.45 49.81
N PRO B 467 -12.43 22.41 49.91
CA PRO B 467 -11.51 22.36 51.07
C PRO B 467 -10.31 23.26 50.78
N LYS B 468 -10.40 24.53 51.22
CA LYS B 468 -9.44 25.61 51.01
C LYS B 468 -7.97 25.19 51.15
N GLN B 469 -7.29 25.19 49.99
CA GLN B 469 -5.89 24.80 49.78
C GLN B 469 -4.98 26.03 49.65
N LYS B 470 -3.79 25.96 50.26
CA LYS B 470 -2.79 27.03 50.20
C LYS B 470 -2.17 27.15 48.80
N SER B 471 -1.96 28.39 48.35
CA SER B 471 -1.34 28.72 47.07
C SER B 471 0.12 28.25 47.10
N LEU B 472 0.63 27.77 45.96
CA LEU B 472 2.02 27.31 45.88
C LEU B 472 2.99 28.47 45.92
N PRO B 473 4.18 28.29 46.56
CA PRO B 473 5.15 29.40 46.64
C PRO B 473 5.83 29.71 45.33
N TRP B 474 5.74 28.79 44.37
CA TRP B 474 6.39 28.95 43.07
C TRP B 474 5.42 29.32 41.96
N TYR B 475 4.11 29.32 42.22
CA TYR B 475 3.12 29.63 41.18
C TYR B 475 1.86 30.30 41.72
N ASP B 476 1.41 31.39 41.06
CA ASP B 476 0.23 32.17 41.46
C ASP B 476 -0.76 32.15 40.33
N ARG B 477 -1.82 31.31 40.45
CA ARG B 477 -2.82 31.16 39.38
C ARG B 477 -3.81 32.32 39.23
N ARG B 478 -3.85 33.23 40.21
CA ARG B 478 -4.72 34.41 40.18
C ARG B 478 -3.99 35.46 39.37
N LYS B 479 -2.72 35.74 39.75
CA LYS B 479 -1.85 36.69 39.05
C LYS B 479 -1.29 36.14 37.75
N LYS B 480 -1.34 34.79 37.54
CA LYS B 480 -0.86 34.04 36.34
C LYS B 480 0.65 34.29 36.16
N GLN B 481 1.40 34.03 37.24
CA GLN B 481 2.84 34.34 37.37
C GLN B 481 3.63 33.22 38.10
N LEU B 482 4.88 33.03 37.67
CA LEU B 482 5.85 32.11 38.24
C LEU B 482 6.80 32.91 39.05
N MET B 483 7.21 32.35 40.19
CA MET B 483 8.11 33.00 41.10
C MET B 483 9.01 32.01 41.79
N SER B 484 9.98 32.54 42.57
CA SER B 484 10.90 31.78 43.40
C SER B 484 11.76 30.82 42.59
N ASP B 485 12.01 29.63 43.15
CA ASP B 485 12.80 28.52 42.60
C ASP B 485 11.95 27.66 41.66
N TRP B 486 10.95 28.26 40.98
CA TRP B 486 10.00 27.56 40.10
C TRP B 486 10.66 26.64 39.09
N ALA B 487 11.83 27.00 38.52
CA ALA B 487 12.52 26.17 37.54
C ALA B 487 12.97 24.84 38.14
N ASP B 488 13.13 24.79 39.47
CA ASP B 488 13.51 23.58 40.19
C ASP B 488 12.33 22.92 40.89
N ALA B 489 11.23 23.67 41.11
CA ALA B 489 10.03 23.18 41.80
C ALA B 489 9.08 22.40 40.87
N THR B 490 9.28 22.53 39.55
CA THR B 490 8.40 21.89 38.55
C THR B 490 9.14 21.43 37.33
N ILE B 491 8.49 20.54 36.55
CA ILE B 491 8.99 20.05 35.25
C ILE B 491 7.95 20.32 34.16
N THR B 492 6.97 21.22 34.45
CA THR B 492 5.91 21.61 33.49
C THR B 492 6.48 22.07 32.17
N HIS B 493 7.59 22.83 32.23
CA HIS B 493 8.27 23.43 31.06
C HIS B 493 9.40 22.54 30.49
N GLU B 494 9.74 21.44 31.15
CA GLU B 494 10.87 20.60 30.77
C GLU B 494 10.38 19.36 30.09
N HIS B 495 9.90 19.56 28.88
CA HIS B 495 9.28 18.50 28.08
C HIS B 495 10.18 17.27 27.89
N ALA B 496 11.50 17.46 27.77
CA ALA B 496 12.43 16.33 27.55
C ALA B 496 12.45 15.32 28.69
N VAL B 497 12.07 15.74 29.90
CA VAL B 497 12.07 14.85 31.06
C VAL B 497 10.66 14.38 31.44
N ARG B 498 9.63 14.85 30.76
CA ARG B 498 8.26 14.54 31.12
C ARG B 498 7.78 13.17 30.69
N GLU B 499 7.10 12.47 31.58
CA GLU B 499 6.43 11.21 31.27
C GLU B 499 4.96 11.59 31.24
N LEU B 500 4.20 11.04 30.29
CA LEU B 500 2.77 11.32 30.13
C LEU B 500 1.88 10.38 30.95
N PHE B 501 0.91 10.97 31.64
CA PHE B 501 -0.09 10.27 32.44
C PHE B 501 -1.40 10.89 32.05
N ALA B 502 -2.47 10.16 32.23
CA ALA B 502 -3.84 10.61 31.94
C ALA B 502 -4.13 11.88 32.79
N PRO B 503 -4.90 12.89 32.28
CA PRO B 503 -5.25 14.05 33.15
C PRO B 503 -5.87 13.59 34.45
N CYS B 504 -5.68 14.34 35.56
CA CYS B 504 -6.17 13.82 36.83
C CYS B 504 -7.72 13.87 36.92
N HIS B 505 -8.28 12.86 37.59
CA HIS B 505 -9.72 12.69 37.71
C HIS B 505 -10.05 12.00 39.04
N HIS B 506 -9.68 12.61 40.13
CA HIS B 506 -9.93 12.09 41.48
C HIS B 506 -10.82 13.10 42.12
N ASP B 507 -11.38 12.76 43.30
CA ASP B 507 -12.26 13.67 44.00
C ASP B 507 -11.55 14.71 44.86
N GLY B 508 -10.63 14.28 45.70
CA GLY B 508 -9.98 15.21 46.62
C GLY B 508 -8.95 16.15 46.02
N PRO B 509 -8.11 16.77 46.89
CA PRO B 509 -7.10 17.71 46.38
C PRO B 509 -6.00 17.06 45.53
N CYS B 510 -5.36 17.89 44.72
CA CYS B 510 -4.30 17.49 43.83
C CYS B 510 -2.96 17.53 44.57
N THR B 511 -2.73 16.52 45.42
CA THR B 511 -1.49 16.38 46.20
C THR B 511 -0.91 14.95 46.06
N ALA B 512 0.36 14.74 46.46
CA ALA B 512 1.00 13.42 46.51
C ALA B 512 0.28 12.50 47.56
N ALA B 513 -0.20 13.09 48.66
CA ALA B 513 -0.95 12.39 49.72
C ALA B 513 -2.25 11.78 49.18
N ASN B 514 -2.86 12.43 48.18
CA ASN B 514 -4.12 12.00 47.59
C ASN B 514 -3.94 11.32 46.22
N GLY B 515 -2.72 10.86 45.91
CA GLY B 515 -2.39 10.13 44.69
C GLY B 515 -2.61 10.85 43.37
N CYS B 516 -2.57 12.20 43.36
CA CYS B 516 -2.77 12.93 42.12
C CYS B 516 -1.53 12.78 41.23
N PRO B 517 -1.65 12.24 39.99
CA PRO B 517 -0.46 12.07 39.14
C PRO B 517 0.20 13.37 38.71
N CYS B 518 -0.57 14.45 38.59
CA CYS B 518 -0.01 15.76 38.19
C CYS B 518 0.96 16.24 39.29
N ALA B 519 0.55 16.08 40.53
CA ALA B 519 1.33 16.45 41.69
C ALA B 519 2.48 15.50 42.00
N SER B 520 2.31 14.19 41.70
CA SER B 520 3.29 13.21 42.18
C SER B 520 3.91 12.24 41.21
N ALA B 521 3.33 12.00 40.04
CA ALA B 521 3.87 10.99 39.13
C ALA B 521 5.29 11.25 38.62
N GLY B 522 5.63 12.51 38.34
CA GLY B 522 6.98 12.88 37.90
C GLY B 522 7.94 13.15 39.04
N THR B 523 9.18 13.57 38.72
CA THR B 523 10.20 13.92 39.73
C THR B 523 9.80 15.19 40.49
N HIS B 524 9.00 16.06 39.85
CA HIS B 524 8.47 17.27 40.45
C HIS B 524 7.02 17.43 39.97
N PRO B 525 6.14 18.16 40.70
CA PRO B 525 4.78 18.35 40.19
C PRO B 525 4.76 19.07 38.86
N VAL B 526 3.71 18.84 38.08
CA VAL B 526 3.44 19.55 36.84
C VAL B 526 2.11 20.21 37.09
N LEU B 527 1.85 21.30 36.38
CA LEU B 527 0.57 21.98 36.48
C LEU B 527 -0.60 21.10 36.02
N CYS B 528 -1.77 21.27 36.64
CA CYS B 528 -3.01 20.60 36.20
C CYS B 528 -3.47 21.36 34.95
N GLU B 529 -3.83 20.62 33.88
CA GLU B 529 -4.23 21.20 32.59
C GLU B 529 -5.76 21.22 32.38
N ARG B 530 -6.21 21.73 31.22
CA ARG B 530 -7.63 21.86 30.87
C ARG B 530 -8.46 20.57 31.02
N PHE B 531 -7.86 19.39 30.82
CA PHE B 531 -8.61 18.14 30.93
C PHE B 531 -8.68 17.55 32.32
N CYS B 532 -7.86 18.08 33.27
CA CYS B 532 -7.93 17.66 34.66
C CYS B 532 -9.30 18.09 35.17
N LEU B 533 -9.97 17.22 35.95
CA LEU B 533 -11.32 17.47 36.45
C LEU B 533 -11.42 18.51 37.55
N CYS B 534 -10.28 18.92 38.14
CA CYS B 534 -10.23 19.95 39.16
C CYS B 534 -10.47 21.31 38.46
N THR B 535 -10.89 22.33 39.22
CA THR B 535 -11.09 23.70 38.71
C THR B 535 -10.04 24.62 39.34
N ALA B 536 -9.88 25.80 38.72
CA ALA B 536 -8.94 26.85 39.15
C ALA B 536 -9.25 27.38 40.53
N GLU B 537 -10.52 27.37 40.95
CA GLU B 537 -10.88 27.89 42.28
C GLU B 537 -10.39 26.98 43.43
N GLU B 538 -10.51 25.66 43.27
CA GLU B 538 -10.10 24.69 44.29
C GLU B 538 -8.64 24.20 44.18
N CYS B 539 -8.07 24.14 42.97
CA CYS B 539 -6.74 23.56 42.78
C CYS B 539 -5.57 24.57 42.59
N PRO B 540 -4.52 24.48 43.44
CA PRO B 540 -3.35 25.39 43.28
C PRO B 540 -2.39 25.04 42.12
N LEU B 541 -2.56 23.86 41.48
CA LEU B 541 -1.73 23.47 40.34
C LEU B 541 -2.40 23.79 39.02
N LYS B 542 -3.64 24.27 39.06
CA LYS B 542 -4.42 24.56 37.88
C LYS B 542 -3.85 25.70 37.05
N PHE B 543 -3.52 25.42 35.80
CA PHE B 543 -3.05 26.39 34.81
C PHE B 543 -4.25 27.26 34.41
N THR B 544 -4.08 28.59 34.41
CA THR B 544 -5.19 29.50 34.15
C THR B 544 -4.95 30.47 32.98
N GLY B 545 -3.91 30.23 32.20
CA GLY B 545 -3.54 31.08 31.07
C GLY B 545 -2.61 32.21 31.50
N CYS B 546 -2.25 33.10 30.57
CA CYS B 546 -1.39 34.26 30.86
C CYS B 546 -2.22 35.56 31.06
N ALA B 547 -1.62 36.53 31.75
CA ALA B 547 -2.24 37.81 32.11
C ALA B 547 -2.06 38.90 31.02
N CYS B 548 -1.15 38.64 30.04
CA CYS B 548 -0.77 39.52 28.94
C CYS B 548 -1.96 40.19 28.28
N HIS B 549 -1.84 41.50 28.10
CA HIS B 549 -2.80 42.38 27.44
C HIS B 549 -2.02 43.61 27.00
N SER B 550 -2.11 43.93 25.70
CA SER B 550 -1.41 45.08 25.13
C SER B 550 -2.07 45.53 23.86
N SER B 551 -2.02 46.84 23.62
CA SER B 551 -2.49 47.48 22.39
C SER B 551 -1.44 47.20 21.31
N GLY B 552 -0.24 46.79 21.74
CA GLY B 552 0.87 46.38 20.91
C GLY B 552 1.08 44.87 20.90
N LYS B 553 2.29 44.40 20.57
CA LYS B 553 2.62 42.97 20.53
C LYS B 553 2.78 42.45 21.94
N THR B 554 2.21 41.26 22.24
CA THR B 554 2.30 40.68 23.58
C THR B 554 2.61 39.16 23.51
N CYS B 555 2.83 38.50 24.69
CA CYS B 555 3.21 37.09 24.84
C CYS B 555 4.51 36.88 24.06
N LEU B 556 5.47 37.78 24.28
CA LEU B 556 6.76 37.77 23.59
C LEU B 556 7.82 37.00 24.34
N GLN B 557 8.77 36.42 23.59
CA GLN B 557 9.92 35.65 24.11
C GLN B 557 10.78 36.45 25.10
N ARG B 558 10.49 37.76 25.24
CA ARG B 558 11.09 38.75 26.15
C ARG B 558 10.10 39.94 26.19
N GLN B 559 9.39 40.12 27.32
CA GLN B 559 8.40 41.18 27.49
C GLN B 559 9.01 42.45 28.10
N GLY B 562 6.12 44.76 30.44
CA GLY B 562 6.35 44.64 31.87
C GLY B 562 6.50 43.21 32.35
N ARG B 563 5.43 42.65 32.96
CA ARG B 563 5.38 41.28 33.49
C ARG B 563 5.57 40.22 32.36
N PRO B 564 6.46 39.21 32.53
CA PRO B 564 6.66 38.23 31.45
C PRO B 564 5.47 37.30 31.25
N CYS B 565 5.40 36.68 30.06
CA CYS B 565 4.38 35.74 29.68
C CYS B 565 4.65 34.34 30.26
N ILE B 566 3.79 33.92 31.23
CA ILE B 566 3.88 32.60 31.86
C ILE B 566 3.92 31.48 30.79
N CYS B 567 3.11 31.60 29.71
CA CYS B 567 3.06 30.66 28.60
C CYS B 567 4.42 30.51 27.91
N VAL B 568 5.09 31.65 27.62
CA VAL B 568 6.41 31.67 27.00
C VAL B 568 7.43 30.99 27.97
N GLN B 569 7.36 31.31 29.26
CA GLN B 569 8.21 30.74 30.30
C GLN B 569 8.03 29.22 30.46
N LEU B 570 6.81 28.73 30.25
CA LEU B 570 6.51 27.31 30.39
C LEU B 570 6.70 26.49 29.10
N ASN B 571 7.21 27.14 28.02
CA ASN B 571 7.43 26.56 26.69
C ASN B 571 6.16 26.00 26.12
N ARG B 572 5.15 26.84 26.10
CA ARG B 572 3.85 26.48 25.56
C ARG B 572 3.26 27.66 24.81
N GLU B 573 2.33 27.34 23.91
CA GLU B 573 1.62 28.32 23.12
C GLU B 573 0.40 28.74 23.90
N CYS B 574 -0.14 29.93 23.60
CA CYS B 574 -1.27 30.45 24.34
C CYS B 574 -2.53 29.65 24.09
N ASP B 575 -3.41 29.56 25.10
CA ASP B 575 -4.64 28.78 24.99
C ASP B 575 -5.76 29.72 24.49
N PRO B 576 -6.40 29.40 23.32
CA PRO B 576 -7.47 30.29 22.79
C PRO B 576 -8.61 30.58 23.77
N THR B 577 -8.81 29.70 24.77
CA THR B 577 -9.83 29.83 25.80
C THR B 577 -9.27 30.51 27.06
N LEU B 578 -8.13 30.01 27.57
CA LEU B 578 -7.55 30.47 28.84
C LEU B 578 -6.81 31.81 28.77
N CYS B 579 -6.19 32.10 27.61
CA CYS B 579 -5.44 33.33 27.42
C CYS B 579 -6.38 34.38 26.77
N LYS B 580 -7.22 34.99 27.63
CA LYS B 580 -8.21 35.98 27.25
C LYS B 580 -7.57 37.36 27.18
N GLY B 581 -7.87 38.08 26.11
CA GLY B 581 -7.34 39.42 25.92
C GLY B 581 -5.86 39.55 25.59
N CYS B 582 -5.24 38.53 24.98
CA CYS B 582 -3.85 38.71 24.57
C CYS B 582 -3.68 38.87 23.06
N GLY B 583 -4.59 38.53 22.16
CA GLY B 583 -5.80 37.73 22.25
C GLY B 583 -5.63 36.51 21.34
N ALA B 584 -5.21 35.40 22.00
CA ALA B 584 -4.98 34.10 21.39
C ALA B 584 -6.26 33.59 20.74
N ARG B 585 -7.45 34.04 21.21
CA ARG B 585 -8.76 33.63 20.66
C ARG B 585 -8.79 33.83 19.15
N GLU B 586 -8.52 35.04 18.67
CA GLU B 586 -8.54 35.37 17.23
C GLU B 586 -7.32 34.86 16.47
N ARG B 587 -6.13 35.04 17.05
CA ARG B 587 -4.83 34.76 16.46
C ARG B 587 -4.46 33.26 16.31
N ALA B 588 -5.02 32.37 17.19
CA ALA B 588 -4.79 30.91 17.12
C ALA B 588 -5.81 30.28 16.20
N ASP B 589 -6.72 31.11 15.65
CA ASP B 589 -7.77 30.69 14.72
C ASP B 589 -7.17 30.61 13.31
N PRO B 590 -7.10 29.40 12.69
CA PRO B 590 -6.49 29.31 11.34
C PRO B 590 -7.18 30.15 10.26
N GLU B 591 -8.48 30.48 10.43
CA GLU B 591 -9.22 31.32 9.47
C GLU B 591 -8.66 32.74 9.40
N ASN B 592 -7.87 33.14 10.41
CA ASN B 592 -7.23 34.46 10.49
C ASN B 592 -5.71 34.39 10.23
N ALA B 593 -5.21 33.23 9.75
CA ALA B 593 -3.77 33.01 9.50
C ALA B 593 -3.09 34.10 8.69
N TYR B 594 -3.75 34.58 7.62
CA TYR B 594 -3.13 35.56 6.74
C TYR B 594 -3.70 36.97 6.92
N ASP B 595 -4.34 37.22 8.07
CA ASP B 595 -4.85 38.53 8.47
C ASP B 595 -3.68 39.24 9.17
N GLU B 596 -2.77 39.81 8.36
CA GLU B 596 -1.55 40.52 8.74
C GLU B 596 -1.77 41.66 9.72
N VAL B 597 -2.88 42.41 9.58
CA VAL B 597 -3.19 43.55 10.48
C VAL B 597 -3.44 43.06 11.92
N LEU B 598 -4.13 41.92 12.07
CA LEU B 598 -4.46 41.31 13.36
C LEU B 598 -3.18 40.88 14.08
N HIS B 599 -2.31 40.12 13.38
CA HIS B 599 -1.06 39.57 13.92
C HIS B 599 0.03 40.62 14.20
N SER B 600 -0.19 41.90 13.83
CA SER B 600 0.80 42.98 14.08
C SER B 600 0.72 43.42 15.55
N THR B 601 -0.38 43.09 16.21
CA THR B 601 -0.61 43.38 17.62
C THR B 601 -1.09 42.07 18.29
N GLY B 602 -1.23 42.12 19.60
CA GLY B 602 -1.70 40.95 20.33
C GLY B 602 -0.69 39.83 20.44
N CYS B 603 -1.22 38.62 20.65
CA CYS B 603 -0.48 37.40 20.90
C CYS B 603 0.50 37.03 19.81
N GLN B 604 1.77 36.88 20.19
CA GLN B 604 2.86 36.47 19.28
C GLN B 604 3.29 35.03 19.65
N ASN B 605 2.45 34.33 20.46
CA ASN B 605 2.79 32.99 20.92
C ASN B 605 1.74 31.94 20.51
N VAL B 606 1.27 31.98 19.26
CA VAL B 606 0.32 31.00 18.71
C VAL B 606 0.75 30.61 17.28
N ALA B 607 2.05 30.69 16.97
CA ALA B 607 2.55 30.43 15.60
C ALA B 607 2.20 29.05 15.04
N LEU B 608 2.32 27.99 15.86
CA LEU B 608 1.97 26.64 15.42
C LEU B 608 0.48 26.50 15.12
N GLN B 609 -0.34 27.14 15.94
CA GLN B 609 -1.81 27.15 15.79
C GLN B 609 -2.23 27.98 14.60
N ARG B 610 -1.59 29.15 14.42
CA ARG B 610 -1.81 30.06 13.31
C ARG B 610 -1.53 29.35 11.99
N GLY B 611 -0.42 28.58 11.94
CA GLY B 611 0.00 27.72 10.84
C GLY B 611 0.55 28.37 9.58
N ALA B 612 0.81 29.68 9.62
CA ALA B 612 1.32 30.47 8.50
C ALA B 612 2.85 30.37 8.46
N ALA B 613 3.36 29.32 7.81
CA ALA B 613 4.81 29.13 7.69
C ALA B 613 5.41 30.15 6.70
N LYS B 614 6.72 30.42 6.83
CA LYS B 614 7.39 31.27 5.84
C LYS B 614 7.53 30.54 4.51
N ALA B 615 7.56 31.29 3.41
CA ALA B 615 7.73 30.77 2.05
C ALA B 615 9.12 30.13 1.94
N VAL B 616 9.16 28.86 1.54
CA VAL B 616 10.41 28.09 1.41
C VAL B 616 10.48 27.37 0.06
N VAL B 617 11.68 26.95 -0.32
CA VAL B 617 11.84 26.27 -1.60
C VAL B 617 12.84 25.14 -1.47
N LEU B 618 12.47 23.96 -1.98
CA LEU B 618 13.36 22.81 -2.05
C LEU B 618 14.47 23.13 -3.07
N GLY B 619 15.69 22.72 -2.77
CA GLY B 619 16.80 22.83 -3.69
C GLY B 619 17.86 21.80 -3.41
N LYS B 620 18.96 21.87 -4.14
CA LYS B 620 20.13 21.03 -3.90
C LYS B 620 21.01 21.81 -2.91
N SER B 621 21.39 21.15 -1.82
CA SER B 621 22.19 21.73 -0.75
C SER B 621 23.54 22.24 -1.22
N GLN B 622 24.04 23.32 -0.57
CA GLN B 622 25.37 23.88 -0.82
C GLN B 622 26.42 22.98 -0.17
N LEU B 623 26.05 22.19 0.84
CA LEU B 623 26.99 21.26 1.46
C LEU B 623 27.32 20.18 0.43
N GLU B 624 28.63 19.92 0.21
CA GLU B 624 29.15 18.93 -0.75
C GLU B 624 28.52 17.54 -0.58
N ALA B 625 28.04 16.93 -1.69
CA ALA B 625 27.39 15.61 -1.74
C ALA B 625 26.34 15.39 -0.61
N CYS B 626 25.50 16.42 -0.32
CA CYS B 626 24.56 16.42 0.78
C CYS B 626 23.08 16.43 0.35
N GLY B 627 22.79 15.92 -0.85
CA GLY B 627 21.45 15.81 -1.39
C GLY B 627 20.66 17.10 -1.41
N TYR B 628 19.41 17.04 -0.93
CA TYR B 628 18.50 18.18 -0.82
C TYR B 628 18.82 19.05 0.39
N GLY B 629 18.35 20.29 0.29
CA GLY B 629 18.36 21.31 1.32
C GLY B 629 17.14 22.20 1.18
N LEU B 630 16.81 22.97 2.21
CA LEU B 630 15.68 23.87 2.20
C LEU B 630 16.18 25.33 2.16
N PHE B 631 15.63 26.14 1.25
CA PHE B 631 16.02 27.53 1.02
C PHE B 631 14.86 28.48 1.32
N ALA B 632 15.18 29.64 1.87
CA ALA B 632 14.19 30.69 2.18
C ALA B 632 13.68 31.26 0.84
N ALA B 633 12.37 31.50 0.73
CA ALA B 633 11.85 32.08 -0.54
C ALA B 633 11.27 33.48 -0.31
N GLU B 634 11.55 34.04 0.88
CA GLU B 634 11.25 35.41 1.29
C GLU B 634 12.24 35.74 2.41
N ASP B 635 12.40 37.03 2.74
CA ASP B 635 13.23 37.48 3.84
C ASP B 635 12.51 37.14 5.12
N ILE B 636 13.27 36.61 6.08
CA ILE B 636 12.78 36.22 7.39
C ILE B 636 13.58 37.01 8.41
N GLU B 637 12.89 37.74 9.30
CA GLU B 637 13.56 38.51 10.36
C GLU B 637 13.83 37.60 11.57
N GLU B 638 14.91 37.89 12.34
CA GLU B 638 15.28 37.16 13.54
C GLU B 638 14.04 37.11 14.49
N GLY B 639 13.74 35.94 15.06
CA GLY B 639 12.61 35.80 15.98
C GLY B 639 11.32 35.32 15.36
N GLU B 640 11.23 35.34 14.04
CA GLU B 640 10.06 34.88 13.29
C GLU B 640 9.95 33.37 13.27
N PHE B 641 8.70 32.87 13.33
CA PHE B 641 8.42 31.45 13.17
C PHE B 641 8.67 31.10 11.69
N VAL B 642 9.40 30.01 11.44
CA VAL B 642 9.71 29.63 10.04
C VAL B 642 8.79 28.51 9.52
N ILE B 643 8.77 27.38 10.22
CA ILE B 643 8.12 26.14 9.86
C ILE B 643 8.09 25.21 11.06
N GLU B 644 7.20 24.21 11.00
CA GLU B 644 7.05 23.16 12.00
C GLU B 644 7.68 21.88 11.45
N TYR B 645 8.30 21.07 12.31
CA TYR B 645 8.78 19.74 11.86
C TYR B 645 7.61 18.74 12.05
N THR B 646 6.98 18.31 10.94
CA THR B 646 5.90 17.31 11.04
C THR B 646 6.42 15.93 10.57
N GLY B 647 5.65 14.89 10.88
CA GLY B 647 5.95 13.52 10.53
C GLY B 647 5.10 12.52 11.28
N GLU B 648 5.48 11.26 11.21
CA GLU B 648 4.81 10.18 11.89
C GLU B 648 5.31 10.11 13.35
N LEU B 649 4.37 9.97 14.29
CA LEU B 649 4.63 9.86 15.72
C LEU B 649 4.87 8.39 16.00
N ILE B 650 6.06 8.06 16.42
CA ILE B 650 6.50 6.69 16.62
C ILE B 650 7.20 6.56 17.97
N SER B 651 7.31 5.33 18.46
CA SER B 651 8.03 5.07 19.71
C SER B 651 9.50 4.91 19.37
N HIS B 652 10.36 4.94 20.41
CA HIS B 652 11.79 4.77 20.27
C HIS B 652 12.06 3.40 19.60
N ASP B 653 11.35 2.36 20.02
CA ASP B 653 11.48 1.00 19.52
C ASP B 653 11.11 0.86 18.07
N GLU B 654 10.03 1.53 17.62
CA GLU B 654 9.61 1.55 16.23
C GLU B 654 10.70 2.26 15.39
N GLY B 655 11.32 3.30 15.97
CA GLY B 655 12.40 4.05 15.31
C GLY B 655 13.62 3.19 15.05
N VAL B 656 13.97 2.37 16.04
CA VAL B 656 15.06 1.40 15.95
C VAL B 656 14.72 0.39 14.85
N ARG B 657 13.49 -0.20 14.86
CA ARG B 657 13.08 -1.15 13.82
C ARG B 657 13.20 -0.53 12.43
N ARG B 658 12.61 0.68 12.23
CA ARG B 658 12.65 1.42 10.96
C ARG B 658 14.06 1.71 10.48
N GLU B 659 14.89 2.33 11.32
CA GLU B 659 16.25 2.69 11.00
C GLU B 659 17.13 1.49 10.57
N HIS B 660 16.95 0.34 11.23
CA HIS B 660 17.69 -0.90 10.97
C HIS B 660 17.24 -1.58 9.68
N ARG B 661 15.91 -1.60 9.40
CA ARG B 661 15.30 -2.15 8.19
C ARG B 661 15.77 -1.37 6.94
N ARG B 662 15.89 -0.04 7.07
CA ARG B 662 16.30 0.87 5.99
C ARG B 662 17.83 0.97 5.89
N GLY B 663 18.55 0.29 6.77
CA GLY B 663 20.02 0.32 6.85
C GLY B 663 20.75 -0.43 5.77
N ASP B 664 22.07 -0.24 5.72
CA ASP B 664 22.95 -0.93 4.79
C ASP B 664 24.29 -1.20 5.46
N VAL B 665 24.48 -2.45 5.93
CA VAL B 665 25.70 -2.91 6.62
C VAL B 665 26.96 -2.83 5.74
N PHE B 666 26.79 -2.68 4.42
CA PHE B 666 27.91 -2.55 3.48
C PHE B 666 28.24 -1.07 3.13
N ASP B 667 27.31 -0.13 3.42
CA ASP B 667 27.51 1.31 3.22
C ASP B 667 26.79 2.12 4.30
N LYS B 671 22.67 6.13 6.19
CA LYS B 671 23.27 7.47 6.28
C LYS B 671 22.23 8.58 6.44
N VAL B 672 21.15 8.57 5.61
CA VAL B 672 20.07 9.58 5.69
C VAL B 672 18.97 9.15 6.69
N SER B 673 18.69 10.04 7.67
CA SER B 673 17.68 9.85 8.72
C SER B 673 16.78 11.09 8.82
N TYR B 674 15.49 10.89 9.11
CA TYR B 674 14.56 12.00 9.26
C TYR B 674 13.86 11.95 10.60
N LEU B 675 14.53 11.37 11.59
CA LEU B 675 14.00 11.26 12.94
C LEU B 675 14.22 12.52 13.72
N PHE B 676 13.23 12.84 14.58
CA PHE B 676 13.32 13.96 15.50
C PHE B 676 12.77 13.50 16.87
N THR B 677 13.58 13.61 17.95
CA THR B 677 13.09 13.29 19.29
C THR B 677 12.12 14.40 19.67
N LEU B 678 10.86 14.05 19.97
CA LEU B 678 9.80 14.95 20.41
C LEU B 678 9.76 14.97 21.94
N LEU B 679 9.67 13.78 22.54
CA LEU B 679 9.61 13.64 24.00
C LEU B 679 10.53 12.54 24.42
N GLU B 680 11.78 12.91 24.72
CA GLU B 680 12.89 12.04 25.07
C GLU B 680 12.57 10.97 26.13
N GLN B 681 12.13 11.40 27.32
CA GLN B 681 11.80 10.52 28.44
C GLN B 681 10.61 9.63 28.15
N GLU B 682 9.57 10.18 27.54
CA GLU B 682 8.38 9.44 27.17
C GLU B 682 8.67 8.43 26.02
N GLY B 683 9.67 8.74 25.20
CA GLY B 683 10.05 7.93 24.04
C GLY B 683 9.21 8.20 22.81
N ILE B 684 8.87 9.46 22.54
CA ILE B 684 8.11 9.79 21.33
C ILE B 684 9.02 10.49 20.33
N TRP B 685 9.09 9.92 19.10
CA TRP B 685 9.90 10.42 18.00
C TRP B 685 8.99 10.77 16.85
N VAL B 686 9.44 11.69 16.02
CA VAL B 686 8.71 12.11 14.82
C VAL B 686 9.59 11.63 13.63
N ASP B 687 9.03 10.78 12.76
CA ASP B 687 9.70 10.27 11.56
C ASP B 687 9.12 10.91 10.30
N ALA B 688 9.92 11.69 9.57
CA ALA B 688 9.48 12.36 8.34
C ALA B 688 10.03 11.69 7.02
N ALA B 689 10.42 10.39 7.11
CA ALA B 689 10.94 9.60 5.98
C ALA B 689 9.95 9.54 4.82
N ILE B 690 8.64 9.54 5.11
CA ILE B 690 7.54 9.49 4.11
C ILE B 690 6.61 10.66 4.24
N TYR B 691 6.00 10.84 5.42
CA TYR B 691 5.07 11.93 5.69
C TYR B 691 5.73 12.95 6.59
N GLY B 692 5.59 14.22 6.22
CA GLY B 692 6.15 15.36 6.93
C GLY B 692 5.91 16.61 6.14
N ASN B 693 6.89 17.50 6.11
CA ASN B 693 6.83 18.69 5.26
C ASN B 693 8.25 19.01 4.76
N LEU B 694 8.44 20.15 4.10
CA LEU B 694 9.74 20.53 3.56
C LEU B 694 10.86 20.75 4.62
N SER B 695 10.50 20.77 5.92
CA SER B 695 11.47 20.91 7.02
C SER B 695 12.33 19.65 7.17
N ARG B 696 11.88 18.50 6.61
CA ARG B 696 12.68 17.27 6.68
C ARG B 696 13.99 17.43 5.91
N TYR B 697 14.06 18.43 4.99
CA TYR B 697 15.25 18.69 4.16
C TYR B 697 16.22 19.70 4.71
N ILE B 698 15.92 20.29 5.90
CA ILE B 698 16.85 21.26 6.49
C ILE B 698 18.07 20.50 6.96
N ASN B 699 19.23 20.83 6.40
CA ASN B 699 20.50 20.22 6.76
C ASN B 699 21.09 20.75 8.06
N HIS B 700 22.10 20.03 8.57
CA HIS B 700 22.82 20.37 9.80
C HIS B 700 23.96 21.37 9.58
N ALA B 701 24.13 22.25 10.57
CA ALA B 701 25.22 23.21 10.73
C ALA B 701 25.22 23.59 12.19
N THR B 702 26.38 23.48 12.87
CA THR B 702 26.49 23.81 14.29
C THR B 702 26.11 25.27 14.53
N ASP B 703 26.50 26.15 13.59
CA ASP B 703 26.16 27.56 13.59
C ASP B 703 25.02 27.79 12.58
N GLY B 704 23.80 27.41 12.97
CA GLY B 704 22.61 27.53 12.11
C GLY B 704 21.99 28.92 12.09
N ASN B 705 21.00 29.13 11.22
CA ASN B 705 20.26 30.39 11.13
C ASN B 705 18.81 30.20 11.65
N ILE B 706 18.46 28.96 12.04
CA ILE B 706 17.16 28.60 12.64
C ILE B 706 17.39 27.75 13.87
N MET B 707 16.39 27.69 14.75
CA MET B 707 16.48 26.95 16.00
C MET B 707 15.20 26.18 16.29
N PRO B 708 15.28 24.84 16.51
CA PRO B 708 14.07 24.08 16.89
C PRO B 708 13.75 24.24 18.37
N LYS B 709 12.48 24.04 18.73
CA LYS B 709 12.03 24.10 20.13
C LYS B 709 10.79 23.29 20.26
N ILE B 710 10.71 22.48 21.34
CA ILE B 710 9.52 21.68 21.61
C ILE B 710 8.56 22.54 22.40
N MET B 711 7.33 22.64 21.92
CA MET B 711 6.29 23.42 22.56
C MET B 711 5.08 22.57 22.92
N TYR B 712 4.47 22.92 24.04
CA TYR B 712 3.23 22.31 24.45
C TYR B 712 2.17 23.21 23.81
N VAL B 713 1.31 22.62 22.97
CA VAL B 713 0.28 23.34 22.24
C VAL B 713 -1.03 22.61 22.43
N ASN B 714 -1.88 23.07 23.38
CA ASN B 714 -3.21 22.51 23.62
C ASN B 714 -3.17 21.00 23.86
N HIS B 715 -2.18 20.54 24.63
CA HIS B 715 -1.98 19.15 25.03
C HIS B 715 -1.46 18.26 23.87
N GLU B 716 -0.77 18.90 22.90
CA GLU B 716 -0.04 18.27 21.80
C GLU B 716 1.37 18.82 21.97
N TRP B 717 2.42 18.00 21.78
CA TRP B 717 3.80 18.45 21.82
C TRP B 717 4.27 18.57 20.38
N ARG B 718 4.77 19.73 20.02
CA ARG B 718 5.12 20.06 18.64
C ARG B 718 6.47 20.71 18.50
N ILE B 719 7.10 20.57 17.32
CA ILE B 719 8.42 21.16 17.04
C ILE B 719 8.28 22.38 16.17
N LYS B 720 8.70 23.54 16.65
CA LYS B 720 8.66 24.74 15.81
C LYS B 720 10.08 25.20 15.50
N PHE B 721 10.27 25.91 14.39
CA PHE B 721 11.58 26.50 14.05
C PHE B 721 11.45 27.99 14.06
N THR B 722 12.43 28.64 14.70
CA THR B 722 12.49 30.10 14.84
C THR B 722 13.81 30.57 14.26
N ALA B 723 13.79 31.67 13.50
CA ALA B 723 14.98 32.26 12.90
C ALA B 723 15.85 32.86 14.00
N ILE B 724 17.17 32.55 13.99
CA ILE B 724 18.12 33.06 14.99
C ILE B 724 19.10 34.11 14.41
N LYS B 725 18.83 34.55 13.17
CA LYS B 725 19.56 35.56 12.39
C LYS B 725 18.55 36.07 11.36
N ASP B 726 18.82 37.22 10.75
CA ASP B 726 17.98 37.69 9.64
C ASP B 726 18.42 36.83 8.45
N ILE B 727 17.46 36.18 7.77
CA ILE B 727 17.73 35.31 6.62
C ILE B 727 17.13 35.97 5.38
N LYS B 728 17.91 36.00 4.27
CA LYS B 728 17.52 36.57 2.98
C LYS B 728 16.99 35.51 2.01
N ALA B 729 16.00 35.89 1.19
CA ALA B 729 15.39 35.05 0.14
C ALA B 729 16.50 34.45 -0.72
N GLY B 730 16.56 33.13 -0.79
CA GLY B 730 17.59 32.43 -1.55
C GLY B 730 18.64 31.76 -0.69
N GLU B 731 18.71 32.13 0.62
CA GLU B 731 19.67 31.55 1.55
C GLU B 731 19.21 30.19 2.04
N GLU B 732 20.16 29.25 2.18
CA GLU B 732 19.85 27.91 2.67
C GLU B 732 19.61 27.95 4.19
N LEU B 733 18.61 27.19 4.65
CA LEU B 733 18.26 27.08 6.07
C LEU B 733 19.07 25.95 6.68
N PHE B 734 19.58 26.22 7.90
CA PHE B 734 20.37 25.27 8.68
C PHE B 734 20.02 25.33 10.17
N PHE B 735 20.16 24.20 10.86
CA PHE B 735 20.02 24.16 12.31
C PHE B 735 20.97 23.13 12.90
N ASN B 736 21.33 23.33 14.15
CA ASN B 736 22.18 22.41 14.88
C ASN B 736 21.30 21.21 15.30
N TYR B 737 21.57 20.03 14.69
CA TYR B 737 20.85 18.77 14.95
C TYR B 737 21.04 18.32 16.40
N GLY B 738 22.11 18.77 17.05
CA GLY B 738 22.39 18.43 18.43
C GLY B 738 23.41 17.34 18.66
N ASP B 739 23.45 16.84 19.91
CA ASP B 739 24.40 15.87 20.44
C ASP B 739 24.18 14.41 20.00
N ASN B 740 22.97 14.07 19.58
CA ASN B 740 22.60 12.70 19.24
C ASN B 740 22.61 12.39 17.73
N PHE B 741 23.40 13.13 16.97
CA PHE B 741 23.59 12.91 15.54
C PHE B 741 25.09 13.15 15.31
N PRO B 742 25.88 12.04 15.19
CA PRO B 742 27.36 12.19 15.19
C PRO B 742 28.09 12.70 13.93
N ASN B 743 28.23 11.87 12.87
CA ASN B 743 29.03 12.18 11.69
C ASN B 743 28.41 13.22 10.73
N LEU B 744 28.33 14.49 11.18
CA LEU B 744 27.80 15.58 10.34
C LEU B 744 28.92 16.60 10.15
N THR B 745 29.96 16.18 9.42
CA THR B 745 31.20 16.96 9.24
C THR B 745 31.14 18.04 8.10
N LYS B 746 30.15 17.98 7.17
CA LYS B 746 30.05 18.96 6.07
C LYS B 746 29.71 20.37 6.55
N LYS B 747 30.46 21.37 6.05
CA LYS B 747 30.31 22.79 6.40
C LYS B 747 30.27 23.70 5.16
N LEU B 748 30.08 25.03 5.38
CA LEU B 748 30.05 26.11 4.38
C LEU B 748 28.81 26.05 3.49
N GLU B 776 20.50 -1.16 19.69
CA GLU B 776 19.06 -1.17 19.98
C GLU B 776 18.61 0.04 20.85
N VAL B 777 19.53 0.64 21.63
CA VAL B 777 19.23 1.81 22.48
C VAL B 777 19.66 3.10 21.75
N MET B 778 20.82 3.07 21.09
CA MET B 778 21.36 4.18 20.32
C MET B 778 20.45 4.46 19.13
N LEU B 779 19.75 5.58 19.18
CA LEU B 779 18.88 5.99 18.09
C LEU B 779 19.30 7.39 17.66
N PRO B 780 19.96 7.53 16.49
CA PRO B 780 20.39 8.87 16.08
C PRO B 780 19.22 9.66 15.50
N GLY B 781 19.16 10.91 15.85
CA GLY B 781 18.10 11.78 15.36
C GLY B 781 18.31 13.20 15.82
N ARG B 782 17.60 14.13 15.18
CA ARG B 782 17.63 15.52 15.58
C ARG B 782 17.00 15.60 16.99
N GLY B 783 17.52 16.48 17.81
CA GLY B 783 17.03 16.72 19.16
C GLY B 783 17.29 18.16 19.48
N VAL B 784 16.51 18.77 20.38
CA VAL B 784 16.79 20.15 20.77
C VAL B 784 18.00 20.11 21.75
N PRO B 785 19.15 20.75 21.40
CA PRO B 785 20.31 20.73 22.33
C PRO B 785 20.11 21.68 23.52
N PRO B 796 3.42 38.94 -4.39
CA PRO B 796 3.62 37.78 -5.28
C PRO B 796 4.89 36.99 -4.95
N LEU B 797 4.72 35.77 -4.43
CA LEU B 797 5.88 34.96 -4.04
C LEU B 797 6.56 34.33 -5.24
N LEU B 798 7.82 34.70 -5.43
CA LEU B 798 8.63 34.23 -6.56
C LEU B 798 9.72 33.24 -6.15
N VAL B 799 10.26 32.48 -7.14
CA VAL B 799 11.37 31.56 -6.94
C VAL B 799 12.59 32.47 -6.71
N PRO B 800 13.34 32.30 -5.61
CA PRO B 800 14.46 33.22 -5.33
C PRO B 800 15.71 32.97 -6.15
N LYS B 801 16.58 33.99 -6.22
CA LYS B 801 17.87 33.92 -6.91
C LYS B 801 18.86 33.14 -6.05
N THR B 802 19.45 32.08 -6.62
CA THR B 802 20.48 31.23 -6.00
C THR B 802 21.26 30.50 -7.08
N THR B 803 22.52 30.19 -6.77
CA THR B 803 23.39 29.42 -7.67
C THR B 803 22.87 27.97 -7.70
N GLN B 804 22.13 27.56 -6.66
CA GLN B 804 21.68 26.19 -6.51
C GLN B 804 20.50 25.78 -7.37
N PRO B 805 20.48 24.53 -7.89
CA PRO B 805 19.25 24.02 -8.53
C PRO B 805 18.13 23.98 -7.46
N LEU B 806 16.94 24.45 -7.84
CA LEU B 806 15.74 24.47 -7.00
C LEU B 806 14.75 23.53 -7.63
N PHE B 807 13.97 22.81 -6.82
CA PHE B 807 13.02 21.81 -7.31
C PHE B 807 11.60 22.01 -6.86
N ASP B 808 10.65 21.56 -7.69
CA ASP B 808 9.26 21.49 -7.28
C ASP B 808 9.24 20.22 -6.39
N PRO B 809 8.68 20.27 -5.17
CA PRO B 809 8.70 19.06 -4.29
C PRO B 809 8.02 17.79 -4.84
N LEU B 810 7.01 17.93 -5.69
CA LEU B 810 6.27 16.77 -6.21
C LEU B 810 6.75 16.26 -7.58
N SER B 811 6.81 17.16 -8.58
CA SER B 811 7.26 16.81 -9.93
C SER B 811 8.79 16.65 -10.05
N LYS B 812 9.57 17.26 -9.14
CA LYS B 812 11.04 17.25 -9.10
C LYS B 812 11.66 17.95 -10.30
N VAL B 813 10.84 18.75 -10.98
CA VAL B 813 11.23 19.58 -12.10
C VAL B 813 12.03 20.75 -11.49
N GLN B 814 12.98 21.29 -12.24
CA GLN B 814 13.73 22.44 -11.76
C GLN B 814 12.94 23.73 -11.95
N LEU B 815 13.16 24.68 -11.03
CA LEU B 815 12.53 26.00 -11.03
C LEU B 815 13.46 27.08 -11.55
N LEU B 816 12.88 28.10 -12.20
CA LEU B 816 13.56 29.26 -12.74
C LEU B 816 13.36 30.49 -11.81
N PRO B 817 14.45 31.03 -11.18
CA PRO B 817 14.31 32.25 -10.36
C PRO B 817 13.57 33.37 -11.11
N GLY B 818 12.67 34.06 -10.41
CA GLY B 818 11.85 35.10 -11.02
C GLY B 818 10.45 34.63 -11.37
N GLN B 819 10.27 33.31 -11.50
CA GLN B 819 8.96 32.70 -11.77
C GLN B 819 8.12 32.56 -10.47
N PRO B 820 6.76 32.41 -10.57
CA PRO B 820 5.97 32.23 -9.32
C PRO B 820 6.41 31.00 -8.54
N LEU B 821 6.52 31.15 -7.21
CA LEU B 821 6.90 30.06 -6.31
C LEU B 821 5.77 29.03 -6.28
N PRO B 822 6.08 27.74 -6.52
CA PRO B 822 5.00 26.75 -6.43
C PRO B 822 4.65 26.49 -4.97
N GLN B 823 3.36 26.49 -4.67
CA GLN B 823 2.82 26.20 -3.33
C GLN B 823 1.57 25.35 -3.55
N HIS B 824 1.71 24.07 -3.30
CA HIS B 824 0.61 23.16 -3.55
C HIS B 824 -0.17 22.96 -2.28
N PRO B 825 -1.50 23.15 -2.35
CA PRO B 825 -2.33 22.90 -1.14
C PRO B 825 -2.19 21.44 -0.73
N ILE B 826 -2.22 21.19 0.58
CA ILE B 826 -2.07 19.84 1.13
C ILE B 826 -3.28 18.99 0.74
N ASP B 827 -3.02 17.75 0.32
CA ASP B 827 -4.10 16.81 0.04
C ASP B 827 -4.17 15.76 1.13
N ASP B 828 -5.19 15.82 1.98
CA ASP B 828 -5.37 14.86 3.08
C ASP B 828 -6.50 13.84 2.87
N SER B 829 -7.07 13.75 1.66
CA SER B 829 -8.13 12.78 1.38
C SER B 829 -7.69 11.32 1.62
N TRP B 830 -6.40 10.99 1.38
CA TRP B 830 -5.85 9.65 1.64
C TRP B 830 -5.84 9.34 3.14
N LEU B 831 -5.56 10.36 3.95
CA LEU B 831 -5.52 10.32 5.39
C LEU B 831 -6.96 10.22 5.94
N LEU B 832 -7.91 11.00 5.37
CA LEU B 832 -9.32 10.87 5.79
C LEU B 832 -9.83 9.48 5.47
N LEU B 833 -9.34 8.88 4.40
CA LEU B 833 -9.74 7.56 4.00
C LEU B 833 -9.33 6.52 5.03
N LYS B 834 -8.08 6.63 5.51
CA LYS B 834 -7.50 5.74 6.51
C LYS B 834 -8.33 5.77 7.79
N HIS B 835 -8.68 6.98 8.27
CA HIS B 835 -9.50 7.10 9.47
C HIS B 835 -10.88 6.53 9.31
N ARG B 836 -11.50 6.70 8.12
CA ARG B 836 -12.83 6.13 7.84
C ARG B 836 -12.74 4.60 7.89
N ASP B 837 -11.75 4.04 7.21
CA ASP B 837 -11.53 2.61 7.16
C ASP B 837 -11.19 2.00 8.49
N ASN B 838 -10.45 2.73 9.36
CA ASN B 838 -10.14 2.23 10.71
C ASN B 838 -11.46 1.98 11.48
N LEU B 839 -12.41 2.93 11.38
CA LEU B 839 -13.70 2.82 12.05
C LEU B 839 -14.50 1.63 11.52
N GLN B 840 -14.53 1.49 10.17
CA GLN B 840 -15.19 0.39 9.46
C GLN B 840 -14.70 -1.00 9.87
N ASP B 841 -13.44 -1.16 10.29
CA ASP B 841 -12.91 -2.48 10.64
C ASP B 841 -13.14 -2.89 12.10
N PHE B 842 -13.76 -2.02 12.91
CA PHE B 842 -14.06 -2.32 14.30
C PHE B 842 -15.24 -3.29 14.42
N ILE B 843 -15.04 -4.44 15.11
CA ILE B 843 -16.10 -5.42 15.36
C ILE B 843 -17.05 -4.87 16.42
N ASP B 844 -16.49 -4.13 17.39
CA ASP B 844 -17.16 -3.50 18.52
C ASP B 844 -18.18 -2.45 18.12
N LEU B 845 -18.05 -1.84 16.94
CA LEU B 845 -19.01 -0.81 16.54
C LEU B 845 -20.18 -1.37 15.75
N ARG B 846 -21.38 -0.82 15.97
CA ARG B 846 -22.57 -1.25 15.23
C ARG B 846 -22.67 -0.44 13.90
N PRO B 847 -23.15 -1.06 12.77
CA PRO B 847 -23.16 -0.33 11.48
C PRO B 847 -23.76 1.06 11.51
N GLU B 848 -24.79 1.27 12.33
CA GLU B 848 -25.48 2.55 12.51
C GLU B 848 -24.53 3.59 13.15
N GLU B 849 -23.65 3.13 14.07
CA GLU B 849 -22.67 3.97 14.75
C GLU B 849 -21.55 4.30 13.77
N LYS B 850 -20.95 3.27 13.11
CA LYS B 850 -19.92 3.43 12.07
C LYS B 850 -20.33 4.53 11.09
N GLU B 851 -21.57 4.46 10.57
CA GLU B 851 -22.13 5.41 9.62
C GLU B 851 -22.07 6.86 10.14
N PHE B 852 -22.62 7.12 11.34
CA PHE B 852 -22.59 8.49 11.88
C PHE B 852 -21.18 8.98 12.18
N LEU B 853 -20.39 8.17 12.91
CA LEU B 853 -19.04 8.49 13.35
C LEU B 853 -18.11 8.82 12.19
N GLN B 854 -18.20 8.03 11.09
CA GLN B 854 -17.44 8.24 9.85
C GLN B 854 -17.78 9.60 9.24
N GLU B 855 -19.09 9.93 9.19
CA GLU B 855 -19.59 11.19 8.66
C GLU B 855 -19.11 12.37 9.49
N TRP B 856 -19.28 12.30 10.85
CA TRP B 856 -18.79 13.35 11.75
C TRP B 856 -17.26 13.55 11.61
N ASP B 857 -16.48 12.43 11.67
CA ASP B 857 -15.02 12.50 11.55
C ASP B 857 -14.53 13.00 10.19
N ALA B 858 -15.18 12.60 9.07
CA ALA B 858 -14.73 13.10 7.78
C ALA B 858 -14.79 14.63 7.79
N PHE B 859 -15.83 15.20 8.39
CA PHE B 859 -15.99 16.64 8.52
C PHE B 859 -15.02 17.26 9.57
N ILE B 860 -14.99 16.73 10.80
CA ILE B 860 -14.20 17.35 11.87
C ILE B 860 -12.68 17.17 11.68
N LEU B 861 -12.18 16.03 11.12
CA LEU B 861 -10.74 15.82 10.89
C LEU B 861 -10.11 16.91 10.00
N ARG B 862 -10.85 17.35 8.97
CA ARG B 862 -10.47 18.40 8.03
C ARG B 862 -10.20 19.74 8.72
N ARG B 863 -10.81 19.98 9.91
CA ARG B 863 -10.71 21.25 10.63
C ARG B 863 -9.47 21.37 11.50
N HIS B 864 -8.75 20.26 11.72
CA HIS B 864 -7.51 20.21 12.52
C HIS B 864 -7.63 20.97 13.85
N ILE B 865 -8.71 20.65 14.59
CA ILE B 865 -9.04 21.27 15.87
C ILE B 865 -8.13 20.76 16.99
N SER B 866 -7.65 21.66 17.84
CA SER B 866 -6.90 21.28 19.05
C SER B 866 -7.45 22.08 20.23
N SER B 867 -8.41 22.98 19.97
CA SER B 867 -9.03 23.80 21.00
C SER B 867 -10.58 23.78 20.98
N GLU B 868 -11.21 23.63 22.17
CA GLU B 868 -12.68 23.63 22.31
C GLU B 868 -13.32 24.95 21.87
N GLN B 869 -12.54 26.04 21.88
CA GLN B 869 -12.96 27.38 21.47
C GLN B 869 -13.60 27.39 20.09
N TYR B 870 -13.08 26.57 19.15
CA TYR B 870 -13.62 26.56 17.80
C TYR B 870 -14.63 25.44 17.56
N LEU B 871 -14.87 24.54 18.54
CA LEU B 871 -15.87 23.48 18.35
C LEU B 871 -17.31 23.99 18.02
N PRO B 872 -17.90 24.98 18.76
CA PRO B 872 -19.28 25.41 18.44
C PRO B 872 -19.49 25.84 16.99
N ARG B 873 -18.54 26.61 16.44
CA ARG B 873 -18.58 27.07 15.05
C ARG B 873 -18.58 25.88 14.05
N TYR B 874 -17.74 24.89 14.29
CA TYR B 874 -17.66 23.74 13.41
C TYR B 874 -18.84 22.79 13.58
N PHE B 875 -19.38 22.68 14.80
CA PHE B 875 -20.56 21.87 15.08
C PHE B 875 -21.74 22.44 14.27
N LEU B 876 -21.97 23.78 14.37
CA LEU B 876 -23.04 24.48 13.64
C LEU B 876 -22.93 24.24 12.16
N ARG B 877 -21.72 24.43 11.59
CA ARG B 877 -21.46 24.17 10.17
C ARG B 877 -21.79 22.69 9.82
N PHE B 878 -21.47 21.73 10.73
CA PHE B 878 -21.81 20.32 10.49
C PHE B 878 -23.33 20.13 10.42
N VAL B 879 -24.05 20.65 11.43
CA VAL B 879 -25.53 20.59 11.53
C VAL B 879 -26.20 21.23 10.29
N ARG B 880 -25.70 22.40 9.85
CA ARG B 880 -26.21 23.11 8.67
C ARG B 880 -25.96 22.35 7.37
N GLU B 881 -24.78 21.71 7.24
CA GLU B 881 -24.43 20.94 6.04
C GLU B 881 -25.08 19.57 5.98
N LYS B 882 -25.17 18.88 7.14
CA LYS B 882 -25.68 17.52 7.18
C LYS B 882 -27.14 17.45 7.59
N ALA B 883 -27.79 18.62 7.67
CA ALA B 883 -29.21 18.79 8.01
C ALA B 883 -30.09 17.75 7.33
N ASP B 884 -30.00 17.66 5.99
CA ASP B 884 -30.78 16.74 5.16
C ASP B 884 -30.42 15.26 5.37
N TRP B 885 -29.12 14.94 5.35
CA TRP B 885 -28.60 13.59 5.59
C TRP B 885 -29.05 13.04 6.95
N LEU B 886 -29.01 13.91 8.01
CA LEU B 886 -29.37 13.58 9.39
C LEU B 886 -30.85 13.28 9.59
N VAL B 887 -31.75 14.14 9.07
CA VAL B 887 -33.22 13.91 9.19
C VAL B 887 -33.73 12.77 8.28
N SER B 888 -32.97 12.40 7.24
CA SER B 888 -33.37 11.37 6.27
C SER B 888 -33.45 9.94 6.82
N LYS B 889 -32.65 9.60 7.83
CA LYS B 889 -32.64 8.27 8.44
C LYS B 889 -32.72 8.43 9.95
N ARG B 890 -33.65 7.69 10.57
CA ARG B 890 -33.93 7.75 12.01
C ARG B 890 -32.66 7.45 12.87
N SER B 891 -31.84 6.46 12.46
CA SER B 891 -30.62 6.05 13.17
C SER B 891 -29.53 7.14 13.20
N ARG B 892 -29.46 7.98 12.16
CA ARG B 892 -28.46 9.07 12.05
C ARG B 892 -28.69 10.13 13.11
N GLY B 893 -29.94 10.58 13.24
CA GLY B 893 -30.36 11.56 14.23
C GLY B 893 -30.12 11.06 15.65
N GLU B 894 -30.37 9.74 15.88
CA GLU B 894 -30.19 9.03 17.16
C GLU B 894 -28.72 9.07 17.58
N GLU B 895 -27.83 8.61 16.69
CA GLU B 895 -26.39 8.59 16.84
C GLU B 895 -25.83 10.01 17.01
N PHE B 896 -26.41 11.00 16.30
CA PHE B 896 -26.05 12.41 16.40
C PHE B 896 -26.35 12.95 17.78
N SER B 897 -27.53 12.61 18.34
CA SER B 897 -27.94 13.06 19.68
C SER B 897 -26.97 12.49 20.74
N LYS B 898 -26.47 11.23 20.53
CA LYS B 898 -25.50 10.61 21.44
C LYS B 898 -24.19 11.47 21.50
N LEU B 899 -23.76 12.02 20.32
CA LEU B 899 -22.58 12.87 20.24
C LEU B 899 -22.77 14.15 21.03
N VAL B 900 -23.89 14.87 20.77
CA VAL B 900 -24.30 16.12 21.43
C VAL B 900 -24.34 15.91 22.96
N ALA B 901 -24.90 14.74 23.41
CA ALA B 901 -24.98 14.35 24.82
C ALA B 901 -23.59 14.25 25.46
N THR B 902 -22.63 13.61 24.76
CA THR B 902 -21.23 13.45 25.20
C THR B 902 -20.53 14.81 25.28
N LEU B 903 -20.78 15.68 24.30
CA LEU B 903 -20.19 17.02 24.26
C LEU B 903 -20.77 17.97 25.32
N LEU B 904 -22.08 17.83 25.65
CA LEU B 904 -22.73 18.63 26.70
C LEU B 904 -22.23 18.19 28.08
N ALA B 905 -22.10 16.85 28.28
CA ALA B 905 -21.62 16.23 29.53
C ALA B 905 -20.22 16.77 29.89
N ARG B 906 -19.41 17.02 28.85
CA ARG B 906 -18.05 17.52 28.86
C ARG B 906 -18.02 19.06 29.00
N ARG B 907 -19.19 19.73 28.93
CA ARG B 907 -19.35 21.20 29.01
C ARG B 907 -18.64 21.94 27.86
N VAL B 908 -18.33 21.22 26.78
CA VAL B 908 -17.62 21.76 25.63
C VAL B 908 -18.59 22.41 24.64
N LEU B 909 -19.82 21.88 24.58
CA LEU B 909 -20.84 22.36 23.66
C LEU B 909 -21.84 23.29 24.36
N PRO B 910 -21.81 24.61 24.03
CA PRO B 910 -22.76 25.56 24.68
C PRO B 910 -24.24 25.30 24.36
N GLU B 911 -25.13 25.66 25.29
CA GLU B 911 -26.59 25.50 25.18
C GLU B 911 -27.15 26.14 23.91
N ARG B 912 -26.73 27.39 23.63
CA ARG B 912 -27.11 28.21 22.47
C ARG B 912 -26.92 27.49 21.12
N VAL B 913 -25.85 26.67 20.97
CA VAL B 913 -25.66 25.97 19.69
C VAL B 913 -26.63 24.78 19.62
N VAL B 914 -27.01 24.17 20.77
CA VAL B 914 -27.97 23.07 20.81
C VAL B 914 -29.38 23.59 20.45
N ILE B 915 -29.71 24.82 20.92
CA ILE B 915 -30.96 25.53 20.61
C ILE B 915 -30.97 25.82 19.09
N GLU B 916 -29.83 26.27 18.53
CA GLU B 916 -29.70 26.59 17.10
C GLU B 916 -29.81 25.33 16.23
N ALA B 917 -29.20 24.21 16.68
CA ALA B 917 -29.24 22.90 16.00
C ALA B 917 -30.69 22.39 15.89
N THR B 918 -31.53 22.68 16.93
CA THR B 918 -32.96 22.31 17.00
C THR B 918 -33.70 22.97 15.83
N GLN B 919 -33.49 24.29 15.66
CA GLN B 919 -34.04 25.09 14.56
C GLN B 919 -33.55 24.57 13.21
N VAL B 920 -32.23 24.30 13.05
CA VAL B 920 -31.68 23.80 11.78
C VAL B 920 -32.28 22.42 11.44
N LEU B 921 -32.36 21.50 12.42
CA LEU B 921 -32.94 20.18 12.24
C LEU B 921 -34.45 20.21 11.98
N ASN B 922 -35.21 21.02 12.76
CA ASN B 922 -36.67 21.15 12.59
C ASN B 922 -37.02 21.74 11.23
N ASP B 923 -36.17 22.64 10.70
CA ASP B 923 -36.29 23.27 9.39
C ASP B 923 -35.97 22.25 8.29
N ALA B 924 -34.96 21.37 8.53
CA ALA B 924 -34.52 20.32 7.58
C ALA B 924 -35.65 19.35 7.27
N ARG B 925 -36.33 18.80 8.30
CA ARG B 925 -37.53 17.99 8.08
C ARG B 925 -38.65 19.02 7.93
N GLY B 926 -39.73 18.69 7.25
CA GLY B 926 -40.78 19.67 7.00
C GLY B 926 -40.56 20.30 5.64
N ARG B 927 -39.28 20.59 5.31
CA ARG B 927 -38.78 21.02 4.00
C ARG B 927 -38.83 19.69 3.19
N LEU B 928 -38.51 18.57 3.88
CA LEU B 928 -38.59 17.19 3.43
C LEU B 928 -40.08 16.73 3.45
N ARG B 929 -40.92 17.41 4.27
CA ARG B 929 -42.36 17.21 4.51
C ARG B 929 -42.69 15.77 4.91
N LYS C 2 20.76 -20.01 0.30
CA LYS C 2 20.41 -19.13 1.43
C LYS C 2 20.04 -17.71 0.94
N ALA C 3 21.05 -16.88 0.58
CA ALA C 3 20.79 -15.50 0.12
C ALA C 3 20.51 -15.48 -1.38
N ALA C 4 19.62 -14.57 -1.80
CA ALA C 4 19.25 -14.38 -3.20
C ALA C 4 20.45 -13.74 -3.94
N ARG C 5 20.56 -14.00 -5.26
CA ARG C 5 21.65 -13.46 -6.07
C ARG C 5 21.10 -12.91 -7.41
N SER C 7 23.35 -11.25 -9.88
CA SER C 7 24.39 -11.49 -10.89
C SER C 7 24.47 -12.95 -11.28
N ALA C 8 24.97 -13.27 -12.48
CA ALA C 8 25.14 -14.67 -12.93
C ALA C 8 26.21 -15.36 -12.05
N PRO C 9 26.09 -16.68 -11.76
CA PRO C 9 27.12 -17.35 -10.92
C PRO C 9 28.49 -17.52 -11.60
#